data_1QP2
# 
_entry.id   1QP2 
# 
_audit_conform.dict_name       mmcif_pdbx.dic 
_audit_conform.dict_version    5.391 
_audit_conform.dict_location   http://mmcif.pdb.org/dictionaries/ascii/mmcif_pdbx.dic 
# 
loop_
_database_2.database_id 
_database_2.database_code 
_database_2.pdbx_database_accession 
_database_2.pdbx_DOI 
PDB   1QP2         pdb_00001qp2 10.2210/pdb1qp2/pdb 
RCSB  RCSB009131   ?            ?                   
WWPDB D_1000009131 ?            ?                   
# 
loop_
_pdbx_audit_revision_history.ordinal 
_pdbx_audit_revision_history.data_content_type 
_pdbx_audit_revision_history.major_revision 
_pdbx_audit_revision_history.minor_revision 
_pdbx_audit_revision_history.revision_date 
1 'Structure model' 1 0 1999-10-20 
2 'Structure model' 1 1 2008-04-27 
3 'Structure model' 1 2 2011-07-13 
4 'Structure model' 1 3 2024-05-01 
# 
_pdbx_audit_revision_details.ordinal             1 
_pdbx_audit_revision_details.revision_ordinal    1 
_pdbx_audit_revision_details.data_content_type   'Structure model' 
_pdbx_audit_revision_details.provider            repository 
_pdbx_audit_revision_details.type                'Initial release' 
_pdbx_audit_revision_details.description         ? 
_pdbx_audit_revision_details.details             ? 
# 
loop_
_pdbx_audit_revision_group.ordinal 
_pdbx_audit_revision_group.revision_ordinal 
_pdbx_audit_revision_group.data_content_type 
_pdbx_audit_revision_group.group 
1 2 'Structure model' 'Version format compliance' 
2 3 'Structure model' 'Source and taxonomy'       
3 3 'Structure model' 'Version format compliance' 
4 4 'Structure model' 'Data collection'           
5 4 'Structure model' 'Database references'       
# 
loop_
_pdbx_audit_revision_category.ordinal 
_pdbx_audit_revision_category.revision_ordinal 
_pdbx_audit_revision_category.data_content_type 
_pdbx_audit_revision_category.category 
1 4 'Structure model' chem_comp_atom    
2 4 'Structure model' chem_comp_bond    
3 4 'Structure model' database_2        
4 4 'Structure model' pdbx_nmr_software 
# 
loop_
_pdbx_audit_revision_item.ordinal 
_pdbx_audit_revision_item.revision_ordinal 
_pdbx_audit_revision_item.data_content_type 
_pdbx_audit_revision_item.item 
1 4 'Structure model' '_database_2.pdbx_DOI'                
2 4 'Structure model' '_database_2.pdbx_database_accession' 
3 4 'Structure model' '_pdbx_nmr_software.name'             
# 
_pdbx_database_status.status_code                     REL 
_pdbx_database_status.entry_id                        1QP2 
_pdbx_database_status.recvd_initial_deposition_date   1999-05-29 
_pdbx_database_status.deposit_site                    RCSB 
_pdbx_database_status.process_site                    RCSB 
_pdbx_database_status.SG_entry                        . 
_pdbx_database_status.pdb_format_compatible           Y 
_pdbx_database_status.status_code_mr                  ? 
_pdbx_database_status.status_code_sf                  ? 
_pdbx_database_status.status_code_cs                  ? 
_pdbx_database_status.status_code_nmr_data            ? 
_pdbx_database_status.methods_development_category    ? 
# 
_pdbx_database_related.db_name        PDB 
_pdbx_database_related.db_id          1QP3 
_pdbx_database_related.details        
;THIS ENTRY CONTAINS THE MINIMIZED AVERAGE STRUCTURE.  
20 NMR STRUCTURES CAN BE FOUND IN PROTEIN DATA BANK ENTRY  1QP3
;
_pdbx_database_related.content_type   unspecified 
# 
loop_
_audit_author.name 
_audit_author.pdbx_ordinal 
'Mayer, K.L.'     1 
'Shen, G.'        2 
'Bryant, D.A.'    3 
'Lecomte, J.T.J.' 4 
'Falzone, C.J.'   5 
# 
_citation.id                        primary 
_citation.title                     
'The solution structure of photosystem I accessory protein E from the cyanobacterium Nostoc sp. strain PCC 8009.' 
_citation.journal_abbrev            Biochemistry 
_citation.journal_volume            38 
_citation.page_first                13736 
_citation.page_last                 13746 
_citation.year                      1999 
_citation.journal_id_ASTM           BICHAW 
_citation.country                   US 
_citation.journal_id_ISSN           0006-2960 
_citation.journal_id_CSD            0033 
_citation.book_publisher            ? 
_citation.pdbx_database_id_PubMed   10521281 
_citation.pdbx_database_id_DOI      10.1021/bi9910373 
# 
loop_
_citation_author.citation_id 
_citation_author.name 
_citation_author.ordinal 
_citation_author.identifier_ORCID 
primary 'Mayer, K.L.'   1 ? 
primary 'Shen, G.'      2 ? 
primary 'Bryant, D.A.'  3 ? 
primary 'Lecomte, J.T.' 4 ? 
primary 'Falzone, C.J.' 5 ? 
# 
_entity.id                         1 
_entity.type                       polymer 
_entity.src_method                 man 
_entity.pdbx_description           'PROTEIN (PSAE PROTEIN)' 
_entity.formula_weight             7969.069 
_entity.pdbx_number_of_molecules   1 
_entity.pdbx_ec                    ? 
_entity.pdbx_mutation              WILD-TYPE 
_entity.pdbx_fragment              'FULL LENGTH' 
_entity.details                    ? 
# 
_entity_poly.entity_id                      1 
_entity_poly.type                           'polypeptide(L)' 
_entity_poly.nstd_linkage                   no 
_entity_poly.nstd_monomer                   no 
_entity_poly.pdbx_seq_one_letter_code       MVQRGSKVRILRPESYWFQDVGTVASVDQSGIKYPVIVRFEKVNYSGINTNNFAEDELVEVEAPKAKPKK 
_entity_poly.pdbx_seq_one_letter_code_can   MVQRGSKVRILRPESYWFQDVGTVASVDQSGIKYPVIVRFEKVNYSGINTNNFAEDELVEVEAPKAKPKK 
_entity_poly.pdbx_strand_id                 A 
_entity_poly.pdbx_target_identifier         ? 
# 
loop_
_entity_poly_seq.entity_id 
_entity_poly_seq.num 
_entity_poly_seq.mon_id 
_entity_poly_seq.hetero 
1 1  MET n 
1 2  VAL n 
1 3  GLN n 
1 4  ARG n 
1 5  GLY n 
1 6  SER n 
1 7  LYS n 
1 8  VAL n 
1 9  ARG n 
1 10 ILE n 
1 11 LEU n 
1 12 ARG n 
1 13 PRO n 
1 14 GLU n 
1 15 SER n 
1 16 TYR n 
1 17 TRP n 
1 18 PHE n 
1 19 GLN n 
1 20 ASP n 
1 21 VAL n 
1 22 GLY n 
1 23 THR n 
1 24 VAL n 
1 25 ALA n 
1 26 SER n 
1 27 VAL n 
1 28 ASP n 
1 29 GLN n 
1 30 SER n 
1 31 GLY n 
1 32 ILE n 
1 33 LYS n 
1 34 TYR n 
1 35 PRO n 
1 36 VAL n 
1 37 ILE n 
1 38 VAL n 
1 39 ARG n 
1 40 PHE n 
1 41 GLU n 
1 42 LYS n 
1 43 VAL n 
1 44 ASN n 
1 45 TYR n 
1 46 SER n 
1 47 GLY n 
1 48 ILE n 
1 49 ASN n 
1 50 THR n 
1 51 ASN n 
1 52 ASN n 
1 53 PHE n 
1 54 ALA n 
1 55 GLU n 
1 56 ASP n 
1 57 GLU n 
1 58 LEU n 
1 59 VAL n 
1 60 GLU n 
1 61 VAL n 
1 62 GLU n 
1 63 ALA n 
1 64 PRO n 
1 65 LYS n 
1 66 ALA n 
1 67 LYS n 
1 68 PRO n 
1 69 LYS n 
1 70 LYS n 
# 
_entity_src_gen.entity_id                          1 
_entity_src_gen.pdbx_src_id                        1 
_entity_src_gen.pdbx_alt_source_flag               sample 
_entity_src_gen.pdbx_seq_type                      ? 
_entity_src_gen.pdbx_beg_seq_num                   ? 
_entity_src_gen.pdbx_end_seq_num                   ? 
_entity_src_gen.gene_src_common_name               ? 
_entity_src_gen.gene_src_genus                     Nostoc 
_entity_src_gen.pdbx_gene_src_gene                 ? 
_entity_src_gen.gene_src_species                   ? 
_entity_src_gen.gene_src_strain                    'PCC 8009' 
_entity_src_gen.gene_src_tissue                    ? 
_entity_src_gen.gene_src_tissue_fraction           ? 
_entity_src_gen.gene_src_details                   ? 
_entity_src_gen.pdbx_gene_src_fragment             ? 
_entity_src_gen.pdbx_gene_src_scientific_name      'Nostoc sp.' 
_entity_src_gen.pdbx_gene_src_ncbi_taxonomy_id     29413 
_entity_src_gen.pdbx_gene_src_variant              ? 
_entity_src_gen.pdbx_gene_src_cell_line            ? 
_entity_src_gen.pdbx_gene_src_atcc                 ? 
_entity_src_gen.pdbx_gene_src_organ                ? 
_entity_src_gen.pdbx_gene_src_organelle            ? 
_entity_src_gen.pdbx_gene_src_cell                 ? 
_entity_src_gen.pdbx_gene_src_cellular_location    ? 
_entity_src_gen.host_org_common_name               ? 
_entity_src_gen.pdbx_host_org_scientific_name      'Escherichia coli' 
_entity_src_gen.pdbx_host_org_ncbi_taxonomy_id     562 
_entity_src_gen.host_org_genus                     Escherichia 
_entity_src_gen.pdbx_host_org_gene                 ? 
_entity_src_gen.pdbx_host_org_organ                ? 
_entity_src_gen.host_org_species                   ? 
_entity_src_gen.pdbx_host_org_tissue               ? 
_entity_src_gen.pdbx_host_org_tissue_fraction      ? 
_entity_src_gen.pdbx_host_org_strain               ? 
_entity_src_gen.pdbx_host_org_variant              ? 
_entity_src_gen.pdbx_host_org_cell_line            ? 
_entity_src_gen.pdbx_host_org_atcc                 ? 
_entity_src_gen.pdbx_host_org_culture_collection   ? 
_entity_src_gen.pdbx_host_org_cell                 ? 
_entity_src_gen.pdbx_host_org_organelle            ? 
_entity_src_gen.pdbx_host_org_cellular_location    ? 
_entity_src_gen.pdbx_host_org_vector_type          ? 
_entity_src_gen.pdbx_host_org_vector               ? 
_entity_src_gen.host_org_details                   ? 
_entity_src_gen.expression_system_id               ? 
_entity_src_gen.plasmid_name                       PET3D 
_entity_src_gen.plasmid_details                    ? 
_entity_src_gen.pdbx_description                   ? 
# 
loop_
_chem_comp.id 
_chem_comp.type 
_chem_comp.mon_nstd_flag 
_chem_comp.name 
_chem_comp.pdbx_synonyms 
_chem_comp.formula 
_chem_comp.formula_weight 
ALA 'L-peptide linking' y ALANINE         ? 'C3 H7 N O2'     89.093  
ARG 'L-peptide linking' y ARGININE        ? 'C6 H15 N4 O2 1' 175.209 
ASN 'L-peptide linking' y ASPARAGINE      ? 'C4 H8 N2 O3'    132.118 
ASP 'L-peptide linking' y 'ASPARTIC ACID' ? 'C4 H7 N O4'     133.103 
GLN 'L-peptide linking' y GLUTAMINE       ? 'C5 H10 N2 O3'   146.144 
GLU 'L-peptide linking' y 'GLUTAMIC ACID' ? 'C5 H9 N O4'     147.129 
GLY 'peptide linking'   y GLYCINE         ? 'C2 H5 N O2'     75.067  
ILE 'L-peptide linking' y ISOLEUCINE      ? 'C6 H13 N O2'    131.173 
LEU 'L-peptide linking' y LEUCINE         ? 'C6 H13 N O2'    131.173 
LYS 'L-peptide linking' y LYSINE          ? 'C6 H15 N2 O2 1' 147.195 
MET 'L-peptide linking' y METHIONINE      ? 'C5 H11 N O2 S'  149.211 
PHE 'L-peptide linking' y PHENYLALANINE   ? 'C9 H11 N O2'    165.189 
PRO 'L-peptide linking' y PROLINE         ? 'C5 H9 N O2'     115.130 
SER 'L-peptide linking' y SERINE          ? 'C3 H7 N O3'     105.093 
THR 'L-peptide linking' y THREONINE       ? 'C4 H9 N O3'     119.119 
TRP 'L-peptide linking' y TRYPTOPHAN      ? 'C11 H12 N2 O2'  204.225 
TYR 'L-peptide linking' y TYROSINE        ? 'C9 H11 N O3'    181.189 
VAL 'L-peptide linking' y VALINE          ? 'C5 H11 N O2'    117.146 
# 
loop_
_pdbx_poly_seq_scheme.asym_id 
_pdbx_poly_seq_scheme.entity_id 
_pdbx_poly_seq_scheme.seq_id 
_pdbx_poly_seq_scheme.mon_id 
_pdbx_poly_seq_scheme.ndb_seq_num 
_pdbx_poly_seq_scheme.pdb_seq_num 
_pdbx_poly_seq_scheme.auth_seq_num 
_pdbx_poly_seq_scheme.pdb_mon_id 
_pdbx_poly_seq_scheme.auth_mon_id 
_pdbx_poly_seq_scheme.pdb_strand_id 
_pdbx_poly_seq_scheme.pdb_ins_code 
_pdbx_poly_seq_scheme.hetero 
A 1 1  MET 1  1  1  MET MET A . n 
A 1 2  VAL 2  2  2  VAL VAL A . n 
A 1 3  GLN 3  3  3  GLN GLN A . n 
A 1 4  ARG 4  4  4  ARG ARG A . n 
A 1 5  GLY 5  5  5  GLY GLY A . n 
A 1 6  SER 6  6  6  SER SER A . n 
A 1 7  LYS 7  7  7  LYS LYS A . n 
A 1 8  VAL 8  8  8  VAL VAL A . n 
A 1 9  ARG 9  9  9  ARG ARG A . n 
A 1 10 ILE 10 10 10 ILE ILE A . n 
A 1 11 LEU 11 11 11 LEU LEU A . n 
A 1 12 ARG 12 12 12 ARG ARG A . n 
A 1 13 PRO 13 13 13 PRO PRO A . n 
A 1 14 GLU 14 14 14 GLU GLU A . n 
A 1 15 SER 15 15 15 SER SER A . n 
A 1 16 TYR 16 16 16 TYR TYR A . n 
A 1 17 TRP 17 17 17 TRP TRP A . n 
A 1 18 PHE 18 18 18 PHE PHE A . n 
A 1 19 GLN 19 19 19 GLN GLN A . n 
A 1 20 ASP 20 20 20 ASP ASP A . n 
A 1 21 VAL 21 21 21 VAL VAL A . n 
A 1 22 GLY 22 22 22 GLY GLY A . n 
A 1 23 THR 23 23 23 THR THR A . n 
A 1 24 VAL 24 24 24 VAL VAL A . n 
A 1 25 ALA 25 25 25 ALA ALA A . n 
A 1 26 SER 26 26 26 SER SER A . n 
A 1 27 VAL 27 27 27 VAL VAL A . n 
A 1 28 ASP 28 28 28 ASP ASP A . n 
A 1 29 GLN 29 29 29 GLN GLN A . n 
A 1 30 SER 30 30 30 SER SER A . n 
A 1 31 GLY 31 31 31 GLY GLY A . n 
A 1 32 ILE 32 32 32 ILE ILE A . n 
A 1 33 LYS 33 33 33 LYS LYS A . n 
A 1 34 TYR 34 34 34 TYR TYR A . n 
A 1 35 PRO 35 35 35 PRO PRO A . n 
A 1 36 VAL 36 36 36 VAL VAL A . n 
A 1 37 ILE 37 37 37 ILE ILE A . n 
A 1 38 VAL 38 38 38 VAL VAL A . n 
A 1 39 ARG 39 39 39 ARG ARG A . n 
A 1 40 PHE 40 40 40 PHE PHE A . n 
A 1 41 GLU 41 41 41 GLU GLU A . n 
A 1 42 LYS 42 42 42 LYS LYS A . n 
A 1 43 VAL 43 43 43 VAL VAL A . n 
A 1 44 ASN 44 44 44 ASN ASN A . n 
A 1 45 TYR 45 45 45 TYR TYR A . n 
A 1 46 SER 46 46 46 SER SER A . n 
A 1 47 GLY 47 47 47 GLY GLY A . n 
A 1 48 ILE 48 55 55 ILE ILE A . n 
A 1 49 ASN 49 56 56 ASN ASN A . n 
A 1 50 THR 50 57 57 THR THR A . n 
A 1 51 ASN 51 58 58 ASN ASN A . n 
A 1 52 ASN 52 59 59 ASN ASN A . n 
A 1 53 PHE 53 60 60 PHE PHE A . n 
A 1 54 ALA 54 61 61 ALA ALA A . n 
A 1 55 GLU 55 62 62 GLU GLU A . n 
A 1 56 ASP 56 63 63 ASP ASP A . n 
A 1 57 GLU 57 64 64 GLU GLU A . n 
A 1 58 LEU 58 65 65 LEU LEU A . n 
A 1 59 VAL 59 66 66 VAL VAL A . n 
A 1 60 GLU 60 67 67 GLU GLU A . n 
A 1 61 VAL 61 68 68 VAL VAL A . n 
A 1 62 GLU 62 69 69 GLU GLU A . n 
A 1 63 ALA 63 70 70 ALA ALA A . n 
A 1 64 PRO 64 71 71 PRO PRO A . n 
A 1 65 LYS 65 72 72 LYS LYS A . n 
A 1 66 ALA 66 73 73 ALA ALA A . n 
A 1 67 LYS 67 74 74 LYS LYS A . n 
A 1 68 PRO 68 75 75 PRO PRO A . n 
A 1 69 LYS 69 76 76 LYS LYS A . n 
A 1 70 LYS 70 77 77 LYS LYS A . n 
# 
loop_
_software.name 
_software.classification 
_software.version 
_software.citation_id 
_software.pdbx_ordinal 
X-PLOR 'model building' 3.851 ? 1 
X-PLOR refinement       3.851 ? 2 
X-PLOR phasing          3.851 ? 3 
# 
_cell.entry_id           1QP2 
_cell.length_a           1.000 
_cell.length_b           1.000 
_cell.length_c           1.000 
_cell.angle_alpha        90.00 
_cell.angle_beta         90.00 
_cell.angle_gamma        90.00 
_cell.Z_PDB              1 
_cell.pdbx_unique_axis   ? 
# 
_symmetry.entry_id                         1QP2 
_symmetry.space_group_name_H-M             'P 1' 
_symmetry.pdbx_full_space_group_name_H-M   ? 
_symmetry.cell_setting                     ? 
_symmetry.Int_Tables_number                1 
# 
_exptl.entry_id          1QP2 
_exptl.method            'SOLUTION NMR' 
_exptl.crystals_number   ? 
# 
_exptl_crystal.id                    1 
_exptl_crystal.density_meas          ? 
_exptl_crystal.density_Matthews      ? 
_exptl_crystal.density_percent_sol   ? 
_exptl_crystal.description           'THE STRUCTURE WAS DETERMINED USING TRIPLE-RESONANCE NMR SPECTROSCOPY.' 
# 
_diffrn.id                     1 
_diffrn.ambient_temp           ? 
_diffrn.ambient_temp_details   ? 
_diffrn.crystal_id             1 
# 
_diffrn_radiation.diffrn_id                        1 
_diffrn_radiation.wavelength_id                    1 
_diffrn_radiation.pdbx_monochromatic_or_laue_m_l   M 
_diffrn_radiation.monochromator                    ? 
_diffrn_radiation.pdbx_diffrn_protocol             'SINGLE WAVELENGTH' 
_diffrn_radiation.pdbx_scattering_type             x-ray 
# 
_diffrn_radiation_wavelength.id           1 
_diffrn_radiation_wavelength.wavelength   . 
_diffrn_radiation_wavelength.wt           1.0 
# 
_struct.entry_id                  1QP2 
_struct.title                     
'SOLUTION STRUCTURE OF PHOTOSYSTEM I ACCESSORY PROTEIN E FROM THE CYANOBACTERIUM NOSTOC SP. STRAIN PCC 8009' 
_struct.pdbx_model_details        ? 
_struct.pdbx_CASP_flag            ? 
_struct.pdbx_model_type_details   'minimized average' 
# 
_struct_keywords.entry_id        1QP2 
_struct_keywords.pdbx_keywords   'ELECTRON TRANSPORT' 
_struct_keywords.text            'MAINLY BETA, ROLL, PLECKSTRIN TOPOLOGY, SH3-LIKE, ELECTRON TRANSPORT' 
# 
_struct_asym.id                            A 
_struct_asym.pdbx_blank_PDB_chainid_flag   N 
_struct_asym.pdbx_modified                 N 
_struct_asym.entity_id                     1 
_struct_asym.details                       ? 
# 
_struct_ref.id                         1 
_struct_ref.db_name                    UNP 
_struct_ref.db_code                    PSAE_NOSS8 
_struct_ref.pdbx_db_accession          Q9WWP1 
_struct_ref.entity_id                  1 
_struct_ref.pdbx_align_begin           1 
_struct_ref.pdbx_db_isoform            ? 
_struct_ref.pdbx_seq_one_letter_code   ? 
# 
_struct_ref_seq.align_id                      1 
_struct_ref_seq.ref_id                        1 
_struct_ref_seq.pdbx_PDB_id_code              1QP2 
_struct_ref_seq.pdbx_strand_id                A 
_struct_ref_seq.seq_align_beg                 1 
_struct_ref_seq.pdbx_seq_align_beg_ins_code   ? 
_struct_ref_seq.seq_align_end                 70 
_struct_ref_seq.pdbx_seq_align_end_ins_code   ? 
_struct_ref_seq.pdbx_db_accession             Q9WWP1 
_struct_ref_seq.db_align_beg                  1 
_struct_ref_seq.pdbx_db_align_beg_ins_code    ? 
_struct_ref_seq.db_align_end                  70 
_struct_ref_seq.pdbx_db_align_end_ins_code    ? 
_struct_ref_seq.pdbx_auth_seq_align_beg       1 
_struct_ref_seq.pdbx_auth_seq_align_end       77 
# 
_pdbx_struct_assembly.id                   1 
_pdbx_struct_assembly.details              author_defined_assembly 
_pdbx_struct_assembly.method_details       ? 
_pdbx_struct_assembly.oligomeric_details   monomeric 
_pdbx_struct_assembly.oligomeric_count     1 
# 
_pdbx_struct_assembly_gen.assembly_id       1 
_pdbx_struct_assembly_gen.oper_expression   1 
_pdbx_struct_assembly_gen.asym_id_list      A 
# 
_pdbx_struct_oper_list.id                   1 
_pdbx_struct_oper_list.type                 'identity operation' 
_pdbx_struct_oper_list.name                 1_555 
_pdbx_struct_oper_list.symmetry_operation   x,y,z 
_pdbx_struct_oper_list.matrix[1][1]         1.0000000000 
_pdbx_struct_oper_list.matrix[1][2]         0.0000000000 
_pdbx_struct_oper_list.matrix[1][3]         0.0000000000 
_pdbx_struct_oper_list.vector[1]            0.0000000000 
_pdbx_struct_oper_list.matrix[2][1]         0.0000000000 
_pdbx_struct_oper_list.matrix[2][2]         1.0000000000 
_pdbx_struct_oper_list.matrix[2][3]         0.0000000000 
_pdbx_struct_oper_list.vector[2]            0.0000000000 
_pdbx_struct_oper_list.matrix[3][1]         0.0000000000 
_pdbx_struct_oper_list.matrix[3][2]         0.0000000000 
_pdbx_struct_oper_list.matrix[3][3]         1.0000000000 
_pdbx_struct_oper_list.vector[3]            0.0000000000 
# 
_struct_biol.id   1 
# 
_struct_conf.conf_type_id            HELX_P 
_struct_conf.id                      HELX_P1 
_struct_conf.pdbx_PDB_helix_id       1 
_struct_conf.beg_label_comp_id       ALA 
_struct_conf.beg_label_asym_id       A 
_struct_conf.beg_label_seq_id        54 
_struct_conf.pdbx_beg_PDB_ins_code   ? 
_struct_conf.end_label_comp_id       ASP 
_struct_conf.end_label_asym_id       A 
_struct_conf.end_label_seq_id        56 
_struct_conf.pdbx_end_PDB_ins_code   ? 
_struct_conf.beg_auth_comp_id        ALA 
_struct_conf.beg_auth_asym_id        A 
_struct_conf.beg_auth_seq_id         61 
_struct_conf.end_auth_comp_id        ASP 
_struct_conf.end_auth_asym_id        A 
_struct_conf.end_auth_seq_id         63 
_struct_conf.pdbx_PDB_helix_class    5 
_struct_conf.details                 ? 
_struct_conf.pdbx_PDB_helix_length   3 
# 
_struct_conf_type.id          HELX_P 
_struct_conf_type.criteria    ? 
_struct_conf_type.reference   ? 
# 
_struct_sheet.id               A 
_struct_sheet.type             ? 
_struct_sheet.number_strands   5 
_struct_sheet.details          ? 
# 
loop_
_struct_sheet_order.sheet_id 
_struct_sheet_order.range_id_1 
_struct_sheet_order.range_id_2 
_struct_sheet_order.offset 
_struct_sheet_order.sense 
A 1 2 ? anti-parallel 
A 2 3 ? anti-parallel 
A 3 4 ? anti-parallel 
A 4 5 ? anti-parallel 
# 
loop_
_struct_sheet_range.sheet_id 
_struct_sheet_range.id 
_struct_sheet_range.beg_label_comp_id 
_struct_sheet_range.beg_label_asym_id 
_struct_sheet_range.beg_label_seq_id 
_struct_sheet_range.pdbx_beg_PDB_ins_code 
_struct_sheet_range.end_label_comp_id 
_struct_sheet_range.end_label_asym_id 
_struct_sheet_range.end_label_seq_id 
_struct_sheet_range.pdbx_end_PDB_ins_code 
_struct_sheet_range.beg_auth_comp_id 
_struct_sheet_range.beg_auth_asym_id 
_struct_sheet_range.beg_auth_seq_id 
_struct_sheet_range.end_auth_comp_id 
_struct_sheet_range.end_auth_asym_id 
_struct_sheet_range.end_auth_seq_id 
A 1 THR A 50 ? PHE A 53 ? THR A 57 PHE A 60 
A 2 VAL A 36 ? ARG A 39 ? VAL A 36 ARG A 39 
A 3 VAL A 21 ? VAL A 27 ? VAL A 21 VAL A 27 
A 4 LYS A 7  ? ILE A 10 ? LYS A 7  ILE A 10 
A 5 LEU A 58 ? GLU A 60 ? LEU A 65 GLU A 67 
# 
loop_
_pdbx_struct_sheet_hbond.sheet_id 
_pdbx_struct_sheet_hbond.range_id_1 
_pdbx_struct_sheet_hbond.range_id_2 
_pdbx_struct_sheet_hbond.range_1_label_atom_id 
_pdbx_struct_sheet_hbond.range_1_label_comp_id 
_pdbx_struct_sheet_hbond.range_1_label_asym_id 
_pdbx_struct_sheet_hbond.range_1_label_seq_id 
_pdbx_struct_sheet_hbond.range_1_PDB_ins_code 
_pdbx_struct_sheet_hbond.range_1_auth_atom_id 
_pdbx_struct_sheet_hbond.range_1_auth_comp_id 
_pdbx_struct_sheet_hbond.range_1_auth_asym_id 
_pdbx_struct_sheet_hbond.range_1_auth_seq_id 
_pdbx_struct_sheet_hbond.range_2_label_atom_id 
_pdbx_struct_sheet_hbond.range_2_label_comp_id 
_pdbx_struct_sheet_hbond.range_2_label_asym_id 
_pdbx_struct_sheet_hbond.range_2_label_seq_id 
_pdbx_struct_sheet_hbond.range_2_PDB_ins_code 
_pdbx_struct_sheet_hbond.range_2_auth_atom_id 
_pdbx_struct_sheet_hbond.range_2_auth_comp_id 
_pdbx_struct_sheet_hbond.range_2_auth_asym_id 
_pdbx_struct_sheet_hbond.range_2_auth_seq_id 
A 1 2 N PHE A 53 ? N PHE A 60 O VAL A 36 ? O VAL A 36 
A 2 3 N ARG A 39 ? N ARG A 39 O THR A 23 ? O THR A 23 
A 3 4 N GLY A 22 ? N GLY A 22 O VAL A 8  ? O VAL A 8  
A 4 5 N ARG A 9  ? N ARG A 9  O VAL A 59 ? O VAL A 66 
# 
loop_
_pdbx_validate_torsion.id 
_pdbx_validate_torsion.PDB_model_num 
_pdbx_validate_torsion.auth_comp_id 
_pdbx_validate_torsion.auth_asym_id 
_pdbx_validate_torsion.auth_seq_id 
_pdbx_validate_torsion.PDB_ins_code 
_pdbx_validate_torsion.label_alt_id 
_pdbx_validate_torsion.phi 
_pdbx_validate_torsion.psi 
1 1 TRP A 17 ? ? -95.45  37.04  
2 1 SER A 30 ? ? -144.42 -45.24 
3 1 ALA A 73 ? ? -90.03  50.16  
4 1 LYS A 74 ? ? -168.02 81.44  
# 
_pdbx_nmr_ensemble.entry_id                                      1QP2 
_pdbx_nmr_ensemble.conformers_calculated_total_number            100 
_pdbx_nmr_ensemble.conformers_submitted_total_number             1 
_pdbx_nmr_ensemble.conformer_selection_criteria                  'structures with the lowest energy' 
_pdbx_nmr_ensemble.average_constraints_per_residue               ? 
_pdbx_nmr_ensemble.average_constraint_violations_per_residue     ? 
_pdbx_nmr_ensemble.maximum_distance_constraint_violation         ? 
_pdbx_nmr_ensemble.average_distance_constraint_violation         ? 
_pdbx_nmr_ensemble.maximum_upper_distance_constraint_violation   ? 
_pdbx_nmr_ensemble.maximum_lower_distance_constraint_violation   ? 
_pdbx_nmr_ensemble.distance_constraint_violation_method          ? 
_pdbx_nmr_ensemble.maximum_torsion_angle_constraint_violation    ? 
_pdbx_nmr_ensemble.average_torsion_angle_constraint_violation    ? 
_pdbx_nmr_ensemble.torsion_angle_constraint_violation_method     ? 
# 
_pdbx_nmr_representative.entry_id             1QP2 
_pdbx_nmr_representative.conformer_id         1 
_pdbx_nmr_representative.selection_criteria   'minimized average structure' 
# 
_pdbx_nmr_sample_details.solution_id      1 
_pdbx_nmr_sample_details.contents         'NO BUFFER OR ADDED SALT' 
_pdbx_nmr_sample_details.solvent_system   ? 
# 
_pdbx_nmr_exptl_sample_conditions.conditions_id       1 
_pdbx_nmr_exptl_sample_conditions.temperature         298 
_pdbx_nmr_exptl_sample_conditions.pressure            ambient 
_pdbx_nmr_exptl_sample_conditions.pH                  6.1 
_pdbx_nmr_exptl_sample_conditions.ionic_strength      'NO BUFFER OR ADDED SALT' 
_pdbx_nmr_exptl_sample_conditions.pressure_units      ? 
_pdbx_nmr_exptl_sample_conditions.temperature_units   K 
# 
loop_
_pdbx_nmr_exptl.experiment_id 
_pdbx_nmr_exptl.solution_id 
_pdbx_nmr_exptl.conditions_id 
_pdbx_nmr_exptl.type 
1 1 1 '2D NOESY'             
2 1 1 3D_15N-separated_NOESY 
3 1 1 3D_13C-separated_NOESY 
4 1 1 'J-modulated HSQC'     
# 
_pdbx_nmr_details.entry_id   1QP2 
_pdbx_nmr_details.text       'The structure was determined using triple-resonance NMR spectroscopy.' 
# 
_pdbx_nmr_refine.entry_id           1QP2 
_pdbx_nmr_refine.method             
;distance geometry 
simulated annealing 
molecular dynamics
;
_pdbx_nmr_refine.details            
;966 distance restraints 
73 dihedral angle restraints 
54 distance retraints from hydrogen bonds
;
_pdbx_nmr_refine.software_ordinal   1 
# 
loop_
_pdbx_nmr_software.name 
_pdbx_nmr_software.version 
_pdbx_nmr_software.classification 
_pdbx_nmr_software.authors 
_pdbx_nmr_software.ordinal 
X-PLOR  3.85 'structure calculation' Brunger 1 
XwinNMR 2.0  collection              Bruker  2 
Felix   95   processing              MSI     3 
X-PLOR  3.85 refinement              Brunger 4 
X-PLOR  3.85 'structure solution'    Brunger 5 
# 
loop_
_chem_comp_atom.comp_id 
_chem_comp_atom.atom_id 
_chem_comp_atom.type_symbol 
_chem_comp_atom.pdbx_aromatic_flag 
_chem_comp_atom.pdbx_stereo_config 
_chem_comp_atom.pdbx_ordinal 
ALA N    N N N 1   
ALA CA   C N S 2   
ALA C    C N N 3   
ALA O    O N N 4   
ALA CB   C N N 5   
ALA OXT  O N N 6   
ALA H    H N N 7   
ALA H2   H N N 8   
ALA HA   H N N 9   
ALA HB1  H N N 10  
ALA HB2  H N N 11  
ALA HB3  H N N 12  
ALA HXT  H N N 13  
ARG N    N N N 14  
ARG CA   C N S 15  
ARG C    C N N 16  
ARG O    O N N 17  
ARG CB   C N N 18  
ARG CG   C N N 19  
ARG CD   C N N 20  
ARG NE   N N N 21  
ARG CZ   C N N 22  
ARG NH1  N N N 23  
ARG NH2  N N N 24  
ARG OXT  O N N 25  
ARG H    H N N 26  
ARG H2   H N N 27  
ARG HA   H N N 28  
ARG HB2  H N N 29  
ARG HB3  H N N 30  
ARG HG2  H N N 31  
ARG HG3  H N N 32  
ARG HD2  H N N 33  
ARG HD3  H N N 34  
ARG HE   H N N 35  
ARG HH11 H N N 36  
ARG HH12 H N N 37  
ARG HH21 H N N 38  
ARG HH22 H N N 39  
ARG HXT  H N N 40  
ASN N    N N N 41  
ASN CA   C N S 42  
ASN C    C N N 43  
ASN O    O N N 44  
ASN CB   C N N 45  
ASN CG   C N N 46  
ASN OD1  O N N 47  
ASN ND2  N N N 48  
ASN OXT  O N N 49  
ASN H    H N N 50  
ASN H2   H N N 51  
ASN HA   H N N 52  
ASN HB2  H N N 53  
ASN HB3  H N N 54  
ASN HD21 H N N 55  
ASN HD22 H N N 56  
ASN HXT  H N N 57  
ASP N    N N N 58  
ASP CA   C N S 59  
ASP C    C N N 60  
ASP O    O N N 61  
ASP CB   C N N 62  
ASP CG   C N N 63  
ASP OD1  O N N 64  
ASP OD2  O N N 65  
ASP OXT  O N N 66  
ASP H    H N N 67  
ASP H2   H N N 68  
ASP HA   H N N 69  
ASP HB2  H N N 70  
ASP HB3  H N N 71  
ASP HD2  H N N 72  
ASP HXT  H N N 73  
GLN N    N N N 74  
GLN CA   C N S 75  
GLN C    C N N 76  
GLN O    O N N 77  
GLN CB   C N N 78  
GLN CG   C N N 79  
GLN CD   C N N 80  
GLN OE1  O N N 81  
GLN NE2  N N N 82  
GLN OXT  O N N 83  
GLN H    H N N 84  
GLN H2   H N N 85  
GLN HA   H N N 86  
GLN HB2  H N N 87  
GLN HB3  H N N 88  
GLN HG2  H N N 89  
GLN HG3  H N N 90  
GLN HE21 H N N 91  
GLN HE22 H N N 92  
GLN HXT  H N N 93  
GLU N    N N N 94  
GLU CA   C N S 95  
GLU C    C N N 96  
GLU O    O N N 97  
GLU CB   C N N 98  
GLU CG   C N N 99  
GLU CD   C N N 100 
GLU OE1  O N N 101 
GLU OE2  O N N 102 
GLU OXT  O N N 103 
GLU H    H N N 104 
GLU H2   H N N 105 
GLU HA   H N N 106 
GLU HB2  H N N 107 
GLU HB3  H N N 108 
GLU HG2  H N N 109 
GLU HG3  H N N 110 
GLU HE2  H N N 111 
GLU HXT  H N N 112 
GLY N    N N N 113 
GLY CA   C N N 114 
GLY C    C N N 115 
GLY O    O N N 116 
GLY OXT  O N N 117 
GLY H    H N N 118 
GLY H2   H N N 119 
GLY HA2  H N N 120 
GLY HA3  H N N 121 
GLY HXT  H N N 122 
ILE N    N N N 123 
ILE CA   C N S 124 
ILE C    C N N 125 
ILE O    O N N 126 
ILE CB   C N S 127 
ILE CG1  C N N 128 
ILE CG2  C N N 129 
ILE CD1  C N N 130 
ILE OXT  O N N 131 
ILE H    H N N 132 
ILE H2   H N N 133 
ILE HA   H N N 134 
ILE HB   H N N 135 
ILE HG12 H N N 136 
ILE HG13 H N N 137 
ILE HG21 H N N 138 
ILE HG22 H N N 139 
ILE HG23 H N N 140 
ILE HD11 H N N 141 
ILE HD12 H N N 142 
ILE HD13 H N N 143 
ILE HXT  H N N 144 
LEU N    N N N 145 
LEU CA   C N S 146 
LEU C    C N N 147 
LEU O    O N N 148 
LEU CB   C N N 149 
LEU CG   C N N 150 
LEU CD1  C N N 151 
LEU CD2  C N N 152 
LEU OXT  O N N 153 
LEU H    H N N 154 
LEU H2   H N N 155 
LEU HA   H N N 156 
LEU HB2  H N N 157 
LEU HB3  H N N 158 
LEU HG   H N N 159 
LEU HD11 H N N 160 
LEU HD12 H N N 161 
LEU HD13 H N N 162 
LEU HD21 H N N 163 
LEU HD22 H N N 164 
LEU HD23 H N N 165 
LEU HXT  H N N 166 
LYS N    N N N 167 
LYS CA   C N S 168 
LYS C    C N N 169 
LYS O    O N N 170 
LYS CB   C N N 171 
LYS CG   C N N 172 
LYS CD   C N N 173 
LYS CE   C N N 174 
LYS NZ   N N N 175 
LYS OXT  O N N 176 
LYS H    H N N 177 
LYS H2   H N N 178 
LYS HA   H N N 179 
LYS HB2  H N N 180 
LYS HB3  H N N 181 
LYS HG2  H N N 182 
LYS HG3  H N N 183 
LYS HD2  H N N 184 
LYS HD3  H N N 185 
LYS HE2  H N N 186 
LYS HE3  H N N 187 
LYS HZ1  H N N 188 
LYS HZ2  H N N 189 
LYS HZ3  H N N 190 
LYS HXT  H N N 191 
MET N    N N N 192 
MET CA   C N S 193 
MET C    C N N 194 
MET O    O N N 195 
MET CB   C N N 196 
MET CG   C N N 197 
MET SD   S N N 198 
MET CE   C N N 199 
MET OXT  O N N 200 
MET H    H N N 201 
MET H2   H N N 202 
MET HA   H N N 203 
MET HB2  H N N 204 
MET HB3  H N N 205 
MET HG2  H N N 206 
MET HG3  H N N 207 
MET HE1  H N N 208 
MET HE2  H N N 209 
MET HE3  H N N 210 
MET HXT  H N N 211 
PHE N    N N N 212 
PHE CA   C N S 213 
PHE C    C N N 214 
PHE O    O N N 215 
PHE CB   C N N 216 
PHE CG   C Y N 217 
PHE CD1  C Y N 218 
PHE CD2  C Y N 219 
PHE CE1  C Y N 220 
PHE CE2  C Y N 221 
PHE CZ   C Y N 222 
PHE OXT  O N N 223 
PHE H    H N N 224 
PHE H2   H N N 225 
PHE HA   H N N 226 
PHE HB2  H N N 227 
PHE HB3  H N N 228 
PHE HD1  H N N 229 
PHE HD2  H N N 230 
PHE HE1  H N N 231 
PHE HE2  H N N 232 
PHE HZ   H N N 233 
PHE HXT  H N N 234 
PRO N    N N N 235 
PRO CA   C N S 236 
PRO C    C N N 237 
PRO O    O N N 238 
PRO CB   C N N 239 
PRO CG   C N N 240 
PRO CD   C N N 241 
PRO OXT  O N N 242 
PRO H    H N N 243 
PRO HA   H N N 244 
PRO HB2  H N N 245 
PRO HB3  H N N 246 
PRO HG2  H N N 247 
PRO HG3  H N N 248 
PRO HD2  H N N 249 
PRO HD3  H N N 250 
PRO HXT  H N N 251 
SER N    N N N 252 
SER CA   C N S 253 
SER C    C N N 254 
SER O    O N N 255 
SER CB   C N N 256 
SER OG   O N N 257 
SER OXT  O N N 258 
SER H    H N N 259 
SER H2   H N N 260 
SER HA   H N N 261 
SER HB2  H N N 262 
SER HB3  H N N 263 
SER HG   H N N 264 
SER HXT  H N N 265 
THR N    N N N 266 
THR CA   C N S 267 
THR C    C N N 268 
THR O    O N N 269 
THR CB   C N R 270 
THR OG1  O N N 271 
THR CG2  C N N 272 
THR OXT  O N N 273 
THR H    H N N 274 
THR H2   H N N 275 
THR HA   H N N 276 
THR HB   H N N 277 
THR HG1  H N N 278 
THR HG21 H N N 279 
THR HG22 H N N 280 
THR HG23 H N N 281 
THR HXT  H N N 282 
TRP N    N N N 283 
TRP CA   C N S 284 
TRP C    C N N 285 
TRP O    O N N 286 
TRP CB   C N N 287 
TRP CG   C Y N 288 
TRP CD1  C Y N 289 
TRP CD2  C Y N 290 
TRP NE1  N Y N 291 
TRP CE2  C Y N 292 
TRP CE3  C Y N 293 
TRP CZ2  C Y N 294 
TRP CZ3  C Y N 295 
TRP CH2  C Y N 296 
TRP OXT  O N N 297 
TRP H    H N N 298 
TRP H2   H N N 299 
TRP HA   H N N 300 
TRP HB2  H N N 301 
TRP HB3  H N N 302 
TRP HD1  H N N 303 
TRP HE1  H N N 304 
TRP HE3  H N N 305 
TRP HZ2  H N N 306 
TRP HZ3  H N N 307 
TRP HH2  H N N 308 
TRP HXT  H N N 309 
TYR N    N N N 310 
TYR CA   C N S 311 
TYR C    C N N 312 
TYR O    O N N 313 
TYR CB   C N N 314 
TYR CG   C Y N 315 
TYR CD1  C Y N 316 
TYR CD2  C Y N 317 
TYR CE1  C Y N 318 
TYR CE2  C Y N 319 
TYR CZ   C Y N 320 
TYR OH   O N N 321 
TYR OXT  O N N 322 
TYR H    H N N 323 
TYR H2   H N N 324 
TYR HA   H N N 325 
TYR HB2  H N N 326 
TYR HB3  H N N 327 
TYR HD1  H N N 328 
TYR HD2  H N N 329 
TYR HE1  H N N 330 
TYR HE2  H N N 331 
TYR HH   H N N 332 
TYR HXT  H N N 333 
VAL N    N N N 334 
VAL CA   C N S 335 
VAL C    C N N 336 
VAL O    O N N 337 
VAL CB   C N N 338 
VAL CG1  C N N 339 
VAL CG2  C N N 340 
VAL OXT  O N N 341 
VAL H    H N N 342 
VAL H2   H N N 343 
VAL HA   H N N 344 
VAL HB   H N N 345 
VAL HG11 H N N 346 
VAL HG12 H N N 347 
VAL HG13 H N N 348 
VAL HG21 H N N 349 
VAL HG22 H N N 350 
VAL HG23 H N N 351 
VAL HXT  H N N 352 
# 
loop_
_chem_comp_bond.comp_id 
_chem_comp_bond.atom_id_1 
_chem_comp_bond.atom_id_2 
_chem_comp_bond.value_order 
_chem_comp_bond.pdbx_aromatic_flag 
_chem_comp_bond.pdbx_stereo_config 
_chem_comp_bond.pdbx_ordinal 
ALA N   CA   sing N N 1   
ALA N   H    sing N N 2   
ALA N   H2   sing N N 3   
ALA CA  C    sing N N 4   
ALA CA  CB   sing N N 5   
ALA CA  HA   sing N N 6   
ALA C   O    doub N N 7   
ALA C   OXT  sing N N 8   
ALA CB  HB1  sing N N 9   
ALA CB  HB2  sing N N 10  
ALA CB  HB3  sing N N 11  
ALA OXT HXT  sing N N 12  
ARG N   CA   sing N N 13  
ARG N   H    sing N N 14  
ARG N   H2   sing N N 15  
ARG CA  C    sing N N 16  
ARG CA  CB   sing N N 17  
ARG CA  HA   sing N N 18  
ARG C   O    doub N N 19  
ARG C   OXT  sing N N 20  
ARG CB  CG   sing N N 21  
ARG CB  HB2  sing N N 22  
ARG CB  HB3  sing N N 23  
ARG CG  CD   sing N N 24  
ARG CG  HG2  sing N N 25  
ARG CG  HG3  sing N N 26  
ARG CD  NE   sing N N 27  
ARG CD  HD2  sing N N 28  
ARG CD  HD3  sing N N 29  
ARG NE  CZ   sing N N 30  
ARG NE  HE   sing N N 31  
ARG CZ  NH1  sing N N 32  
ARG CZ  NH2  doub N N 33  
ARG NH1 HH11 sing N N 34  
ARG NH1 HH12 sing N N 35  
ARG NH2 HH21 sing N N 36  
ARG NH2 HH22 sing N N 37  
ARG OXT HXT  sing N N 38  
ASN N   CA   sing N N 39  
ASN N   H    sing N N 40  
ASN N   H2   sing N N 41  
ASN CA  C    sing N N 42  
ASN CA  CB   sing N N 43  
ASN CA  HA   sing N N 44  
ASN C   O    doub N N 45  
ASN C   OXT  sing N N 46  
ASN CB  CG   sing N N 47  
ASN CB  HB2  sing N N 48  
ASN CB  HB3  sing N N 49  
ASN CG  OD1  doub N N 50  
ASN CG  ND2  sing N N 51  
ASN ND2 HD21 sing N N 52  
ASN ND2 HD22 sing N N 53  
ASN OXT HXT  sing N N 54  
ASP N   CA   sing N N 55  
ASP N   H    sing N N 56  
ASP N   H2   sing N N 57  
ASP CA  C    sing N N 58  
ASP CA  CB   sing N N 59  
ASP CA  HA   sing N N 60  
ASP C   O    doub N N 61  
ASP C   OXT  sing N N 62  
ASP CB  CG   sing N N 63  
ASP CB  HB2  sing N N 64  
ASP CB  HB3  sing N N 65  
ASP CG  OD1  doub N N 66  
ASP CG  OD2  sing N N 67  
ASP OD2 HD2  sing N N 68  
ASP OXT HXT  sing N N 69  
GLN N   CA   sing N N 70  
GLN N   H    sing N N 71  
GLN N   H2   sing N N 72  
GLN CA  C    sing N N 73  
GLN CA  CB   sing N N 74  
GLN CA  HA   sing N N 75  
GLN C   O    doub N N 76  
GLN C   OXT  sing N N 77  
GLN CB  CG   sing N N 78  
GLN CB  HB2  sing N N 79  
GLN CB  HB3  sing N N 80  
GLN CG  CD   sing N N 81  
GLN CG  HG2  sing N N 82  
GLN CG  HG3  sing N N 83  
GLN CD  OE1  doub N N 84  
GLN CD  NE2  sing N N 85  
GLN NE2 HE21 sing N N 86  
GLN NE2 HE22 sing N N 87  
GLN OXT HXT  sing N N 88  
GLU N   CA   sing N N 89  
GLU N   H    sing N N 90  
GLU N   H2   sing N N 91  
GLU CA  C    sing N N 92  
GLU CA  CB   sing N N 93  
GLU CA  HA   sing N N 94  
GLU C   O    doub N N 95  
GLU C   OXT  sing N N 96  
GLU CB  CG   sing N N 97  
GLU CB  HB2  sing N N 98  
GLU CB  HB3  sing N N 99  
GLU CG  CD   sing N N 100 
GLU CG  HG2  sing N N 101 
GLU CG  HG3  sing N N 102 
GLU CD  OE1  doub N N 103 
GLU CD  OE2  sing N N 104 
GLU OE2 HE2  sing N N 105 
GLU OXT HXT  sing N N 106 
GLY N   CA   sing N N 107 
GLY N   H    sing N N 108 
GLY N   H2   sing N N 109 
GLY CA  C    sing N N 110 
GLY CA  HA2  sing N N 111 
GLY CA  HA3  sing N N 112 
GLY C   O    doub N N 113 
GLY C   OXT  sing N N 114 
GLY OXT HXT  sing N N 115 
ILE N   CA   sing N N 116 
ILE N   H    sing N N 117 
ILE N   H2   sing N N 118 
ILE CA  C    sing N N 119 
ILE CA  CB   sing N N 120 
ILE CA  HA   sing N N 121 
ILE C   O    doub N N 122 
ILE C   OXT  sing N N 123 
ILE CB  CG1  sing N N 124 
ILE CB  CG2  sing N N 125 
ILE CB  HB   sing N N 126 
ILE CG1 CD1  sing N N 127 
ILE CG1 HG12 sing N N 128 
ILE CG1 HG13 sing N N 129 
ILE CG2 HG21 sing N N 130 
ILE CG2 HG22 sing N N 131 
ILE CG2 HG23 sing N N 132 
ILE CD1 HD11 sing N N 133 
ILE CD1 HD12 sing N N 134 
ILE CD1 HD13 sing N N 135 
ILE OXT HXT  sing N N 136 
LEU N   CA   sing N N 137 
LEU N   H    sing N N 138 
LEU N   H2   sing N N 139 
LEU CA  C    sing N N 140 
LEU CA  CB   sing N N 141 
LEU CA  HA   sing N N 142 
LEU C   O    doub N N 143 
LEU C   OXT  sing N N 144 
LEU CB  CG   sing N N 145 
LEU CB  HB2  sing N N 146 
LEU CB  HB3  sing N N 147 
LEU CG  CD1  sing N N 148 
LEU CG  CD2  sing N N 149 
LEU CG  HG   sing N N 150 
LEU CD1 HD11 sing N N 151 
LEU CD1 HD12 sing N N 152 
LEU CD1 HD13 sing N N 153 
LEU CD2 HD21 sing N N 154 
LEU CD2 HD22 sing N N 155 
LEU CD2 HD23 sing N N 156 
LEU OXT HXT  sing N N 157 
LYS N   CA   sing N N 158 
LYS N   H    sing N N 159 
LYS N   H2   sing N N 160 
LYS CA  C    sing N N 161 
LYS CA  CB   sing N N 162 
LYS CA  HA   sing N N 163 
LYS C   O    doub N N 164 
LYS C   OXT  sing N N 165 
LYS CB  CG   sing N N 166 
LYS CB  HB2  sing N N 167 
LYS CB  HB3  sing N N 168 
LYS CG  CD   sing N N 169 
LYS CG  HG2  sing N N 170 
LYS CG  HG3  sing N N 171 
LYS CD  CE   sing N N 172 
LYS CD  HD2  sing N N 173 
LYS CD  HD3  sing N N 174 
LYS CE  NZ   sing N N 175 
LYS CE  HE2  sing N N 176 
LYS CE  HE3  sing N N 177 
LYS NZ  HZ1  sing N N 178 
LYS NZ  HZ2  sing N N 179 
LYS NZ  HZ3  sing N N 180 
LYS OXT HXT  sing N N 181 
MET N   CA   sing N N 182 
MET N   H    sing N N 183 
MET N   H2   sing N N 184 
MET CA  C    sing N N 185 
MET CA  CB   sing N N 186 
MET CA  HA   sing N N 187 
MET C   O    doub N N 188 
MET C   OXT  sing N N 189 
MET CB  CG   sing N N 190 
MET CB  HB2  sing N N 191 
MET CB  HB3  sing N N 192 
MET CG  SD   sing N N 193 
MET CG  HG2  sing N N 194 
MET CG  HG3  sing N N 195 
MET SD  CE   sing N N 196 
MET CE  HE1  sing N N 197 
MET CE  HE2  sing N N 198 
MET CE  HE3  sing N N 199 
MET OXT HXT  sing N N 200 
PHE N   CA   sing N N 201 
PHE N   H    sing N N 202 
PHE N   H2   sing N N 203 
PHE CA  C    sing N N 204 
PHE CA  CB   sing N N 205 
PHE CA  HA   sing N N 206 
PHE C   O    doub N N 207 
PHE C   OXT  sing N N 208 
PHE CB  CG   sing N N 209 
PHE CB  HB2  sing N N 210 
PHE CB  HB3  sing N N 211 
PHE CG  CD1  doub Y N 212 
PHE CG  CD2  sing Y N 213 
PHE CD1 CE1  sing Y N 214 
PHE CD1 HD1  sing N N 215 
PHE CD2 CE2  doub Y N 216 
PHE CD2 HD2  sing N N 217 
PHE CE1 CZ   doub Y N 218 
PHE CE1 HE1  sing N N 219 
PHE CE2 CZ   sing Y N 220 
PHE CE2 HE2  sing N N 221 
PHE CZ  HZ   sing N N 222 
PHE OXT HXT  sing N N 223 
PRO N   CA   sing N N 224 
PRO N   CD   sing N N 225 
PRO N   H    sing N N 226 
PRO CA  C    sing N N 227 
PRO CA  CB   sing N N 228 
PRO CA  HA   sing N N 229 
PRO C   O    doub N N 230 
PRO C   OXT  sing N N 231 
PRO CB  CG   sing N N 232 
PRO CB  HB2  sing N N 233 
PRO CB  HB3  sing N N 234 
PRO CG  CD   sing N N 235 
PRO CG  HG2  sing N N 236 
PRO CG  HG3  sing N N 237 
PRO CD  HD2  sing N N 238 
PRO CD  HD3  sing N N 239 
PRO OXT HXT  sing N N 240 
SER N   CA   sing N N 241 
SER N   H    sing N N 242 
SER N   H2   sing N N 243 
SER CA  C    sing N N 244 
SER CA  CB   sing N N 245 
SER CA  HA   sing N N 246 
SER C   O    doub N N 247 
SER C   OXT  sing N N 248 
SER CB  OG   sing N N 249 
SER CB  HB2  sing N N 250 
SER CB  HB3  sing N N 251 
SER OG  HG   sing N N 252 
SER OXT HXT  sing N N 253 
THR N   CA   sing N N 254 
THR N   H    sing N N 255 
THR N   H2   sing N N 256 
THR CA  C    sing N N 257 
THR CA  CB   sing N N 258 
THR CA  HA   sing N N 259 
THR C   O    doub N N 260 
THR C   OXT  sing N N 261 
THR CB  OG1  sing N N 262 
THR CB  CG2  sing N N 263 
THR CB  HB   sing N N 264 
THR OG1 HG1  sing N N 265 
THR CG2 HG21 sing N N 266 
THR CG2 HG22 sing N N 267 
THR CG2 HG23 sing N N 268 
THR OXT HXT  sing N N 269 
TRP N   CA   sing N N 270 
TRP N   H    sing N N 271 
TRP N   H2   sing N N 272 
TRP CA  C    sing N N 273 
TRP CA  CB   sing N N 274 
TRP CA  HA   sing N N 275 
TRP C   O    doub N N 276 
TRP C   OXT  sing N N 277 
TRP CB  CG   sing N N 278 
TRP CB  HB2  sing N N 279 
TRP CB  HB3  sing N N 280 
TRP CG  CD1  doub Y N 281 
TRP CG  CD2  sing Y N 282 
TRP CD1 NE1  sing Y N 283 
TRP CD1 HD1  sing N N 284 
TRP CD2 CE2  doub Y N 285 
TRP CD2 CE3  sing Y N 286 
TRP NE1 CE2  sing Y N 287 
TRP NE1 HE1  sing N N 288 
TRP CE2 CZ2  sing Y N 289 
TRP CE3 CZ3  doub Y N 290 
TRP CE3 HE3  sing N N 291 
TRP CZ2 CH2  doub Y N 292 
TRP CZ2 HZ2  sing N N 293 
TRP CZ3 CH2  sing Y N 294 
TRP CZ3 HZ3  sing N N 295 
TRP CH2 HH2  sing N N 296 
TRP OXT HXT  sing N N 297 
TYR N   CA   sing N N 298 
TYR N   H    sing N N 299 
TYR N   H2   sing N N 300 
TYR CA  C    sing N N 301 
TYR CA  CB   sing N N 302 
TYR CA  HA   sing N N 303 
TYR C   O    doub N N 304 
TYR C   OXT  sing N N 305 
TYR CB  CG   sing N N 306 
TYR CB  HB2  sing N N 307 
TYR CB  HB3  sing N N 308 
TYR CG  CD1  doub Y N 309 
TYR CG  CD2  sing Y N 310 
TYR CD1 CE1  sing Y N 311 
TYR CD1 HD1  sing N N 312 
TYR CD2 CE2  doub Y N 313 
TYR CD2 HD2  sing N N 314 
TYR CE1 CZ   doub Y N 315 
TYR CE1 HE1  sing N N 316 
TYR CE2 CZ   sing Y N 317 
TYR CE2 HE2  sing N N 318 
TYR CZ  OH   sing N N 319 
TYR OH  HH   sing N N 320 
TYR OXT HXT  sing N N 321 
VAL N   CA   sing N N 322 
VAL N   H    sing N N 323 
VAL N   H2   sing N N 324 
VAL CA  C    sing N N 325 
VAL CA  CB   sing N N 326 
VAL CA  HA   sing N N 327 
VAL C   O    doub N N 328 
VAL C   OXT  sing N N 329 
VAL CB  CG1  sing N N 330 
VAL CB  CG2  sing N N 331 
VAL CB  HB   sing N N 332 
VAL CG1 HG11 sing N N 333 
VAL CG1 HG12 sing N N 334 
VAL CG1 HG13 sing N N 335 
VAL CG2 HG21 sing N N 336 
VAL CG2 HG22 sing N N 337 
VAL CG2 HG23 sing N N 338 
VAL OXT HXT  sing N N 339 
# 
_pdbx_nmr_spectrometer.spectrometer_id   1 
_pdbx_nmr_spectrometer.type              ? 
_pdbx_nmr_spectrometer.manufacturer      Bruker 
_pdbx_nmr_spectrometer.model             AMX2 
_pdbx_nmr_spectrometer.field_strength    500 
# 
_atom_sites.entry_id                    1QP2 
_atom_sites.fract_transf_matrix[1][1]   1.00 
_atom_sites.fract_transf_matrix[1][2]   0.00 
_atom_sites.fract_transf_matrix[1][3]   0.00 
_atom_sites.fract_transf_matrix[2][1]   0.00 
_atom_sites.fract_transf_matrix[2][2]   1.00 
_atom_sites.fract_transf_matrix[2][3]   0.00 
_atom_sites.fract_transf_matrix[3][1]   0.00 
_atom_sites.fract_transf_matrix[3][2]   0.00 
_atom_sites.fract_transf_matrix[3][3]   1.00 
_atom_sites.fract_transf_vector[1]      0.00 
_atom_sites.fract_transf_vector[2]      0.00 
_atom_sites.fract_transf_vector[3]      0.00 
# 
loop_
_atom_type.symbol 
C 
H 
N 
O 
S 
# 
loop_
_atom_site.group_PDB 
_atom_site.id 
_atom_site.type_symbol 
_atom_site.label_atom_id 
_atom_site.label_alt_id 
_atom_site.label_comp_id 
_atom_site.label_asym_id 
_atom_site.label_entity_id 
_atom_site.label_seq_id 
_atom_site.pdbx_PDB_ins_code 
_atom_site.Cartn_x 
_atom_site.Cartn_y 
_atom_site.Cartn_z 
_atom_site.occupancy 
_atom_site.B_iso_or_equiv 
_atom_site.pdbx_formal_charge 
_atom_site.auth_seq_id 
_atom_site.auth_comp_id 
_atom_site.auth_asym_id 
_atom_site.auth_atom_id 
_atom_site.pdbx_PDB_model_num 
ATOM 1    N N    . MET A 1 1  ? 0.653   10.093  -6.238  1.00 3.72  ? 1  MET A N    1 
ATOM 2    C CA   . MET A 1 1  ? 0.597   9.069   -7.322  1.00 2.91  ? 1  MET A CA   1 
ATOM 3    C C    . MET A 1 1  ? 1.244   7.764   -6.848  1.00 2.02  ? 1  MET A C    1 
ATOM 4    O O    . MET A 1 1  ? 2.380   7.748   -6.413  1.00 2.11  ? 1  MET A O    1 
ATOM 5    C CB   . MET A 1 1  ? 1.394   9.677   -8.481  1.00 3.29  ? 1  MET A CB   1 
ATOM 6    C CG   . MET A 1 1  ? 0.660   9.420   -9.799  1.00 3.62  ? 1  MET A CG   1 
ATOM 7    S SD   . MET A 1 1  ? 1.861   9.321   -11.150 1.00 4.32  ? 1  MET A SD   1 
ATOM 8    C CE   . MET A 1 1  ? 2.034   11.100  -11.430 1.00 4.52  ? 1  MET A CE   1 
ATOM 9    H H1   . MET A 1 1  ? 0.202   10.970  -6.564  1.00 4.27  ? 1  MET A H1   1 
ATOM 10   H H2   . MET A 1 1  ? 1.646   10.283  -5.991  1.00 3.82  ? 1  MET A H2   1 
ATOM 11   H H3   . MET A 1 1  ? 0.149   9.738   -5.400  1.00 4.08  ? 1  MET A H3   1 
ATOM 12   H HA   . MET A 1 1  ? -0.423  8.896   -7.624  1.00 3.20  ? 1  MET A HA   1 
ATOM 13   H HB2  . MET A 1 1  ? 1.496   10.742  -8.327  1.00 3.75  ? 1  MET A HB2  1 
ATOM 14   H HB3  . MET A 1 1  ? 2.373   9.224   -8.522  1.00 3.46  ? 1  MET A HB3  1 
ATOM 15   H HG2  . MET A 1 1  ? 0.115   8.490   -9.733  1.00 3.73  ? 1  MET A HG2  1 
ATOM 16   H HG3  . MET A 1 1  ? -0.030  10.229  -9.991  1.00 3.93  ? 1  MET A HG3  1 
ATOM 17   H HE1  . MET A 1 1  ? 1.145   11.607  -11.085 1.00 4.56  ? 1  MET A HE1  1 
ATOM 18   H HE2  . MET A 1 1  ? 2.167   11.288  -12.483 1.00 4.84  ? 1  MET A HE2  1 
ATOM 19   H HE3  . MET A 1 1  ? 2.896   11.467  -10.890 1.00 4.79  ? 1  MET A HE3  1 
ATOM 20   N N    . VAL A 1 2  ? 0.496   6.690   -6.849  1.00 1.49  ? 2  VAL A N    1 
ATOM 21   C CA   . VAL A 1 2  ? 1.026   5.400   -6.309  1.00 0.82  ? 2  VAL A CA   1 
ATOM 22   C C    . VAL A 1 2  ? 1.707   4.602   -7.426  1.00 0.80  ? 2  VAL A C    1 
ATOM 23   O O    . VAL A 1 2  ? 1.057   3.918   -8.195  1.00 1.18  ? 2  VAL A O    1 
ATOM 24   C CB   . VAL A 1 2  ? -0.203  4.652   -5.781  1.00 1.10  ? 2  VAL A CB   1 
ATOM 25   C CG1  . VAL A 1 2  ? 0.226   3.307   -5.190  1.00 1.89  ? 2  VAL A CG1  1 
ATOM 26   C CG2  . VAL A 1 2  ? -0.884  5.486   -4.691  1.00 1.49  ? 2  VAL A CG2  1 
ATOM 27   H H    . VAL A 1 2  ? -0.436  6.746   -7.146  1.00 1.86  ? 2  VAL A H    1 
ATOM 28   H HA   . VAL A 1 2  ? 1.719   5.586   -5.503  1.00 1.00  ? 2  VAL A HA   1 
ATOM 29   H HB   . VAL A 1 2  ? -0.896  4.483   -6.593  1.00 1.88  ? 2  VAL A HB   1 
ATOM 30   H HG11 . VAL A 1 2  ? 0.748   2.733   -5.941  1.00 2.50  ? 2  VAL A HG11 1 
ATOM 31   H HG12 . VAL A 1 2  ? -0.648  2.762   -4.865  1.00 2.39  ? 2  VAL A HG12 1 
ATOM 32   H HG13 . VAL A 1 2  ? 0.879   3.476   -4.348  1.00 2.32  ? 2  VAL A HG13 1 
ATOM 33   H HG21 . VAL A 1 2  ? -0.136  5.866   -4.011  1.00 2.07  ? 2  VAL A HG21 1 
ATOM 34   H HG22 . VAL A 1 2  ? -1.584  4.868   -4.150  1.00 2.00  ? 2  VAL A HG22 1 
ATOM 35   H HG23 . VAL A 1 2  ? -1.410  6.313   -5.147  1.00 1.91  ? 2  VAL A HG23 1 
ATOM 36   N N    . GLN A 1 3  ? 3.013   4.652   -7.491  1.00 0.63  ? 3  GLN A N    1 
ATOM 37   C CA   . GLN A 1 3  ? 3.749   3.860   -8.523  1.00 0.87  ? 3  GLN A CA   1 
ATOM 38   C C    . GLN A 1 3  ? 4.375   2.617   -7.887  1.00 0.62  ? 3  GLN A C    1 
ATOM 39   O O    . GLN A 1 3  ? 4.227   2.374   -6.703  1.00 0.48  ? 3  GLN A O    1 
ATOM 40   C CB   . GLN A 1 3  ? 4.835   4.801   -9.044  1.00 1.23  ? 3  GLN A CB   1 
ATOM 41   C CG   . GLN A 1 3  ? 4.300   5.586   -10.243 1.00 1.78  ? 3  GLN A CG   1 
ATOM 42   C CD   . GLN A 1 3  ? 3.365   6.692   -9.753  1.00 2.00  ? 3  GLN A CD   1 
ATOM 43   O OE1  . GLN A 1 3  ? 3.790   7.809   -9.535  1.00 2.68  ? 3  GLN A OE1  1 
ATOM 44   N NE2  . GLN A 1 3  ? 2.100   6.428   -9.570  1.00 2.01  ? 3  GLN A NE2  1 
ATOM 45   H H    . GLN A 1 3  ? 3.514   5.185   -6.839  1.00 0.62  ? 3  GLN A H    1 
ATOM 46   H HA   . GLN A 1 3  ? 3.087   3.581   -9.326  1.00 1.22  ? 3  GLN A HA   1 
ATOM 47   H HB2  . GLN A 1 3  ? 5.121   5.489   -8.262  1.00 1.27  ? 3  GLN A HB2  1 
ATOM 48   H HB3  . GLN A 1 3  ? 5.696   4.224   -9.350  1.00 1.35  ? 3  GLN A HB3  1 
ATOM 49   H HG2  . GLN A 1 3  ? 5.126   6.023   -10.785 1.00 2.18  ? 3  GLN A HG2  1 
ATOM 50   H HG3  . GLN A 1 3  ? 3.755   4.919   -10.896 1.00 1.97  ? 3  GLN A HG3  1 
ATOM 51   H HE21 . GLN A 1 3  ? 1.758   5.527   -9.746  1.00 2.20  ? 3  GLN A HE21 1 
ATOM 52   H HE22 . GLN A 1 3  ? 1.495   7.129   -9.253  1.00 2.22  ? 3  GLN A HE22 1 
ATOM 53   N N    . ARG A 1 4  ? 5.121   1.861   -8.653  1.00 0.74  ? 4  ARG A N    1 
ATOM 54   C CA   . ARG A 1 4  ? 5.817   0.665   -8.086  1.00 0.66  ? 4  ARG A CA   1 
ATOM 55   C C    . ARG A 1 4  ? 7.021   1.104   -7.250  1.00 0.56  ? 4  ARG A C    1 
ATOM 56   O O    . ARG A 1 4  ? 8.020   1.559   -7.776  1.00 0.79  ? 4  ARG A O    1 
ATOM 57   C CB   . ARG A 1 4  ? 6.273   -0.145  -9.300  1.00 0.84  ? 4  ARG A CB   1 
ATOM 58   C CG   . ARG A 1 4  ? 5.052   -0.591  -10.107 1.00 1.26  ? 4  ARG A CG   1 
ATOM 59   C CD   . ARG A 1 4  ? 5.419   -0.666  -11.591 1.00 1.83  ? 4  ARG A CD   1 
ATOM 60   N NE   . ARG A 1 4  ? 6.406   -1.786  -11.693 1.00 2.52  ? 4  ARG A NE   1 
ATOM 61   C CZ   . ARG A 1 4  ? 6.630   -2.404  -12.836 1.00 3.23  ? 4  ARG A CZ   1 
ATOM 62   N NH1  . ARG A 1 4  ? 6.033   -2.035  -13.946 1.00 3.46  ? 4  ARG A NH1  1 
ATOM 63   N NH2  . ARG A 1 4  ? 7.467   -3.404  -12.866 1.00 4.15  ? 4  ARG A NH2  1 
ATOM 64   H H    . ARG A 1 4  ? 5.255   2.104   -9.592  1.00 0.98  ? 4  ARG A H    1 
ATOM 65   H HA   . ARG A 1 4  ? 5.135   0.081   -7.488  1.00 0.75  ? 4  ARG A HA   1 
ATOM 66   H HB2  . ARG A 1 4  ? 6.913   0.466   -9.921  1.00 1.58  ? 4  ARG A HB2  1 
ATOM 67   H HB3  . ARG A 1 4  ? 6.820   -1.015  -8.968  1.00 1.40  ? 4  ARG A HB3  1 
ATOM 68   H HG2  . ARG A 1 4  ? 4.731   -1.564  -9.765  1.00 1.83  ? 4  ARG A HG2  1 
ATOM 69   H HG3  . ARG A 1 4  ? 4.252   0.121   -9.972  1.00 1.90  ? 4  ARG A HG3  1 
ATOM 70   H HD2  . ARG A 1 4  ? 4.540   -0.881  -12.183 1.00 2.25  ? 4  ARG A HD2  1 
ATOM 71   H HD3  . ARG A 1 4  ? 5.874   0.257   -11.914 1.00 2.29  ? 4  ARG A HD3  1 
ATOM 72   H HE   . ARG A 1 4  ? 6.894   -2.070  -10.891 1.00 2.88  ? 4  ARG A HE   1 
ATOM 73   H HH11 . ARG A 1 4  ? 5.389   -1.271  -13.946 1.00 3.23  ? 4  ARG A HH11 1 
ATOM 74   H HH12 . ARG A 1 4  ? 6.223   -2.523  -14.798 1.00 4.19  ? 4  ARG A HH12 1 
ATOM 75   H HH21 . ARG A 1 4  ? 7.929   -3.694  -12.027 1.00 4.44  ? 4  ARG A HH21 1 
ATOM 76   H HH22 . ARG A 1 4  ? 7.646   -3.881  -13.726 1.00 4.75  ? 4  ARG A HH22 1 
ATOM 77   N N    . GLY A 1 5  ? 6.927   0.982   -5.950  1.00 0.53  ? 5  GLY A N    1 
ATOM 78   C CA   . GLY A 1 5  ? 8.056   1.403   -5.068  1.00 0.70  ? 5  GLY A CA   1 
ATOM 79   C C    . GLY A 1 5  ? 7.547   2.396   -4.022  1.00 0.59  ? 5  GLY A C    1 
ATOM 80   O O    . GLY A 1 5  ? 8.056   2.462   -2.919  1.00 0.67  ? 5  GLY A O    1 
ATOM 81   H H    . GLY A 1 5  ? 6.106   0.621   -5.552  1.00 0.63  ? 5  GLY A H    1 
ATOM 82   H HA2  . GLY A 1 5  ? 8.467   0.535   -4.573  1.00 0.92  ? 5  GLY A HA2  1 
ATOM 83   H HA3  . GLY A 1 5  ? 8.821   1.874   -5.665  1.00 0.87  ? 5  GLY A HA3  1 
ATOM 84   N N    . SER A 1 6  ? 6.535   3.159   -4.356  1.00 0.62  ? 6  SER A N    1 
ATOM 85   C CA   . SER A 1 6  ? 5.975   4.139   -3.376  1.00 0.53  ? 6  SER A CA   1 
ATOM 86   C C    . SER A 1 6  ? 5.254   3.403   -2.244  1.00 0.41  ? 6  SER A C    1 
ATOM 87   O O    . SER A 1 6  ? 4.416   2.553   -2.481  1.00 0.67  ? 6  SER A O    1 
ATOM 88   C CB   . SER A 1 6  ? 4.986   4.988   -4.176  1.00 0.62  ? 6  SER A CB   1 
ATOM 89   O OG   . SER A 1 6  ? 5.086   6.344   -3.759  1.00 1.14  ? 6  SER A OG   1 
ATOM 90   H H    . SER A 1 6  ? 6.137   3.075   -5.248  1.00 0.82  ? 6  SER A H    1 
ATOM 91   H HA   . SER A 1 6  ? 6.759   4.764   -2.980  1.00 0.58  ? 6  SER A HA   1 
ATOM 92   H HB2  . SER A 1 6  ? 5.219   4.923   -5.226  1.00 0.91  ? 6  SER A HB2  1 
ATOM 93   H HB3  . SER A 1 6  ? 3.980   4.623   -4.010  1.00 0.71  ? 6  SER A HB3  1 
ATOM 94   H HG   . SER A 1 6  ? 4.196   6.682   -3.634  1.00 1.35  ? 6  SER A HG   1 
ATOM 95   N N    . LYS A 1 7  ? 5.550   3.750   -1.017  1.00 0.27  ? 7  LYS A N    1 
ATOM 96   C CA   . LYS A 1 7  ? 4.858   3.105   0.138   1.00 0.30  ? 7  LYS A CA   1 
ATOM 97   C C    . LYS A 1 7  ? 3.613   3.909   0.524   1.00 0.26  ? 7  LYS A C    1 
ATOM 98   O O    . LYS A 1 7  ? 3.631   5.125   0.541   1.00 0.38  ? 7  LYS A O    1 
ATOM 99   C CB   . LYS A 1 7  ? 5.882   3.124   1.273   1.00 0.43  ? 7  LYS A CB   1 
ATOM 100  C CG   . LYS A 1 7  ? 7.096   2.281   0.879   1.00 0.56  ? 7  LYS A CG   1 
ATOM 101  C CD   . LYS A 1 7  ? 7.769   1.733   2.140   1.00 0.96  ? 7  LYS A CD   1 
ATOM 102  C CE   . LYS A 1 7  ? 8.748   2.772   2.689   1.00 1.33  ? 7  LYS A CE   1 
ATOM 103  N NZ   . LYS A 1 7  ? 9.866   1.977   3.270   1.00 1.96  ? 7  LYS A NZ   1 
ATOM 104  H H    . LYS A 1 7  ? 6.210   4.456   -0.857  1.00 0.44  ? 7  LYS A H    1 
ATOM 105  H HA   . LYS A 1 7  ? 4.592   2.087   -0.102  1.00 0.39  ? 7  LYS A HA   1 
ATOM 106  H HB2  . LYS A 1 7  ? 6.193   4.141   1.460   1.00 0.48  ? 7  LYS A HB2  1 
ATOM 107  H HB3  . LYS A 1 7  ? 5.436   2.713   2.167   1.00 0.57  ? 7  LYS A HB3  1 
ATOM 108  H HG2  . LYS A 1 7  ? 6.777   1.460   0.255   1.00 1.06  ? 7  LYS A HG2  1 
ATOM 109  H HG3  . LYS A 1 7  ? 7.800   2.895   0.337   1.00 1.12  ? 7  LYS A HG3  1 
ATOM 110  H HD2  . LYS A 1 7  ? 7.016   1.517   2.884   1.00 1.68  ? 7  LYS A HD2  1 
ATOM 111  H HD3  . LYS A 1 7  ? 8.305   0.828   1.897   1.00 1.56  ? 7  LYS A HD3  1 
ATOM 112  H HE2  . LYS A 1 7  ? 9.109   3.406   1.891   1.00 1.72  ? 7  LYS A HE2  1 
ATOM 113  H HE3  . LYS A 1 7  ? 8.278   3.364   3.459   1.00 1.93  ? 7  LYS A HE3  1 
ATOM 114  H HZ1  . LYS A 1 7  ? 10.637  2.615   3.552   1.00 2.41  ? 7  LYS A HZ1  1 
ATOM 115  H HZ2  . LYS A 1 7  ? 10.217  1.302   2.559   1.00 2.39  ? 7  LYS A HZ2  1 
ATOM 116  H HZ3  . LYS A 1 7  ? 9.527   1.458   4.104   1.00 2.38  ? 7  LYS A HZ3  1 
ATOM 117  N N    . VAL A 1 8  ? 2.530   3.234   0.816   1.00 0.18  ? 8  VAL A N    1 
ATOM 118  C CA   . VAL A 1 8  ? 1.271   3.951   1.184   1.00 0.15  ? 8  VAL A CA   1 
ATOM 119  C C    . VAL A 1 8  ? 0.676   3.358   2.467   1.00 0.16  ? 8  VAL A C    1 
ATOM 120  O O    . VAL A 1 8  ? 0.874   2.196   2.770   1.00 0.19  ? 8  VAL A O    1 
ATOM 121  C CB   . VAL A 1 8  ? 0.323   3.741   -0.002  1.00 0.16  ? 8  VAL A CB   1 
ATOM 122  C CG1  . VAL A 1 8  ? 0.936   4.362   -1.259  1.00 0.19  ? 8  VAL A CG1  1 
ATOM 123  C CG2  . VAL A 1 8  ? 0.101   2.241   -0.237  1.00 0.20  ? 8  VAL A CG2  1 
ATOM 124  H H    . VAL A 1 8  ? 2.541   2.255   0.782   1.00 0.27  ? 8  VAL A H    1 
ATOM 125  H HA   . VAL A 1 8  ? 1.466   5.004   1.315   1.00 0.15  ? 8  VAL A HA   1 
ATOM 126  H HB   . VAL A 1 8  ? -0.624  4.218   0.207   1.00 0.16  ? 8  VAL A HB   1 
ATOM 127  H HG11 . VAL A 1 8  ? 0.146   4.681   -1.924  1.00 1.07  ? 8  VAL A HG11 1 
ATOM 128  H HG12 . VAL A 1 8  ? 1.552   3.629   -1.758  1.00 0.98  ? 8  VAL A HG12 1 
ATOM 129  H HG13 . VAL A 1 8  ? 1.540   5.213   -0.982  1.00 1.03  ? 8  VAL A HG13 1 
ATOM 130  H HG21 . VAL A 1 8  ? -0.668  2.104   -0.983  1.00 1.06  ? 8  VAL A HG21 1 
ATOM 131  H HG22 . VAL A 1 8  ? -0.207  1.774   0.687   1.00 1.01  ? 8  VAL A HG22 1 
ATOM 132  H HG23 . VAL A 1 8  ? 1.020   1.790   -0.578  1.00 1.02  ? 8  VAL A HG23 1 
ATOM 133  N N    . ARG A 1 9  ? -0.104  4.130   3.180   1.00 0.19  ? 9  ARG A N    1 
ATOM 134  C CA   . ARG A 1 9  ? -0.782  3.596   4.400   1.00 0.22  ? 9  ARG A CA   1 
ATOM 135  C C    . ARG A 1 9  ? -2.003  2.763   4.004   1.00 0.18  ? 9  ARG A C    1 
ATOM 136  O O    . ARG A 1 9  ? -2.567  2.942   2.941   1.00 0.27  ? 9  ARG A O    1 
ATOM 137  C CB   . ARG A 1 9  ? -1.209  4.835   5.190   1.00 0.30  ? 9  ARG A CB   1 
ATOM 138  C CG   . ARG A 1 9  ? -0.074  5.265   6.120   1.00 0.38  ? 9  ARG A CG   1 
ATOM 139  C CD   . ARG A 1 9  ? -0.257  4.604   7.489   1.00 0.69  ? 9  ARG A CD   1 
ATOM 140  N NE   . ARG A 1 9  ? 0.353   5.559   8.466   1.00 1.06  ? 9  ARG A NE   1 
ATOM 141  C CZ   . ARG A 1 9  ? 0.741   5.164   9.664   1.00 1.43  ? 9  ARG A CZ   1 
ATOM 142  N NH1  . ARG A 1 9  ? 0.569   3.926   10.069  1.00 2.04  ? 9  ARG A NH1  1 
ATOM 143  N NH2  . ARG A 1 9  ? 1.307   6.023   10.466  1.00 2.00  ? 9  ARG A NH2  1 
ATOM 144  H H    . ARG A 1 9  ? -0.284  5.046   2.883   1.00 0.22  ? 9  ARG A H    1 
ATOM 145  H HA   . ARG A 1 9  ? -0.095  3.006   4.985   1.00 0.26  ? 9  ARG A HA   1 
ATOM 146  H HB2  . ARG A 1 9  ? -1.439  5.637   4.504   1.00 0.30  ? 9  ARG A HB2  1 
ATOM 147  H HB3  . ARG A 1 9  ? -2.085  4.601   5.778   1.00 0.32  ? 9  ARG A HB3  1 
ATOM 148  H HG2  . ARG A 1 9  ? 0.872   4.961   5.696   1.00 0.69  ? 9  ARG A HG2  1 
ATOM 149  H HG3  . ARG A 1 9  ? -0.090  6.338   6.236   1.00 0.69  ? 9  ARG A HG3  1 
ATOM 150  H HD2  . ARG A 1 9  ? -1.308  4.466   7.701   1.00 1.01  ? 9  ARG A HD2  1 
ATOM 151  H HD3  . ARG A 1 9  ? 0.262   3.659   7.523   1.00 1.22  ? 9  ARG A HD3  1 
ATOM 152  H HE   . ARG A 1 9  ? 0.470   6.499   8.211   1.00 1.73  ? 9  ARG A HE   1 
ATOM 153  H HH11 . ARG A 1 9  ? 0.137   3.253   9.472   1.00 2.08  ? 9  ARG A HH11 1 
ATOM 154  H HH12 . ARG A 1 9  ? 0.874   3.657   10.983  1.00 2.77  ? 9  ARG A HH12 1 
ATOM 155  H HH21 . ARG A 1 9  ? 1.444   6.970   10.169  1.00 2.30  ? 9  ARG A HH21 1 
ATOM 156  H HH22 . ARG A 1 9  ? 1.605   5.737   11.376  1.00 2.49  ? 9  ARG A HH22 1 
ATOM 157  N N    . ILE A 1 10 ? -2.426  1.870   4.863   1.00 0.19  ? 10 ILE A N    1 
ATOM 158  C CA   . ILE A 1 10 ? -3.628  1.035   4.554   1.00 0.18  ? 10 ILE A CA   1 
ATOM 159  C C    . ILE A 1 10 ? -4.861  1.612   5.256   1.00 0.19  ? 10 ILE A C    1 
ATOM 160  O O    . ILE A 1 10 ? -4.908  1.709   6.468   1.00 0.22  ? 10 ILE A O    1 
ATOM 161  C CB   . ILE A 1 10 ? -3.295  -0.360  5.100   1.00 0.22  ? 10 ILE A CB   1 
ATOM 162  C CG1  . ILE A 1 10 ? -2.025  -0.901  4.421   1.00 0.24  ? 10 ILE A CG1  1 
ATOM 163  C CG2  . ILE A 1 10 ? -4.466  -1.313  4.831   1.00 0.24  ? 10 ILE A CG2  1 
ATOM 164  C CD1  . ILE A 1 10 ? -2.229  -0.999  2.903   1.00 0.24  ? 10 ILE A CD1  1 
ATOM 165  H H    . ILE A 1 10 ? -1.961  1.758   5.718   1.00 0.26  ? 10 ILE A H    1 
ATOM 166  H HA   . ILE A 1 10 ? -3.788  0.987   3.489   1.00 0.17  ? 10 ILE A HA   1 
ATOM 167  H HB   . ILE A 1 10 ? -3.132  -0.293  6.166   1.00 0.24  ? 10 ILE A HB   1 
ATOM 168  H HG12 . ILE A 1 10 ? -1.200  -0.235  4.627   1.00 0.24  ? 10 ILE A HG12 1 
ATOM 169  H HG13 . ILE A 1 10 ? -1.799  -1.881  4.815   1.00 0.29  ? 10 ILE A HG13 1 
ATOM 170  H HG21 . ILE A 1 10 ? -5.212  -1.194  5.604   1.00 1.06  ? 10 ILE A HG21 1 
ATOM 171  H HG22 . ILE A 1 10 ? -4.108  -2.332  4.831   1.00 1.09  ? 10 ILE A HG22 1 
ATOM 172  H HG23 . ILE A 1 10 ? -4.904  -1.086  3.870   1.00 0.99  ? 10 ILE A HG23 1 
ATOM 173  H HD11 . ILE A 1 10 ? -2.267  -0.006  2.480   1.00 0.99  ? 10 ILE A HD11 1 
ATOM 174  H HD12 . ILE A 1 10 ? -3.157  -1.513  2.698   1.00 1.07  ? 10 ILE A HD12 1 
ATOM 175  H HD13 . ILE A 1 10 ? -1.409  -1.548  2.465   1.00 1.06  ? 10 ILE A HD13 1 
ATOM 176  N N    . LEU A 1 11 ? -5.875  1.955   4.502   1.00 0.25  ? 11 LEU A N    1 
ATOM 177  C CA   . LEU A 1 11 ? -7.131  2.480   5.117   1.00 0.29  ? 11 LEU A CA   1 
ATOM 178  C C    . LEU A 1 11 ? -8.256  1.452   4.975   1.00 0.30  ? 11 LEU A C    1 
ATOM 179  O O    . LEU A 1 11 ? -9.401  1.800   4.754   1.00 0.36  ? 11 LEU A O    1 
ATOM 180  C CB   . LEU A 1 11 ? -7.462  3.752   4.325   1.00 0.33  ? 11 LEU A CB   1 
ATOM 181  C CG   . LEU A 1 11 ? -6.689  4.957   4.887   1.00 0.35  ? 11 LEU A CG   1 
ATOM 182  C CD1  . LEU A 1 11 ? -7.081  5.195   6.347   1.00 0.39  ? 11 LEU A CD1  1 
ATOM 183  C CD2  . LEU A 1 11 ? -5.181  4.697   4.797   1.00 0.32  ? 11 LEU A CD2  1 
ATOM 184  H H    . LEU A 1 11 ? -5.821  1.838   3.531   1.00 0.29  ? 11 LEU A H    1 
ATOM 185  H HA   . LEU A 1 11 ? -6.970  2.721   6.156   1.00 0.29  ? 11 LEU A HA   1 
ATOM 186  H HB2  . LEU A 1 11 ? -7.190  3.606   3.290   1.00 0.32  ? 11 LEU A HB2  1 
ATOM 187  H HB3  . LEU A 1 11 ? -8.521  3.947   4.391   1.00 0.37  ? 11 LEU A HB3  1 
ATOM 188  H HG   . LEU A 1 11 ? -6.936  5.836   4.307   1.00 0.39  ? 11 LEU A HG   1 
ATOM 189  H HD11 . LEU A 1 11 ? -6.397  4.664   6.995   1.00 1.04  ? 11 LEU A HD11 1 
ATOM 190  H HD12 . LEU A 1 11 ? -8.085  4.835   6.514   1.00 1.13  ? 11 LEU A HD12 1 
ATOM 191  H HD13 . LEU A 1 11 ? -7.035  6.251   6.565   1.00 1.07  ? 11 LEU A HD13 1 
ATOM 192  H HD21 . LEU A 1 11 ? -4.848  4.195   5.693   1.00 0.94  ? 11 LEU A HD21 1 
ATOM 193  H HD22 . LEU A 1 11 ? -4.659  5.638   4.697   1.00 0.86  ? 11 LEU A HD22 1 
ATOM 194  H HD23 . LEU A 1 11 ? -4.972  4.077   3.938   1.00 0.91  ? 11 LEU A HD23 1 
ATOM 195  N N    . ARG A 1 12 ? -7.932  0.189   5.082   1.00 0.28  ? 12 ARG A N    1 
ATOM 196  C CA   . ARG A 1 12 ? -8.972  -0.874  4.935   1.00 0.32  ? 12 ARG A CA   1 
ATOM 197  C C    . ARG A 1 12 ? -9.238  -1.545  6.293   1.00 0.31  ? 12 ARG A C    1 
ATOM 198  O O    . ARG A 1 12 ? -8.500  -2.425  6.692   1.00 0.29  ? 12 ARG A O    1 
ATOM 199  C CB   . ARG A 1 12 ? -8.372  -1.877  3.949   1.00 0.33  ? 12 ARG A CB   1 
ATOM 200  C CG   . ARG A 1 12 ? -9.481  -2.770  3.390   1.00 0.42  ? 12 ARG A CG   1 
ATOM 201  C CD   . ARG A 1 12 ? -9.067  -3.300  2.014   1.00 0.43  ? 12 ARG A CD   1 
ATOM 202  N NE   . ARG A 1 12 ? -9.535  -4.721  1.985   1.00 0.81  ? 12 ARG A NE   1 
ATOM 203  C CZ   . ARG A 1 12 ? -9.069  -5.580  1.099   1.00 1.12  ? 12 ARG A CZ   1 
ATOM 204  N NH1  . ARG A 1 12 ? -8.145  -5.240  0.231   1.00 1.89  ? 12 ARG A NH1  1 
ATOM 205  N NH2  . ARG A 1 12 ? -9.538  -6.798  1.085   1.00 1.41  ? 12 ARG A NH2  1 
ATOM 206  H H    . ARG A 1 12 ? -6.999  -0.062  5.248   1.00 0.25  ? 12 ARG A H    1 
ATOM 207  H HA   . ARG A 1 12 ? -9.881  -0.458  4.532   1.00 0.36  ? 12 ARG A HA   1 
ATOM 208  H HB2  . ARG A 1 12 ? -7.896  -1.343  3.139   1.00 0.31  ? 12 ARG A HB2  1 
ATOM 209  H HB3  . ARG A 1 12 ? -7.642  -2.488  4.456   1.00 0.35  ? 12 ARG A HB3  1 
ATOM 210  H HG2  . ARG A 1 12 ? -9.648  -3.600  4.062   1.00 0.59  ? 12 ARG A HG2  1 
ATOM 211  H HG3  . ARG A 1 12 ? -10.392 -2.196  3.293   1.00 0.59  ? 12 ARG A HG3  1 
ATOM 212  H HD2  . ARG A 1 12 ? -9.547  -2.728  1.233   1.00 0.69  ? 12 ARG A HD2  1 
ATOM 213  H HD3  . ARG A 1 12 ? -7.994  -3.262  1.905   1.00 0.43  ? 12 ARG A HD3  1 
ATOM 214  H HE   . ARG A 1 12 ? -10.203 -5.021  2.637   1.00 1.45  ? 12 ARG A HE   1 
ATOM 215  H HH11 . ARG A 1 12 ? -7.771  -4.313  0.224   1.00 2.00  ? 12 ARG A HH11 1 
ATOM 216  H HH12 . ARG A 1 12 ? -7.812  -5.913  -0.430  1.00 2.56  ? 12 ARG A HH12 1 
ATOM 217  H HH21 . ARG A 1 12 ? -10.242 -7.069  1.741   1.00 1.60  ? 12 ARG A HH21 1 
ATOM 218  H HH22 . ARG A 1 12 ? -9.194  -7.459  0.418   1.00 1.85  ? 12 ARG A HH22 1 
ATOM 219  N N    . PRO A 1 13 ? -10.286 -1.113  6.970   1.00 0.33  ? 13 PRO A N    1 
ATOM 220  C CA   . PRO A 1 13 ? -10.630 -1.698  8.298   1.00 0.34  ? 13 PRO A CA   1 
ATOM 221  C C    . PRO A 1 13 ? -10.716 -3.229  8.224   1.00 0.36  ? 13 PRO A C    1 
ATOM 222  O O    . PRO A 1 13 ? -10.490 -3.918  9.201   1.00 0.39  ? 13 PRO A O    1 
ATOM 223  C CB   . PRO A 1 13 ? -12.000 -1.100  8.612   1.00 0.38  ? 13 PRO A CB   1 
ATOM 224  C CG   . PRO A 1 13 ? -12.056 0.168   7.824   1.00 0.38  ? 13 PRO A CG   1 
ATOM 225  C CD   . PRO A 1 13 ? -11.237 -0.057  6.582   1.00 0.36  ? 13 PRO A CD   1 
ATOM 226  H HA   . PRO A 1 13 ? -9.916  -1.393  9.045   1.00 0.32  ? 13 PRO A HA   1 
ATOM 227  H HB2  . PRO A 1 13 ? -12.784 -1.776  8.298   1.00 0.41  ? 13 PRO A HB2  1 
ATOM 228  H HB3  . PRO A 1 13 ? -12.085 -0.885  9.665   1.00 0.38  ? 13 PRO A HB3  1 
ATOM 229  H HG2  . PRO A 1 13 ? -13.081 0.393   7.561   1.00 0.42  ? 13 PRO A HG2  1 
ATOM 230  H HG3  . PRO A 1 13 ? -11.633 0.979   8.397   1.00 0.37  ? 13 PRO A HG3  1 
ATOM 231  H HD2  . PRO A 1 13 ? -11.868 -0.388  5.768   1.00 0.39  ? 13 PRO A HD2  1 
ATOM 232  H HD3  . PRO A 1 13 ? -10.704 0.841   6.310   1.00 0.35  ? 13 PRO A HD3  1 
ATOM 233  N N    . GLU A 1 14 ? -11.000 -3.761  7.062   1.00 0.38  ? 14 GLU A N    1 
ATOM 234  C CA   . GLU A 1 14 ? -11.055 -5.246  6.905   1.00 0.41  ? 14 GLU A CA   1 
ATOM 235  C C    . GLU A 1 14 ? -9.638  -5.829  6.842   1.00 0.39  ? 14 GLU A C    1 
ATOM 236  O O    . GLU A 1 14 ? -9.425  -6.989  7.139   1.00 0.41  ? 14 GLU A O    1 
ATOM 237  C CB   . GLU A 1 14 ? -11.789 -5.482  5.584   1.00 0.45  ? 14 GLU A CB   1 
ATOM 238  C CG   . GLU A 1 14 ? -13.294 -5.573  5.846   1.00 1.02  ? 14 GLU A CG   1 
ATOM 239  C CD   . GLU A 1 14 ? -13.962 -6.365  4.721   1.00 1.54  ? 14 GLU A CD   1 
ATOM 240  O OE1  . GLU A 1 14 ? -13.354 -7.310  4.248   1.00 2.27  ? 14 GLU A OE1  1 
ATOM 241  O OE2  . GLU A 1 14 ? -15.069 -6.010  4.350   1.00 2.09  ? 14 GLU A OE2  1 
ATOM 242  H H    . GLU A 1 14 ? -11.148 -3.183  6.285   1.00 0.40  ? 14 GLU A H    1 
ATOM 243  H HA   . GLU A 1 14 ? -11.608 -5.691  7.718   1.00 0.43  ? 14 GLU A HA   1 
ATOM 244  H HB2  . GLU A 1 14 ? -11.589 -4.663  4.910   1.00 0.81  ? 14 GLU A HB2  1 
ATOM 245  H HB3  . GLU A 1 14 ? -11.447 -6.405  5.142   1.00 0.86  ? 14 GLU A HB3  1 
ATOM 246  H HG2  . GLU A 1 14 ? -13.465 -6.072  6.789   1.00 1.70  ? 14 GLU A HG2  1 
ATOM 247  H HG3  . GLU A 1 14 ? -13.714 -4.579  5.882   1.00 1.49  ? 14 GLU A HG3  1 
ATOM 248  N N    . SER A 1 15 ? -8.684  -5.048  6.400   1.00 0.37  ? 15 SER A N    1 
ATOM 249  C CA   . SER A 1 15 ? -7.291  -5.574  6.247   1.00 0.36  ? 15 SER A CA   1 
ATOM 250  C C    . SER A 1 15 ? -6.617  -5.696  7.616   1.00 0.33  ? 15 SER A C    1 
ATOM 251  O O    . SER A 1 15 ? -6.539  -4.741  8.366   1.00 0.30  ? 15 SER A O    1 
ATOM 252  C CB   . SER A 1 15 ? -6.565  -4.542  5.383   1.00 0.34  ? 15 SER A CB   1 
ATOM 253  O OG   . SER A 1 15 ? -5.249  -5.005  5.108   1.00 1.22  ? 15 SER A OG   1 
ATOM 254  H H    . SER A 1 15 ? -8.892  -4.130  6.125   1.00 0.35  ? 15 SER A H    1 
ATOM 255  H HA   . SER A 1 15 ? -7.302  -6.529  5.747   1.00 0.40  ? 15 SER A HA   1 
ATOM 256  H HB2  . SER A 1 15 ? -7.095  -4.410  4.455   1.00 0.99  ? 15 SER A HB2  1 
ATOM 257  H HB3  . SER A 1 15 ? -6.523  -3.599  5.910   1.00 1.04  ? 15 SER A HB3  1 
ATOM 258  H HG   . SER A 1 15 ? -5.305  -5.660  4.407   1.00 1.60  ? 15 SER A HG   1 
ATOM 259  N N    . TYR A 1 16 ? -6.041  -6.838  7.899   1.00 0.36  ? 16 TYR A N    1 
ATOM 260  C CA   . TYR A 1 16 ? -5.264  -7.000  9.169   1.00 0.37  ? 16 TYR A CA   1 
ATOM 261  C C    . TYR A 1 16 ? -4.126  -5.973  9.244   1.00 0.32  ? 16 TYR A C    1 
ATOM 262  O O    . TYR A 1 16 ? -3.601  -5.699  10.307  1.00 0.34  ? 16 TYR A O    1 
ATOM 263  C CB   . TYR A 1 16 ? -4.697  -8.422  9.115   1.00 0.43  ? 16 TYR A CB   1 
ATOM 264  C CG   . TYR A 1 16 ? -3.978  -8.728  10.407  1.00 0.47  ? 16 TYR A CG   1 
ATOM 265  C CD1  . TYR A 1 16 ? -2.660  -8.294  10.595  1.00 1.38  ? 16 TYR A CD1  1 
ATOM 266  C CD2  . TYR A 1 16 ? -4.628  -9.447  11.417  1.00 1.22  ? 16 TYR A CD2  1 
ATOM 267  C CE1  . TYR A 1 16 ? -1.993  -8.578  11.793  1.00 1.42  ? 16 TYR A CE1  1 
ATOM 268  C CE2  . TYR A 1 16 ? -3.962  -9.732  12.615  1.00 1.22  ? 16 TYR A CE2  1 
ATOM 269  C CZ   . TYR A 1 16 ? -2.644  -9.297  12.803  1.00 0.58  ? 16 TYR A CZ   1 
ATOM 270  O OH   . TYR A 1 16 ? -1.986  -9.577  13.983  1.00 0.64  ? 16 TYR A OH   1 
ATOM 271  H H    . TYR A 1 16 ? -6.059  -7.564  7.241   1.00 0.40  ? 16 TYR A H    1 
ATOM 272  H HA   . TYR A 1 16 ? -5.916  -6.899  10.022  1.00 0.39  ? 16 TYR A HA   1 
ATOM 273  H HB2  . TYR A 1 16 ? -5.503  -9.125  8.976   1.00 0.47  ? 16 TYR A HB2  1 
ATOM 274  H HB3  . TYR A 1 16 ? -4.004  -8.501  8.291   1.00 0.42  ? 16 TYR A HB3  1 
ATOM 275  H HD1  . TYR A 1 16 ? -2.159  -7.739  9.817   1.00 2.27  ? 16 TYR A HD1  1 
ATOM 276  H HD2  . TYR A 1 16 ? -5.645  -9.783  11.272  1.00 2.11  ? 16 TYR A HD2  1 
ATOM 277  H HE1  . TYR A 1 16 ? -0.977  -8.243  11.938  1.00 2.32  ? 16 TYR A HE1  1 
ATOM 278  H HE2  . TYR A 1 16 ? -4.463  -10.288 13.393  1.00 2.09  ? 16 TYR A HE2  1 
ATOM 279  H HH   . TYR A 1 16 ? -1.532  -8.781  14.266  1.00 1.08  ? 16 TYR A HH   1 
ATOM 280  N N    . TRP A 1 17 ? -3.708  -5.444  8.119   1.00 0.29  ? 17 TRP A N    1 
ATOM 281  C CA   . TRP A 1 17 ? -2.563  -4.483  8.119   1.00 0.27  ? 17 TRP A CA   1 
ATOM 282  C C    . TRP A 1 17 ? -3.076  -3.040  8.156   1.00 0.25  ? 17 TRP A C    1 
ATOM 283  O O    . TRP A 1 17 ? -2.468  -2.145  7.601   1.00 0.25  ? 17 TRP A O    1 
ATOM 284  C CB   . TRP A 1 17 ? -1.820  -4.751  6.810   1.00 0.27  ? 17 TRP A CB   1 
ATOM 285  C CG   . TRP A 1 17 ? -1.279  -6.145  6.817   1.00 0.30  ? 17 TRP A CG   1 
ATOM 286  C CD1  . TRP A 1 17 ? -0.350  -6.615  7.682   1.00 0.37  ? 17 TRP A CD1  1 
ATOM 287  C CD2  . TRP A 1 17 ? -1.615  -7.256  5.936   1.00 0.36  ? 17 TRP A CD2  1 
ATOM 288  N NE1  . TRP A 1 17 ? -0.096  -7.942  7.387   1.00 0.39  ? 17 TRP A NE1  1 
ATOM 289  C CE2  . TRP A 1 17 ? -0.851  -8.383  6.319   1.00 0.38  ? 17 TRP A CE2  1 
ATOM 290  C CE3  . TRP A 1 17 ? -2.501  -7.392  4.851   1.00 0.46  ? 17 TRP A CE3  1 
ATOM 291  C CZ2  . TRP A 1 17 ? -0.962  -9.603  5.650   1.00 0.46  ? 17 TRP A CZ2  1 
ATOM 292  C CZ3  . TRP A 1 17 ? -2.615  -8.619  4.176   1.00 0.57  ? 17 TRP A CZ3  1 
ATOM 293  C CH2  . TRP A 1 17 ? -1.846  -9.721  4.575   1.00 0.56  ? 17 TRP A CH2  1 
ATOM 294  H H    . TRP A 1 17 ? -4.119  -5.708  7.271   1.00 0.29  ? 17 TRP A H    1 
ATOM 295  H HA   . TRP A 1 17 ? -1.912  -4.673  8.957   1.00 0.30  ? 17 TRP A HA   1 
ATOM 296  H HB2  . TRP A 1 17 ? -2.501  -4.634  5.980   1.00 0.26  ? 17 TRP A HB2  1 
ATOM 297  H HB3  . TRP A 1 17 ? -1.005  -4.050  6.708   1.00 0.28  ? 17 TRP A HB3  1 
ATOM 298  H HD1  . TRP A 1 17 ? 0.116   -6.045  8.472   1.00 0.44  ? 17 TRP A HD1  1 
ATOM 299  H HE1  . TRP A 1 17 ? 0.539   -8.516  7.866   1.00 0.44  ? 17 TRP A HE1  1 
ATOM 300  H HE3  . TRP A 1 17 ? -3.098  -6.548  4.536   1.00 0.47  ? 17 TRP A HE3  1 
ATOM 301  H HZ2  . TRP A 1 17 ? -0.368  -10.450 5.962   1.00 0.48  ? 17 TRP A HZ2  1 
ATOM 302  H HZ3  . TRP A 1 17 ? -3.298  -8.713  3.345   1.00 0.69  ? 17 TRP A HZ3  1 
ATOM 303  H HH2  . TRP A 1 17 ? -1.938  -10.661 4.052   1.00 0.65  ? 17 TRP A HH2  1 
ATOM 304  N N    . PHE A 1 18 ? -4.142  -2.797  8.879   1.00 0.24  ? 18 PHE A N    1 
ATOM 305  C CA   . PHE A 1 18 ? -4.638  -1.394  9.038   1.00 0.23  ? 18 PHE A CA   1 
ATOM 306  C C    . PHE A 1 18 ? -3.572  -0.530  9.717   1.00 0.25  ? 18 PHE A C    1 
ATOM 307  O O    . PHE A 1 18 ? -2.788  -1.009  10.514  1.00 0.26  ? 18 PHE A O    1 
ATOM 308  C CB   . PHE A 1 18 ? -5.881  -1.503  9.925   1.00 0.25  ? 18 PHE A CB   1 
ATOM 309  C CG   . PHE A 1 18 ? -6.659  -0.210  9.862   1.00 0.26  ? 18 PHE A CG   1 
ATOM 310  C CD1  . PHE A 1 18 ? -6.267  0.882   10.646  1.00 1.29  ? 18 PHE A CD1  1 
ATOM 311  C CD2  . PHE A 1 18 ? -7.770  -0.103  9.019   1.00 1.19  ? 18 PHE A CD2  1 
ATOM 312  C CE1  . PHE A 1 18 ? -6.988  2.081   10.586  1.00 1.31  ? 18 PHE A CE1  1 
ATOM 313  C CE2  . PHE A 1 18 ? -8.492  1.096   8.960   1.00 1.19  ? 18 PHE A CE2  1 
ATOM 314  C CZ   . PHE A 1 18 ? -8.100  2.188   9.743   1.00 0.32  ? 18 PHE A CZ   1 
ATOM 315  H H    . PHE A 1 18 ? -4.576  -3.527  9.366   1.00 0.25  ? 18 PHE A H    1 
ATOM 316  H HA   . PHE A 1 18 ? -4.905  -0.978  8.079   1.00 0.24  ? 18 PHE A HA   1 
ATOM 317  H HB2  . PHE A 1 18 ? -6.502  -2.314  9.576   1.00 0.26  ? 18 PHE A HB2  1 
ATOM 318  H HB3  . PHE A 1 18 ? -5.580  -1.691  10.944  1.00 0.26  ? 18 PHE A HB3  1 
ATOM 319  H HD1  . PHE A 1 18 ? -5.409  0.801   11.296  1.00 2.20  ? 18 PHE A HD1  1 
ATOM 320  H HD2  . PHE A 1 18 ? -8.073  -0.945  8.415   1.00 2.12  ? 18 PHE A HD2  1 
ATOM 321  H HE1  . PHE A 1 18 ? -6.686  2.923   11.191  1.00 2.24  ? 18 PHE A HE1  1 
ATOM 322  H HE2  . PHE A 1 18 ? -9.351  1.178   8.309   1.00 2.10  ? 18 PHE A HE2  1 
ATOM 323  H HZ   . PHE A 1 18 ? -8.657  3.113   9.697   1.00 0.36  ? 18 PHE A HZ   1 
ATOM 324  N N    . GLN A 1 19 ? -3.560  0.751   9.430   1.00 0.27  ? 19 GLN A N    1 
ATOM 325  C CA   . GLN A 1 19 ? -2.571  1.677   10.080  1.00 0.31  ? 19 GLN A CA   1 
ATOM 326  C C    . GLN A 1 19 ? -1.140  1.148   9.915   1.00 0.31  ? 19 GLN A C    1 
ATOM 327  O O    . GLN A 1 19 ? -0.332  1.233   10.821  1.00 0.37  ? 19 GLN A O    1 
ATOM 328  C CB   . GLN A 1 19 ? -2.960  1.717   11.561  1.00 0.34  ? 19 GLN A CB   1 
ATOM 329  C CG   . GLN A 1 19 ? -3.872  2.920   11.817  1.00 0.77  ? 19 GLN A CG   1 
ATOM 330  C CD   . GLN A 1 19 ? -4.429  2.844   13.240  1.00 1.10  ? 19 GLN A CD   1 
ATOM 331  O OE1  . GLN A 1 19 ? -3.826  2.249   14.110  1.00 1.58  ? 19 GLN A OE1  1 
ATOM 332  N NE2  . GLN A 1 19 ? -5.565  3.427   13.514  1.00 1.49  ? 19 GLN A NE2  1 
ATOM 333  H H    . GLN A 1 19 ? -4.219  1.113   8.802   1.00 0.27  ? 19 GLN A H    1 
ATOM 334  H HA   . GLN A 1 19 ? -2.652  2.665   9.654   1.00 0.34  ? 19 GLN A HA   1 
ATOM 335  H HB2  . GLN A 1 19 ? -3.481  0.808   11.822  1.00 0.59  ? 19 GLN A HB2  1 
ATOM 336  H HB3  . GLN A 1 19 ? -2.070  1.809   12.165  1.00 0.61  ? 19 GLN A HB3  1 
ATOM 337  H HG2  . GLN A 1 19 ? -3.305  3.832   11.699  1.00 1.33  ? 19 GLN A HG2  1 
ATOM 338  H HG3  . GLN A 1 19 ? -4.689  2.909   11.111  1.00 1.18  ? 19 GLN A HG3  1 
ATOM 339  H HE21 . GLN A 1 19 ? -6.051  3.907   12.812  1.00 1.60  ? 19 GLN A HE21 1 
ATOM 340  H HE22 . GLN A 1 19 ? -5.930  3.384   14.422  1.00 1.94  ? 19 GLN A HE22 1 
ATOM 341  N N    . ASP A 1 20 ? -0.805  0.677   8.740   1.00 0.29  ? 20 ASP A N    1 
ATOM 342  C CA   . ASP A 1 20 ? 0.594   0.226   8.480   1.00 0.30  ? 20 ASP A CA   1 
ATOM 343  C C    . ASP A 1 20 ? 1.017   0.612   7.059   1.00 0.29  ? 20 ASP A C    1 
ATOM 344  O O    . ASP A 1 20 ? 0.214   0.621   6.146   1.00 0.54  ? 20 ASP A O    1 
ATOM 345  C CB   . ASP A 1 20 ? 0.557   -1.294  8.634   1.00 0.33  ? 20 ASP A CB   1 
ATOM 346  C CG   . ASP A 1 20 ? 0.962   -1.674  10.059  1.00 0.72  ? 20 ASP A CG   1 
ATOM 347  O OD1  . ASP A 1 20 ? 2.145   -1.870  10.285  1.00 1.35  ? 20 ASP A OD1  1 
ATOM 348  O OD2  . ASP A 1 20 ? 0.084   -1.762  10.901  1.00 1.38  ? 20 ASP A OD2  1 
ATOM 349  H H    . ASP A 1 20 ? -1.461  0.673   8.013   1.00 0.29  ? 20 ASP A H    1 
ATOM 350  H HA   . ASP A 1 20 ? 1.270   0.654   9.204   1.00 0.33  ? 20 ASP A HA   1 
ATOM 351  H HB2  . ASP A 1 20 ? -0.443  -1.652  8.436   1.00 0.40  ? 20 ASP A HB2  1 
ATOM 352  H HB3  . ASP A 1 20 ? 1.244   -1.745  7.934   1.00 0.60  ? 20 ASP A HB3  1 
ATOM 353  N N    . VAL A 1 21 ? 2.268   0.950   6.875   1.00 0.26  ? 21 VAL A N    1 
ATOM 354  C CA   . VAL A 1 21 ? 2.748   1.360   5.520   1.00 0.24  ? 21 VAL A CA   1 
ATOM 355  C C    . VAL A 1 21 ? 3.300   0.142   4.771   1.00 0.24  ? 21 VAL A C    1 
ATOM 356  O O    . VAL A 1 21 ? 4.231   -0.501  5.219   1.00 0.36  ? 21 VAL A O    1 
ATOM 357  C CB   . VAL A 1 21 ? 3.856   2.387   5.777   1.00 0.28  ? 21 VAL A CB   1 
ATOM 358  C CG1  . VAL A 1 21 ? 4.405   2.902   4.444   1.00 0.29  ? 21 VAL A CG1  1 
ATOM 359  C CG2  . VAL A 1 21 ? 3.291   3.564   6.579   1.00 0.31  ? 21 VAL A CG2  1 
ATOM 360  H H    . VAL A 1 21 ? 2.890   0.947   7.632   1.00 0.45  ? 21 VAL A H    1 
ATOM 361  H HA   . VAL A 1 21 ? 1.946   1.814   4.960   1.00 0.23  ? 21 VAL A HA   1 
ATOM 362  H HB   . VAL A 1 21 ? 4.655   1.919   6.337   1.00 0.30  ? 21 VAL A HB   1 
ATOM 363  H HG11 . VAL A 1 21 ? 5.462   3.100   4.541   1.00 1.09  ? 21 VAL A HG11 1 
ATOM 364  H HG12 . VAL A 1 21 ? 3.893   3.814   4.172   1.00 0.99  ? 21 VAL A HG12 1 
ATOM 365  H HG13 . VAL A 1 21 ? 4.248   2.160   3.676   1.00 1.04  ? 21 VAL A HG13 1 
ATOM 366  H HG21 . VAL A 1 21 ? 2.236   3.665   6.375   1.00 1.07  ? 21 VAL A HG21 1 
ATOM 367  H HG22 . VAL A 1 21 ? 3.801   4.472   6.292   1.00 1.03  ? 21 VAL A HG22 1 
ATOM 368  H HG23 . VAL A 1 21 ? 3.439   3.387   7.634   1.00 1.07  ? 21 VAL A HG23 1 
ATOM 369  N N    . GLY A 1 22 ? 2.766   -0.142  3.610   1.00 0.18  ? 22 GLY A N    1 
ATOM 370  C CA   . GLY A 1 22 ? 3.292   -1.277  2.796   1.00 0.21  ? 22 GLY A CA   1 
ATOM 371  C C    . GLY A 1 22 ? 3.982   -0.730  1.544   1.00 0.21  ? 22 GLY A C    1 
ATOM 372  O O    . GLY A 1 22 ? 4.173   0.464   1.403   1.00 0.27  ? 22 GLY A O    1 
ATOM 373  H H    . GLY A 1 22 ? 2.043   0.417   3.257   1.00 0.19  ? 22 GLY A H    1 
ATOM 374  H HA2  . GLY A 1 22 ? 4.001   -1.842  3.382   1.00 0.24  ? 22 GLY A HA2  1 
ATOM 375  H HA3  . GLY A 1 22 ? 2.475   -1.917  2.501   1.00 0.24  ? 22 GLY A HA3  1 
ATOM 376  N N    . THR A 1 23 ? 4.337   -1.593  0.628   1.00 0.19  ? 23 THR A N    1 
ATOM 377  C CA   . THR A 1 23 ? 4.993   -1.131  -0.631  1.00 0.20  ? 23 THR A CA   1 
ATOM 378  C C    . THR A 1 23 ? 4.194   -1.604  -1.849  1.00 0.18  ? 23 THR A C    1 
ATOM 379  O O    . THR A 1 23 ? 3.683   -2.708  -1.876  1.00 0.20  ? 23 THR A O    1 
ATOM 380  C CB   . THR A 1 23 ? 6.380   -1.778  -0.616  1.00 0.23  ? 23 THR A CB   1 
ATOM 381  O OG1  . THR A 1 23 ? 6.980   -1.575  0.657   1.00 0.28  ? 23 THR A OG1  1 
ATOM 382  C CG2  . THR A 1 23 ? 7.252   -1.145  -1.701  1.00 0.29  ? 23 THR A CG2  1 
ATOM 383  H H    . THR A 1 23 ? 4.156   -2.548  0.761   1.00 0.21  ? 23 THR A H    1 
ATOM 384  H HA   . THR A 1 23 ? 5.087   -0.057  -0.635  1.00 0.23  ? 23 THR A HA   1 
ATOM 385  H HB   . THR A 1 23 ? 6.286   -2.836  -0.805  1.00 0.24  ? 23 THR A HB   1 
ATOM 386  H HG1  . THR A 1 23 ? 7.161   -2.437  1.040   1.00 0.60  ? 23 THR A HG1  1 
ATOM 387  H HG21 . THR A 1 23 ? 7.758   -0.281  -1.297  1.00 0.96  ? 23 THR A HG21 1 
ATOM 388  H HG22 . THR A 1 23 ? 6.632   -0.844  -2.532  1.00 1.11  ? 23 THR A HG22 1 
ATOM 389  H HG23 . THR A 1 23 ? 7.983   -1.865  -2.039  1.00 0.96  ? 23 THR A HG23 1 
ATOM 390  N N    . VAL A 1 24 ? 4.119   -0.789  -2.871  1.00 0.22  ? 24 VAL A N    1 
ATOM 391  C CA   . VAL A 1 24 ? 3.393   -1.199  -4.112  1.00 0.23  ? 24 VAL A CA   1 
ATOM 392  C C    . VAL A 1 24 ? 4.276   -2.131  -4.950  1.00 0.21  ? 24 VAL A C    1 
ATOM 393  O O    . VAL A 1 24 ? 5.347   -1.755  -5.386  1.00 0.25  ? 24 VAL A O    1 
ATOM 394  C CB   . VAL A 1 24 ? 3.115   0.106   -4.865  1.00 0.32  ? 24 VAL A CB   1 
ATOM 395  C CG1  . VAL A 1 24 ? 2.356   -0.196  -6.160  1.00 0.35  ? 24 VAL A CG1  1 
ATOM 396  C CG2  . VAL A 1 24 ? 2.265   1.033   -3.990  1.00 0.39  ? 24 VAL A CG2  1 
ATOM 397  H H    . VAL A 1 24 ? 4.565   0.083   -2.833  1.00 0.27  ? 24 VAL A H    1 
ATOM 398  H HA   . VAL A 1 24 ? 2.464   -1.686  -3.860  1.00 0.25  ? 24 VAL A HA   1 
ATOM 399  H HB   . VAL A 1 24 ? 4.050   0.591   -5.102  1.00 0.34  ? 24 VAL A HB   1 
ATOM 400  H HG11 . VAL A 1 24 ? 2.349   0.683   -6.786  1.00 0.99  ? 24 VAL A HG11 1 
ATOM 401  H HG12 . VAL A 1 24 ? 1.341   -0.480  -5.925  1.00 1.14  ? 24 VAL A HG12 1 
ATOM 402  H HG13 . VAL A 1 24 ? 2.845   -1.006  -6.682  1.00 1.10  ? 24 VAL A HG13 1 
ATOM 403  H HG21 . VAL A 1 24 ? 1.254   0.654   -3.940  1.00 1.12  ? 24 VAL A HG21 1 
ATOM 404  H HG22 . VAL A 1 24 ? 2.256   2.025   -4.417  1.00 1.04  ? 24 VAL A HG22 1 
ATOM 405  H HG23 . VAL A 1 24 ? 2.684   1.073   -2.995  1.00 1.05  ? 24 VAL A HG23 1 
ATOM 406  N N    . ALA A 1 25 ? 3.823   -3.336  -5.184  1.00 0.23  ? 25 ALA A N    1 
ATOM 407  C CA   . ALA A 1 25 ? 4.622   -4.296  -6.004  1.00 0.29  ? 25 ALA A CA   1 
ATOM 408  C C    . ALA A 1 25 ? 4.330   -4.089  -7.493  1.00 0.30  ? 25 ALA A C    1 
ATOM 409  O O    . ALA A 1 25 ? 5.232   -4.037  -8.309  1.00 0.39  ? 25 ALA A O    1 
ATOM 410  C CB   . ALA A 1 25 ? 4.159   -5.682  -5.554  1.00 0.35  ? 25 ALA A CB   1 
ATOM 411  H H    . ALA A 1 25 ? 2.952   -3.608  -4.827  1.00 0.26  ? 25 ALA A H    1 
ATOM 412  H HA   . ALA A 1 25 ? 5.675   -4.176  -5.805  1.00 0.32  ? 25 ALA A HA   1 
ATOM 413  H HB1  . ALA A 1 25 ? 3.080   -5.718  -5.554  1.00 1.10  ? 25 ALA A HB1  1 
ATOM 414  H HB2  . ALA A 1 25 ? 4.526   -5.876  -4.556  1.00 0.99  ? 25 ALA A HB2  1 
ATOM 415  H HB3  . ALA A 1 25 ? 4.545   -6.428  -6.231  1.00 1.02  ? 25 ALA A HB3  1 
ATOM 416  N N    . SER A 1 26 ? 3.077   -3.961  -7.848  1.00 0.26  ? 26 SER A N    1 
ATOM 417  C CA   . SER A 1 26 ? 2.716   -3.742  -9.281  1.00 0.30  ? 26 SER A CA   1 
ATOM 418  C C    . SER A 1 26 ? 1.297   -3.178  -9.389  1.00 0.30  ? 26 SER A C    1 
ATOM 419  O O    . SER A 1 26 ? 0.506   -3.288  -8.472  1.00 0.42  ? 26 SER A O    1 
ATOM 420  C CB   . SER A 1 26 ? 2.793   -5.126  -9.923  1.00 0.39  ? 26 SER A CB   1 
ATOM 421  O OG   . SER A 1 26 ? 3.209   -4.993  -11.276 1.00 1.29  ? 26 SER A OG   1 
ATOM 422  H H    . SER A 1 26 ? 2.371   -3.998  -7.168  1.00 0.26  ? 26 SER A H    1 
ATOM 423  H HA   . SER A 1 26 ? 3.424   -3.078  -9.750  1.00 0.34  ? 26 SER A HA   1 
ATOM 424  H HB2  . SER A 1 26 ? 3.506   -5.733  -9.392  1.00 1.16  ? 26 SER A HB2  1 
ATOM 425  H HB3  . SER A 1 26 ? 1.820   -5.597  -9.878  1.00 1.14  ? 26 SER A HB3  1 
ATOM 426  H HG   . SER A 1 26 ? 4.053   -5.440  -11.373 1.00 1.65  ? 26 SER A HG   1 
ATOM 427  N N    . VAL A 1 27 ? 0.963   -2.607  -10.518 1.00 0.39  ? 27 VAL A N    1 
ATOM 428  C CA   . VAL A 1 27 ? -0.418  -2.068  -10.713 1.00 0.47  ? 27 VAL A CA   1 
ATOM 429  C C    . VAL A 1 27 ? -1.074  -2.748  -11.918 1.00 0.53  ? 27 VAL A C    1 
ATOM 430  O O    . VAL A 1 27 ? -0.595  -2.652  -13.032 1.00 0.69  ? 27 VAL A O    1 
ATOM 431  C CB   . VAL A 1 27 ? -0.232  -0.566  -10.969 1.00 0.59  ? 27 VAL A CB   1 
ATOM 432  C CG1  . VAL A 1 27 ? -1.598  0.099   -11.175 1.00 0.71  ? 27 VAL A CG1  1 
ATOM 433  C CG2  . VAL A 1 27 ? 0.466   0.081   -9.766  1.00 0.62  ? 27 VAL A CG2  1 
ATOM 434  H H    . VAL A 1 27 ? 1.613   -2.555  -11.250 1.00 0.51  ? 27 VAL A H    1 
ATOM 435  H HA   . VAL A 1 27 ? -1.010  -2.221  -9.824  1.00 0.45  ? 27 VAL A HA   1 
ATOM 436  H HB   . VAL A 1 27 ? 0.372   -0.426  -11.854 1.00 0.63  ? 27 VAL A HB   1 
ATOM 437  H HG11 . VAL A 1 27 ? -2.308  -0.632  -11.530 1.00 1.24  ? 27 VAL A HG11 1 
ATOM 438  H HG12 . VAL A 1 27 ? -1.505  0.892   -11.903 1.00 1.29  ? 27 VAL A HG12 1 
ATOM 439  H HG13 . VAL A 1 27 ? -1.944  0.510   -10.238 1.00 1.18  ? 27 VAL A HG13 1 
ATOM 440  H HG21 . VAL A 1 27 ? -0.275  0.504   -9.104  1.00 1.06  ? 27 VAL A HG21 1 
ATOM 441  H HG22 . VAL A 1 27 ? 1.126   0.863   -10.111 1.00 1.12  ? 27 VAL A HG22 1 
ATOM 442  H HG23 . VAL A 1 27 ? 1.039   -0.664  -9.235  1.00 1.23  ? 27 VAL A HG23 1 
ATOM 443  N N    . ASP A 1 28 ? -2.179  -3.416  -11.703 1.00 0.55  ? 28 ASP A N    1 
ATOM 444  C CA   . ASP A 1 28 ? -2.888  -4.087  -12.833 1.00 0.67  ? 28 ASP A CA   1 
ATOM 445  C C    . ASP A 1 28 ? -4.031  -3.201  -13.341 1.00 0.84  ? 28 ASP A C    1 
ATOM 446  O O    . ASP A 1 28 ? -4.882  -2.777  -12.582 1.00 1.12  ? 28 ASP A O    1 
ATOM 447  C CB   . ASP A 1 28 ? -3.440  -5.384  -12.241 1.00 0.81  ? 28 ASP A CB   1 
ATOM 448  C CG   . ASP A 1 28 ? -3.478  -6.464  -13.325 1.00 1.00  ? 28 ASP A CG   1 
ATOM 449  O OD1  . ASP A 1 28 ? -4.257  -6.318  -14.252 1.00 1.45  ? 28 ASP A OD1  1 
ATOM 450  O OD2  . ASP A 1 28 ? -2.727  -7.419  -13.208 1.00 1.57  ? 28 ASP A OD2  1 
ATOM 451  H H    . ASP A 1 28 ? -2.551  -3.465  -10.798 1.00 0.61  ? 28 ASP A H    1 
ATOM 452  H HA   . ASP A 1 28 ? -2.200  -4.309  -13.633 1.00 0.80  ? 28 ASP A HA   1 
ATOM 453  H HB2  . ASP A 1 28 ? -2.803  -5.708  -11.431 1.00 0.91  ? 28 ASP A HB2  1 
ATOM 454  H HB3  . ASP A 1 28 ? -4.439  -5.215  -11.870 1.00 0.92  ? 28 ASP A HB3  1 
ATOM 455  N N    . GLN A 1 29 ? -4.067  -2.945  -14.624 1.00 1.11  ? 29 GLN A N    1 
ATOM 456  C CA   . GLN A 1 29 ? -5.169  -2.115  -15.197 1.00 1.39  ? 29 GLN A CA   1 
ATOM 457  C C    . GLN A 1 29 ? -6.025  -2.956  -16.148 1.00 1.29  ? 29 GLN A C    1 
ATOM 458  O O    . GLN A 1 29 ? -5.865  -2.901  -17.352 1.00 1.50  ? 29 GLN A O    1 
ATOM 459  C CB   . GLN A 1 29 ? -4.464  -0.994  -15.961 1.00 1.87  ? 29 GLN A CB   1 
ATOM 460  C CG   . GLN A 1 29 ? -5.341  0.260   -15.955 1.00 2.50  ? 29 GLN A CG   1 
ATOM 461  C CD   . GLN A 1 29 ? -4.469  1.495   -16.186 1.00 3.11  ? 29 GLN A CD   1 
ATOM 462  O OE1  . GLN A 1 29 ? -3.488  1.697   -15.498 1.00 3.53  ? 29 GLN A OE1  1 
ATOM 463  N NE2  . GLN A 1 29 ? -4.787  2.336   -17.131 1.00 3.64  ? 29 GLN A NE2  1 
ATOM 464  H H    . GLN A 1 29 ? -3.379  -3.317  -15.216 1.00 1.32  ? 29 GLN A H    1 
ATOM 465  H HA   . GLN A 1 29 ? -5.777  -1.699  -14.410 1.00 1.57  ? 29 GLN A HA   1 
ATOM 466  H HB2  . GLN A 1 29 ? -3.518  -0.775  -15.487 1.00 2.13  ? 29 GLN A HB2  1 
ATOM 467  H HB3  . GLN A 1 29 ? -4.291  -1.306  -16.981 1.00 2.05  ? 29 GLN A HB3  1 
ATOM 468  H HG2  . GLN A 1 29 ? -6.078  0.186   -16.742 1.00 2.88  ? 29 GLN A HG2  1 
ATOM 469  H HG3  . GLN A 1 29 ? -5.839  0.346   -15.001 1.00 2.73  ? 29 GLN A HG3  1 
ATOM 470  H HE21 . GLN A 1 29 ? -5.578  2.173   -17.686 1.00 3.75  ? 29 GLN A HE21 1 
ATOM 471  H HE22 . GLN A 1 29 ? -4.235  3.130   -17.287 1.00 4.16  ? 29 GLN A HE22 1 
ATOM 472  N N    . SER A 1 30 ? -6.949  -3.714  -15.613 1.00 1.32  ? 30 SER A N    1 
ATOM 473  C CA   . SER A 1 30 ? -7.841  -4.541  -16.478 1.00 1.42  ? 30 SER A CA   1 
ATOM 474  C C    . SER A 1 30 ? -9.248  -4.606  -15.880 1.00 1.66  ? 30 SER A C    1 
ATOM 475  O O    . SER A 1 30 ? -10.235 -4.429  -16.571 1.00 2.35  ? 30 SER A O    1 
ATOM 476  C CB   . SER A 1 30 ? -7.202  -5.929  -16.494 1.00 1.50  ? 30 SER A CB   1 
ATOM 477  O OG   . SER A 1 30 ? -6.113  -5.934  -17.410 1.00 2.00  ? 30 SER A OG   1 
ATOM 478  H H    . SER A 1 30 ? -7.068  -3.724  -14.640 1.00 1.50  ? 30 SER A H    1 
ATOM 479  H HA   . SER A 1 30 ? -7.875  -4.139  -17.479 1.00 1.52  ? 30 SER A HA   1 
ATOM 480  H HB2  . SER A 1 30 ? -6.837  -6.171  -15.510 1.00 1.82  ? 30 SER A HB2  1 
ATOM 481  H HB3  . SER A 1 30 ? -7.940  -6.661  -16.792 1.00 1.84  ? 30 SER A HB3  1 
ATOM 482  H HG   . SER A 1 30 ? -6.155  -6.749  -17.915 1.00 2.28  ? 30 SER A HG   1 
ATOM 483  N N    . GLY A 1 31 ? -9.344  -4.834  -14.594 1.00 1.55  ? 31 GLY A N    1 
ATOM 484  C CA   . GLY A 1 31 ? -10.683 -4.885  -13.935 1.00 1.78  ? 31 GLY A CA   1 
ATOM 485  C C    . GLY A 1 31 ? -10.635 -5.855  -12.754 1.00 1.47  ? 31 GLY A C    1 
ATOM 486  O O    . GLY A 1 31 ? -11.035 -6.999  -12.865 1.00 1.71  ? 31 GLY A O    1 
ATOM 487  H H    . GLY A 1 31 ? -8.533  -4.957  -14.059 1.00 1.74  ? 31 GLY A H    1 
ATOM 488  H HA2  . GLY A 1 31 ? -10.946 -3.897  -13.581 1.00 1.97  ? 31 GLY A HA2  1 
ATOM 489  H HA3  . GLY A 1 31 ? -11.422 -5.222  -14.644 1.00 2.13  ? 31 GLY A HA3  1 
ATOM 490  N N    . ILE A 1 32 ? -10.172 -5.398  -11.618 1.00 1.10  ? 32 ILE A N    1 
ATOM 491  C CA   . ILE A 1 32 ? -10.121 -6.281  -10.413 1.00 0.84  ? 32 ILE A CA   1 
ATOM 492  C C    . ILE A 1 32 ? -10.604 -5.518  -9.175  1.00 0.68  ? 32 ILE A C    1 
ATOM 493  O O    . ILE A 1 32 ? -10.692 -4.305  -9.180  1.00 0.82  ? 32 ILE A O    1 
ATOM 494  C CB   . ILE A 1 32 ? -8.647  -6.681  -10.265 1.00 0.75  ? 32 ILE A CB   1 
ATOM 495  C CG1  . ILE A 1 32 ? -7.777  -5.427  -10.114 1.00 0.72  ? 32 ILE A CG1  1 
ATOM 496  C CG2  . ILE A 1 32 ? -8.204  -7.456  -11.506 1.00 0.99  ? 32 ILE A CG2  1 
ATOM 497  C CD1  . ILE A 1 32 ? -6.338  -5.840  -9.803  1.00 0.82  ? 32 ILE A CD1  1 
ATOM 498  H H    . ILE A 1 32 ? -9.873  -4.467  -11.553 1.00 1.17  ? 32 ILE A H    1 
ATOM 499  H HA   . ILE A 1 32 ? -10.725 -7.161  -10.569 1.00 1.03  ? 32 ILE A HA   1 
ATOM 500  H HB   . ILE A 1 32 ? -8.532  -7.307  -9.393  1.00 0.78  ? 32 ILE A HB   1 
ATOM 501  H HG12 . ILE A 1 32 ? -7.799  -4.860  -11.034 1.00 0.87  ? 32 ILE A HG12 1 
ATOM 502  H HG13 . ILE A 1 32 ? -8.157  -4.819  -9.307  1.00 0.74  ? 32 ILE A HG13 1 
ATOM 503  H HG21 . ILE A 1 32 ? -9.039  -8.018  -11.899 1.00 1.22  ? 32 ILE A HG21 1 
ATOM 504  H HG22 . ILE A 1 32 ? -7.407  -8.135  -11.242 1.00 1.33  ? 32 ILE A HG22 1 
ATOM 505  H HG23 . ILE A 1 32 ? -7.853  -6.764  -12.258 1.00 1.68  ? 32 ILE A HG23 1 
ATOM 506  H HD11 . ILE A 1 32 ? -5.747  -4.959  -9.597  1.00 1.34  ? 32 ILE A HD11 1 
ATOM 507  H HD12 . ILE A 1 32 ? -5.921  -6.361  -10.653 1.00 1.41  ? 32 ILE A HD12 1 
ATOM 508  H HD13 . ILE A 1 32 ? -6.327  -6.490  -8.941  1.00 1.25  ? 32 ILE A HD13 1 
ATOM 509  N N    . LYS A 1 33 ? -10.938 -6.225  -8.125  1.00 0.54  ? 33 LYS A N    1 
ATOM 510  C CA   . LYS A 1 33 ? -11.442 -5.550  -6.887  1.00 0.58  ? 33 LYS A CA   1 
ATOM 511  C C    . LYS A 1 33 ? -10.387 -4.581  -6.339  1.00 0.51  ? 33 LYS A C    1 
ATOM 512  O O    . LYS A 1 33 ? -10.713 -3.592  -5.709  1.00 0.67  ? 33 LYS A O    1 
ATOM 513  C CB   . LYS A 1 33 ? -11.714 -6.679  -5.886  1.00 0.69  ? 33 LYS A CB   1 
ATOM 514  C CG   . LYS A 1 33 ? -10.432 -7.479  -5.630  1.00 0.70  ? 33 LYS A CG   1 
ATOM 515  C CD   . LYS A 1 33 ? -10.632 -8.392  -4.420  1.00 0.95  ? 33 LYS A CD   1 
ATOM 516  C CE   . LYS A 1 33 ? -11.613 -9.512  -4.781  1.00 1.69  ? 33 LYS A CE   1 
ATOM 517  N NZ   . LYS A 1 33 ? -12.440 -9.707  -3.558  1.00 2.12  ? 33 LYS A NZ   1 
ATOM 518  H H    . LYS A 1 33 ? -10.872 -7.203  -8.157  1.00 0.60  ? 33 LYS A H    1 
ATOM 519  H HA   . LYS A 1 33 ? -12.358 -5.022  -7.100  1.00 0.73  ? 33 LYS A HA   1 
ATOM 520  H HB2  . LYS A 1 33 ? -12.064 -6.256  -4.955  1.00 0.84  ? 33 LYS A HB2  1 
ATOM 521  H HB3  . LYS A 1 33 ? -12.471 -7.338  -6.285  1.00 0.73  ? 33 LYS A HB3  1 
ATOM 522  H HG2  . LYS A 1 33 ? -10.201 -8.077  -6.499  1.00 0.77  ? 33 LYS A HG2  1 
ATOM 523  H HG3  . LYS A 1 33 ? -9.617  -6.799  -5.434  1.00 0.90  ? 33 LYS A HG3  1 
ATOM 524  H HD2  . LYS A 1 33 ? -9.684  -8.822  -4.132  1.00 1.53  ? 33 LYS A HD2  1 
ATOM 525  H HD3  . LYS A 1 33 ? -11.032 -7.819  -3.597  1.00 1.19  ? 33 LYS A HD3  1 
ATOM 526  H HE2  . LYS A 1 33 ? -12.232 -9.212  -5.615  1.00 2.10  ? 33 LYS A HE2  1 
ATOM 527  H HE3  . LYS A 1 33 ? -11.077 -10.419 -5.015  1.00 2.28  ? 33 LYS A HE3  1 
ATOM 528  H HZ1  . LYS A 1 33 ? -13.053 -8.880  -3.419  1.00 2.64  ? 33 LYS A HZ1  1 
ATOM 529  H HZ2  . LYS A 1 33 ? -11.816 -9.820  -2.732  1.00 2.22  ? 33 LYS A HZ2  1 
ATOM 530  H HZ3  . LYS A 1 33 ? -13.026 -10.558 -3.668  1.00 2.49  ? 33 LYS A HZ3  1 
ATOM 531  N N    . TYR A 1 34 ? -9.132  -4.834  -6.614  1.00 0.38  ? 34 TYR A N    1 
ATOM 532  C CA   . TYR A 1 34 ? -8.057  -3.903  -6.156  1.00 0.32  ? 34 TYR A CA   1 
ATOM 533  C C    . TYR A 1 34 ? -7.013  -3.710  -7.268  1.00 0.33  ? 34 TYR A C    1 
ATOM 534  O O    . TYR A 1 34 ? -6.114  -4.516  -7.408  1.00 0.35  ? 34 TYR A O    1 
ATOM 535  C CB   . TYR A 1 34 ? -7.428  -4.591  -4.943  1.00 0.29  ? 34 TYR A CB   1 
ATOM 536  C CG   . TYR A 1 34 ? -8.447  -4.694  -3.833  1.00 0.32  ? 34 TYR A CG   1 
ATOM 537  C CD1  . TYR A 1 34 ? -9.106  -3.545  -3.375  1.00 1.11  ? 34 TYR A CD1  1 
ATOM 538  C CD2  . TYR A 1 34 ? -8.733  -5.939  -3.260  1.00 1.22  ? 34 TYR A CD2  1 
ATOM 539  C CE1  . TYR A 1 34 ? -10.050 -3.643  -2.345  1.00 1.14  ? 34 TYR A CE1  1 
ATOM 540  C CE2  . TYR A 1 34 ? -9.677  -6.036  -2.231  1.00 1.23  ? 34 TYR A CE2  1 
ATOM 541  C CZ   . TYR A 1 34 ? -10.335 -4.888  -1.773  1.00 0.46  ? 34 TYR A CZ   1 
ATOM 542  O OH   . TYR A 1 34 ? -11.265 -4.984  -0.759  1.00 0.55  ? 34 TYR A OH   1 
ATOM 543  H H    . TYR A 1 34 ? -8.899  -5.619  -7.152  1.00 0.44  ? 34 TYR A H    1 
ATOM 544  H HA   . TYR A 1 34 ? -8.479  -2.954  -5.864  1.00 0.31  ? 34 TYR A HA   1 
ATOM 545  H HB2  . TYR A 1 34 ? -7.099  -5.581  -5.223  1.00 0.33  ? 34 TYR A HB2  1 
ATOM 546  H HB3  . TYR A 1 34 ? -6.583  -4.013  -4.602  1.00 0.27  ? 34 TYR A HB3  1 
ATOM 547  H HD1  . TYR A 1 34 ? -8.886  -2.586  -3.817  1.00 1.93  ? 34 TYR A HD1  1 
ATOM 548  H HD2  . TYR A 1 34 ? -8.225  -6.825  -3.612  1.00 2.06  ? 34 TYR A HD2  1 
ATOM 549  H HE1  . TYR A 1 34 ? -10.558 -2.757  -1.993  1.00 1.97  ? 34 TYR A HE1  1 
ATOM 550  H HE2  . TYR A 1 34 ? -9.897  -6.997  -1.788  1.00 2.07  ? 34 TYR A HE2  1 
ATOM 551  H HH   . TYR A 1 34 ? -11.018 -4.362  -0.070  1.00 0.97  ? 34 TYR A HH   1 
ATOM 552  N N    . PRO A 1 35 ? -7.159  -2.644  -8.032  1.00 0.36  ? 35 PRO A N    1 
ATOM 553  C CA   . PRO A 1 35 ? -6.202  -2.364  -9.141  1.00 0.41  ? 35 PRO A CA   1 
ATOM 554  C C    . PRO A 1 35 ? -4.751  -2.374  -8.637  1.00 0.38  ? 35 PRO A C    1 
ATOM 555  O O    . PRO A 1 35 ? -3.850  -2.799  -9.334  1.00 0.52  ? 35 PRO A O    1 
ATOM 556  C CB   . PRO A 1 35 ? -6.594  -0.964  -9.610  1.00 0.43  ? 35 PRO A CB   1 
ATOM 557  C CG   . PRO A 1 35 ? -8.025  -0.813  -9.212  1.00 0.44  ? 35 PRO A CG   1 
ATOM 558  C CD   . PRO A 1 35 ? -8.209  -1.613  -7.951  1.00 0.37  ? 35 PRO A CD   1 
ATOM 559  H HA   . PRO A 1 35 ? -6.331  -3.072  -9.944  1.00 0.46  ? 35 PRO A HA   1 
ATOM 560  H HB2  . PRO A 1 35 ? -5.983  -0.220  -9.120  1.00 0.41  ? 35 PRO A HB2  1 
ATOM 561  H HB3  . PRO A 1 35 ? -6.499  -0.886  -10.682 1.00 0.50  ? 35 PRO A HB3  1 
ATOM 562  H HG2  . PRO A 1 35 ? -8.248  0.230   -9.028  1.00 0.45  ? 35 PRO A HG2  1 
ATOM 563  H HG3  . PRO A 1 35 ? -8.669  -1.200  -9.986  1.00 0.49  ? 35 PRO A HG3  1 
ATOM 564  H HD2  . PRO A 1 35 ? -8.066  -0.986  -7.081  1.00 0.34  ? 35 PRO A HD2  1 
ATOM 565  H HD3  . PRO A 1 35 ? -9.184  -2.076  -7.933  1.00 0.40  ? 35 PRO A HD3  1 
ATOM 566  N N    . VAL A 1 36 ? -4.510  -1.796  -7.486  1.00 0.24  ? 36 VAL A N    1 
ATOM 567  C CA   . VAL A 1 36 ? -3.104  -1.645  -7.000  1.00 0.24  ? 36 VAL A CA   1 
ATOM 568  C C    . VAL A 1 36 ? -2.745  -2.806  -6.067  1.00 0.23  ? 36 VAL A C    1 
ATOM 569  O O    . VAL A 1 36 ? -3.529  -3.204  -5.227  1.00 0.42  ? 36 VAL A O    1 
ATOM 570  C CB   . VAL A 1 36 ? -3.080  -0.313  -6.241  1.00 0.26  ? 36 VAL A CB   1 
ATOM 571  C CG1  . VAL A 1 36 ? -1.665  -0.036  -5.725  1.00 0.31  ? 36 VAL A CG1  1 
ATOM 572  C CG2  . VAL A 1 36 ? -3.503  0.823   -7.179  1.00 0.29  ? 36 VAL A CG2  1 
ATOM 573  H H    . VAL A 1 36 ? -5.245  -1.382  -6.987  1.00 0.21  ? 36 VAL A H    1 
ATOM 574  H HA   . VAL A 1 36 ? -2.421  -1.606  -7.833  1.00 0.29  ? 36 VAL A HA   1 
ATOM 575  H HB   . VAL A 1 36 ? -3.763  -0.364  -5.404  1.00 0.24  ? 36 VAL A HB   1 
ATOM 576  H HG11 . VAL A 1 36 ? -1.142  -0.970  -5.583  1.00 1.11  ? 36 VAL A HG11 1 
ATOM 577  H HG12 . VAL A 1 36 ? -1.721  0.491   -4.784  1.00 1.00  ? 36 VAL A HG12 1 
ATOM 578  H HG13 . VAL A 1 36 ? -1.132  0.569   -6.444  1.00 1.07  ? 36 VAL A HG13 1 
ATOM 579  H HG21 . VAL A 1 36 ? -3.218  0.579   -8.191  1.00 1.05  ? 36 VAL A HG21 1 
ATOM 580  H HG22 . VAL A 1 36 ? -3.016  1.739   -6.878  1.00 1.07  ? 36 VAL A HG22 1 
ATOM 581  H HG23 . VAL A 1 36 ? -4.575  0.952   -7.127  1.00 0.99  ? 36 VAL A HG23 1 
ATOM 582  N N    . ILE A 1 37 ? -1.543  -3.315  -6.179  1.00 0.25  ? 37 ILE A N    1 
ATOM 583  C CA   . ILE A 1 37 ? -1.099  -4.412  -5.266  1.00 0.26  ? 37 ILE A CA   1 
ATOM 584  C C    . ILE A 1 37 ? -0.212  -3.838  -4.156  1.00 0.24  ? 37 ILE A C    1 
ATOM 585  O O    . ILE A 1 37 ? 0.679   -3.048  -4.410  1.00 0.38  ? 37 ILE A O    1 
ATOM 586  C CB   . ILE A 1 37 ? -0.304  -5.375  -6.155  1.00 0.30  ? 37 ILE A CB   1 
ATOM 587  C CG1  . ILE A 1 37 ? -1.211  -5.912  -7.271  1.00 0.35  ? 37 ILE A CG1  1 
ATOM 588  C CG2  . ILE A 1 37 ? 0.211   -6.547  -5.316  1.00 0.34  ? 37 ILE A CG2  1 
ATOM 589  C CD1  . ILE A 1 37 ? -0.401  -6.059  -8.561  1.00 0.83  ? 37 ILE A CD1  1 
ATOM 590  H H    . ILE A 1 37 ? -0.919  -2.950  -6.841  1.00 0.38  ? 37 ILE A H    1 
ATOM 591  H HA   . ILE A 1 37 ? -1.952  -4.918  -4.843  1.00 0.28  ? 37 ILE A HA   1 
ATOM 592  H HB   . ILE A 1 37 ? 0.534   -4.850  -6.592  1.00 0.30  ? 37 ILE A HB   1 
ATOM 593  H HG12 . ILE A 1 37 ? -1.606  -6.875  -6.982  1.00 0.35  ? 37 ILE A HG12 1 
ATOM 594  H HG13 . ILE A 1 37 ? -2.026  -5.224  -7.438  1.00 0.55  ? 37 ILE A HG13 1 
ATOM 595  H HG21 . ILE A 1 37 ? 0.839   -6.172  -4.521  1.00 1.06  ? 37 ILE A HG21 1 
ATOM 596  H HG22 . ILE A 1 37 ? 0.785   -7.215  -5.942  1.00 1.00  ? 37 ILE A HG22 1 
ATOM 597  H HG23 . ILE A 1 37 ? -0.625  -7.082  -4.891  1.00 1.09  ? 37 ILE A HG23 1 
ATOM 598  H HD11 . ILE A 1 37 ? -0.759  -6.914  -9.116  1.00 1.25  ? 37 ILE A HD11 1 
ATOM 599  H HD12 . ILE A 1 37 ? 0.642   -6.200  -8.317  1.00 1.43  ? 37 ILE A HD12 1 
ATOM 600  H HD13 . ILE A 1 37 ? -0.514  -5.168  -9.160  1.00 1.47  ? 37 ILE A HD13 1 
ATOM 601  N N    . VAL A 1 38 ? -0.436  -4.248  -2.934  1.00 0.22  ? 38 VAL A N    1 
ATOM 602  C CA   . VAL A 1 38 ? 0.406   -3.750  -1.804  1.00 0.24  ? 38 VAL A CA   1 
ATOM 603  C C    . VAL A 1 38 ? 1.134   -4.922  -1.137  1.00 0.22  ? 38 VAL A C    1 
ATOM 604  O O    . VAL A 1 38 ? 0.655   -6.041  -1.135  1.00 0.32  ? 38 VAL A O    1 
ATOM 605  C CB   . VAL A 1 38 ? -0.579  -3.097  -0.826  1.00 0.28  ? 38 VAL A CB   1 
ATOM 606  C CG1  . VAL A 1 38 ? 0.184   -2.535  0.376   1.00 0.33  ? 38 VAL A CG1  1 
ATOM 607  C CG2  . VAL A 1 38 ? -1.320  -1.956  -1.530  1.00 0.32  ? 38 VAL A CG2  1 
ATOM 608  H H    . VAL A 1 38 ? -1.150  -4.897  -2.760  1.00 0.32  ? 38 VAL A H    1 
ATOM 609  H HA   . VAL A 1 38 ? 1.115   -3.019  -2.157  1.00 0.27  ? 38 VAL A HA   1 
ATOM 610  H HB   . VAL A 1 38 ? -1.290  -3.835  -0.487  1.00 0.27  ? 38 VAL A HB   1 
ATOM 611  H HG11 . VAL A 1 38 ? 0.267   -3.296  1.137   1.00 1.06  ? 38 VAL A HG11 1 
ATOM 612  H HG12 . VAL A 1 38 ? -0.349  -1.684  0.774   1.00 1.06  ? 38 VAL A HG12 1 
ATOM 613  H HG13 . VAL A 1 38 ? 1.171   -2.227  0.065   1.00 1.02  ? 38 VAL A HG13 1 
ATOM 614  H HG21 . VAL A 1 38 ? -1.786  -2.329  -2.429  1.00 1.00  ? 38 VAL A HG21 1 
ATOM 615  H HG22 . VAL A 1 38 ? -0.618  -1.175  -1.787  1.00 1.08  ? 38 VAL A HG22 1 
ATOM 616  H HG23 . VAL A 1 38 ? -2.076  -1.557  -0.871  1.00 1.05  ? 38 VAL A HG23 1 
ATOM 617  N N    . ARG A 1 39 ? 2.273   -4.663  -0.544  1.00 0.26  ? 39 ARG A N    1 
ATOM 618  C CA   . ARG A 1 39 ? 3.022   -5.747  0.158   1.00 0.28  ? 39 ARG A CA   1 
ATOM 619  C C    . ARG A 1 39 ? 3.171   -5.410  1.644   1.00 0.28  ? 39 ARG A C    1 
ATOM 620  O O    . ARG A 1 39 ? 3.220   -4.255  2.025   1.00 0.45  ? 39 ARG A O    1 
ATOM 621  C CB   . ARG A 1 39 ? 4.391   -5.787  -0.523  1.00 0.34  ? 39 ARG A CB   1 
ATOM 622  C CG   . ARG A 1 39 ? 5.190   -6.979  0.006   1.00 0.45  ? 39 ARG A CG   1 
ATOM 623  C CD   . ARG A 1 39 ? 6.685   -6.730  -0.211  1.00 0.88  ? 39 ARG A CD   1 
ATOM 624  N NE   . ARG A 1 39 ? 7.017   -7.437  -1.487  1.00 1.22  ? 39 ARG A NE   1 
ATOM 625  C CZ   . ARG A 1 39 ? 8.257   -7.778  -1.781  1.00 1.83  ? 39 ARG A CZ   1 
ATOM 626  N NH1  . ARG A 1 39 ? 9.261   -7.474  -0.989  1.00 2.33  ? 39 ARG A NH1  1 
ATOM 627  N NH2  . ARG A 1 39 ? 8.492   -8.431  -2.885  1.00 2.62  ? 39 ARG A NH2  1 
ATOM 628  H H    . ARG A 1 39 ? 2.623   -3.748  -0.541  1.00 0.35  ? 39 ARG A H    1 
ATOM 629  H HA   . ARG A 1 39 ? 2.521   -6.694  0.034   1.00 0.28  ? 39 ARG A HA   1 
ATOM 630  H HB2  . ARG A 1 39 ? 4.258   -5.885  -1.591  1.00 0.43  ? 39 ARG A HB2  1 
ATOM 631  H HB3  . ARG A 1 39 ? 4.925   -4.874  -0.308  1.00 0.39  ? 39 ARG A HB3  1 
ATOM 632  H HG2  . ARG A 1 39 ? 4.994   -7.105  1.060   1.00 0.82  ? 39 ARG A HG2  1 
ATOM 633  H HG3  . ARG A 1 39 ? 4.897   -7.873  -0.525  1.00 0.88  ? 39 ARG A HG3  1 
ATOM 634  H HD2  . ARG A 1 39 ? 6.877   -5.670  -0.304  1.00 1.67  ? 39 ARG A HD2  1 
ATOM 635  H HD3  . ARG A 1 39 ? 7.258   -7.147  0.602   1.00 1.54  ? 39 ARG A HD3  1 
ATOM 636  H HE   . ARG A 1 39 ? 6.299   -7.653  -2.117  1.00 1.79  ? 39 ARG A HE   1 
ATOM 637  H HH11 . ARG A 1 39 ? 9.103   -6.973  -0.140  1.00 2.41  ? 39 ARG A HH11 1 
ATOM 638  H HH12 . ARG A 1 39 ? 10.190  -7.747  -1.239  1.00 3.03  ? 39 ARG A HH12 1 
ATOM 639  H HH21 . ARG A 1 39 ? 7.738   -8.668  -3.497  1.00 2.98  ? 39 ARG A HH21 1 
ATOM 640  H HH22 . ARG A 1 39 ? 9.428   -8.697  -3.120  1.00 3.15  ? 39 ARG A HH22 1 
ATOM 641  N N    . PHE A 1 40 ? 3.257   -6.412  2.483   1.00 0.34  ? 40 PHE A N    1 
ATOM 642  C CA   . PHE A 1 40 ? 3.420   -6.160  3.946   1.00 0.33  ? 40 PHE A CA   1 
ATOM 643  C C    . PHE A 1 40 ? 4.573   -6.998  4.502   1.00 0.36  ? 40 PHE A C    1 
ATOM 644  O O    . PHE A 1 40 ? 5.100   -7.866  3.832   1.00 0.41  ? 40 PHE A O    1 
ATOM 645  C CB   . PHE A 1 40 ? 2.094   -6.593  4.572   1.00 0.31  ? 40 PHE A CB   1 
ATOM 646  C CG   . PHE A 1 40 ? 0.980   -5.719  4.049   1.00 0.31  ? 40 PHE A CG   1 
ATOM 647  C CD1  . PHE A 1 40 ? 1.041   -4.330  4.214   1.00 1.20  ? 40 PHE A CD1  1 
ATOM 648  C CD2  . PHE A 1 40 ? -0.117  -6.298  3.398   1.00 1.29  ? 40 PHE A CD2  1 
ATOM 649  C CE1  . PHE A 1 40 ? 0.008   -3.520  3.728   1.00 1.18  ? 40 PHE A CE1  1 
ATOM 650  C CE2  . PHE A 1 40 ? -1.151  -5.489  2.913   1.00 1.32  ? 40 PHE A CE2  1 
ATOM 651  C CZ   . PHE A 1 40 ? -1.089  -4.100  3.078   1.00 0.35  ? 40 PHE A CZ   1 
ATOM 652  H H    . PHE A 1 40 ? 3.225   -7.333  2.147   1.00 0.51  ? 40 PHE A H    1 
ATOM 653  H HA   . PHE A 1 40 ? 3.590   -5.112  4.131   1.00 0.33  ? 40 PHE A HA   1 
ATOM 654  H HB2  . PHE A 1 40 ? 1.894   -7.623  4.316   1.00 0.32  ? 40 PHE A HB2  1 
ATOM 655  H HB3  . PHE A 1 40 ? 2.153   -6.494  5.646   1.00 0.32  ? 40 PHE A HB3  1 
ATOM 656  H HD1  . PHE A 1 40 ? 1.887   -3.884  4.716   1.00 2.12  ? 40 PHE A HD1  1 
ATOM 657  H HD2  . PHE A 1 40 ? -0.164  -7.369  3.271   1.00 2.20  ? 40 PHE A HD2  1 
ATOM 658  H HE1  . PHE A 1 40 ? 0.056   -2.449  3.856   1.00 2.09  ? 40 PHE A HE1  1 
ATOM 659  H HE2  . PHE A 1 40 ? -1.996  -5.935  2.411   1.00 2.24  ? 40 PHE A HE2  1 
ATOM 660  H HZ   . PHE A 1 40 ? -1.885  -3.475  2.704   1.00 0.38  ? 40 PHE A HZ   1 
ATOM 661  N N    . GLU A 1 41 ? 4.930   -6.779  5.743   1.00 0.46  ? 41 GLU A N    1 
ATOM 662  C CA   . GLU A 1 41 ? 6.005   -7.601  6.375   1.00 0.52  ? 41 GLU A CA   1 
ATOM 663  C C    . GLU A 1 41 ? 5.407   -8.522  7.443   1.00 0.52  ? 41 GLU A C    1 
ATOM 664  O O    . GLU A 1 41 ? 5.909   -9.602  7.693   1.00 0.56  ? 41 GLU A O    1 
ATOM 665  C CB   . GLU A 1 41 ? 6.955   -6.587  7.013   1.00 0.56  ? 41 GLU A CB   1 
ATOM 666  C CG   . GLU A 1 41 ? 8.033   -6.191  6.002   1.00 0.63  ? 41 GLU A CG   1 
ATOM 667  C CD   . GLU A 1 41 ? 8.611   -4.825  6.378   1.00 1.25  ? 41 GLU A CD   1 
ATOM 668  O OE1  . GLU A 1 41 ? 9.493   -4.790  7.221   1.00 1.93  ? 41 GLU A OE1  1 
ATOM 669  O OE2  . GLU A 1 41 ? 8.161   -3.839  5.819   1.00 1.88  ? 41 GLU A OE2  1 
ATOM 670  H H    . GLU A 1 41 ? 4.460   -6.101  6.272   1.00 0.54  ? 41 GLU A H    1 
ATOM 671  H HA   . GLU A 1 41 ? 6.528   -8.178  5.629   1.00 0.54  ? 41 GLU A HA   1 
ATOM 672  H HB2  . GLU A 1 41 ? 6.399   -5.709  7.310   1.00 0.57  ? 41 GLU A HB2  1 
ATOM 673  H HB3  . GLU A 1 41 ? 7.423   -7.026  7.880   1.00 0.60  ? 41 GLU A HB3  1 
ATOM 674  H HG2  . GLU A 1 41 ? 8.820   -6.930  6.008   1.00 0.95  ? 41 GLU A HG2  1 
ATOM 675  H HG3  . GLU A 1 41 ? 7.598   -6.135  5.015   1.00 0.86  ? 41 GLU A HG3  1 
ATOM 676  N N    . LYS A 1 42 ? 4.330   -8.107  8.060   1.00 0.50  ? 42 LYS A N    1 
ATOM 677  C CA   . LYS A 1 42 ? 3.680   -8.959  9.100   1.00 0.53  ? 42 LYS A CA   1 
ATOM 678  C C    . LYS A 1 42 ? 2.644   -9.884  8.454   1.00 0.53  ? 42 LYS A C    1 
ATOM 679  O O    . LYS A 1 42 ? 2.285   -9.717  7.304   1.00 0.68  ? 42 LYS A O    1 
ATOM 680  C CB   . LYS A 1 42 ? 3.001   -7.975  10.052  1.00 0.53  ? 42 LYS A CB   1 
ATOM 681  C CG   . LYS A 1 42 ? 2.703   -8.671  11.382  1.00 0.61  ? 42 LYS A CG   1 
ATOM 682  C CD   . LYS A 1 42 ? 2.566   -7.624  12.487  1.00 1.25  ? 42 LYS A CD   1 
ATOM 683  C CE   . LYS A 1 42 ? 3.939   -7.354  13.109  1.00 1.85  ? 42 LYS A CE   1 
ATOM 684  N NZ   . LYS A 1 42 ? 3.651   -6.952  14.515  1.00 2.82  ? 42 LYS A NZ   1 
ATOM 685  H H    . LYS A 1 42 ? 3.941   -7.238  7.830   1.00 0.48  ? 42 LYS A H    1 
ATOM 686  H HA   . LYS A 1 42 ? 4.420   -9.536  9.633   1.00 0.59  ? 42 LYS A HA   1 
ATOM 687  H HB2  . LYS A 1 42 ? 3.654   -7.132  10.224  1.00 0.54  ? 42 LYS A HB2  1 
ATOM 688  H HB3  . LYS A 1 42 ? 2.075   -7.631  9.613   1.00 0.51  ? 42 LYS A HB3  1 
ATOM 689  H HG2  . LYS A 1 42 ? 1.782   -9.230  11.297  1.00 1.14  ? 42 LYS A HG2  1 
ATOM 690  H HG3  . LYS A 1 42 ? 3.511   -9.344  11.624  1.00 1.08  ? 42 LYS A HG3  1 
ATOM 691  H HD2  . LYS A 1 42 ? 2.173   -6.708  12.069  1.00 1.66  ? 42 LYS A HD2  1 
ATOM 692  H HD3  . LYS A 1 42 ? 1.893   -7.989  13.249  1.00 1.82  ? 42 LYS A HD3  1 
ATOM 693  H HE2  . LYS A 1 42 ? 4.542   -8.250  13.087  1.00 2.04  ? 42 LYS A HE2  1 
ATOM 694  H HE3  . LYS A 1 42 ? 4.436   -6.550  12.590  1.00 2.26  ? 42 LYS A HE3  1 
ATOM 695  H HZ1  . LYS A 1 42 ? 3.307   -7.776  15.047  1.00 3.19  ? 42 LYS A HZ1  1 
ATOM 696  H HZ2  . LYS A 1 42 ? 2.925   -6.206  14.520  1.00 3.22  ? 42 LYS A HZ2  1 
ATOM 697  H HZ3  . LYS A 1 42 ? 4.521   -6.594  14.958  1.00 3.28  ? 42 LYS A HZ3  1 
ATOM 698  N N    . VAL A 1 43 ? 2.112   -10.809 9.212   1.00 0.63  ? 43 VAL A N    1 
ATOM 699  C CA   . VAL A 1 43 ? 1.035   -11.696 8.675   1.00 0.66  ? 43 VAL A CA   1 
ATOM 700  C C    . VAL A 1 43 ? -0.293  -11.407 9.385   1.00 0.63  ? 43 VAL A C    1 
ATOM 701  O O    . VAL A 1 43 ? -0.394  -10.492 10.179  1.00 0.61  ? 43 VAL A O    1 
ATOM 702  C CB   . VAL A 1 43 ? 1.505   -13.127 8.964   1.00 0.75  ? 43 VAL A CB   1 
ATOM 703  C CG1  . VAL A 1 43 ? 2.807   -13.397 8.207   1.00 0.79  ? 43 VAL A CG1  1 
ATOM 704  C CG2  . VAL A 1 43 ? 1.747   -13.310 10.469  1.00 0.77  ? 43 VAL A CG2  1 
ATOM 705  H H    . VAL A 1 43 ? 2.383   -10.886 10.151  1.00 0.82  ? 43 VAL A H    1 
ATOM 706  H HA   . VAL A 1 43 ? 0.928   -11.554 7.612   1.00 0.68  ? 43 VAL A HA   1 
ATOM 707  H HB   . VAL A 1 43 ? 0.749   -13.825 8.633   1.00 0.79  ? 43 VAL A HB   1 
ATOM 708  H HG11 . VAL A 1 43 ? 3.596   -12.782 8.617   1.00 1.30  ? 43 VAL A HG11 1 
ATOM 709  H HG12 . VAL A 1 43 ? 2.671   -13.159 7.162   1.00 1.32  ? 43 VAL A HG12 1 
ATOM 710  H HG13 . VAL A 1 43 ? 3.073   -14.438 8.308   1.00 1.19  ? 43 VAL A HG13 1 
ATOM 711  H HG21 . VAL A 1 43 ? 1.148   -12.601 11.021  1.00 1.26  ? 43 VAL A HG21 1 
ATOM 712  H HG22 . VAL A 1 43 ? 2.791   -13.146 10.689  1.00 1.22  ? 43 VAL A HG22 1 
ATOM 713  H HG23 . VAL A 1 43 ? 1.471   -14.314 10.758  1.00 1.32  ? 43 VAL A HG23 1 
ATOM 714  N N    . ASN A 1 44 ? -1.297  -12.206 9.128   1.00 0.69  ? 44 ASN A N    1 
ATOM 715  C CA   . ASN A 1 44 ? -2.610  -12.011 9.813   1.00 0.69  ? 44 ASN A CA   1 
ATOM 716  C C    . ASN A 1 44 ? -3.158  -13.355 10.306  1.00 0.73  ? 44 ASN A C    1 
ATOM 717  O O    . ASN A 1 44 ? -2.441  -14.336 10.382  1.00 0.79  ? 44 ASN A O    1 
ATOM 718  C CB   . ASN A 1 44 ? -3.534  -11.404 8.749   1.00 0.71  ? 44 ASN A CB   1 
ATOM 719  C CG   . ASN A 1 44 ? -3.649  -12.347 7.543   1.00 0.73  ? 44 ASN A CG   1 
ATOM 720  O OD1  . ASN A 1 44 ? -2.910  -13.305 7.428   1.00 1.23  ? 44 ASN A OD1  1 
ATOM 721  N ND2  . ASN A 1 44 ? -4.556  -12.112 6.634   1.00 0.86  ? 44 ASN A ND2  1 
ATOM 722  H H    . ASN A 1 44 ? -1.180  -12.953 8.504   1.00 0.77  ? 44 ASN A H    1 
ATOM 723  H HA   . ASN A 1 44 ? -2.504  -11.326 10.639  1.00 0.73  ? 44 ASN A HA   1 
ATOM 724  H HB2  . ASN A 1 44 ? -4.514  -11.246 9.174   1.00 0.73  ? 44 ASN A HB2  1 
ATOM 725  H HB3  . ASN A 1 44 ? -3.128  -10.458 8.423   1.00 0.75  ? 44 ASN A HB3  1 
ATOM 726  H HD21 . ASN A 1 44 ? -5.153  -11.341 6.726   1.00 1.29  ? 44 ASN A HD21 1 
ATOM 727  H HD22 . ASN A 1 44 ? -4.639  -12.708 5.861   1.00 0.91  ? 44 ASN A HD22 1 
ATOM 728  N N    . TYR A 1 45 ? -4.417  -13.397 10.661  1.00 0.74  ? 45 TYR A N    1 
ATOM 729  C CA   . TYR A 1 45 ? -5.015  -14.669 11.175  1.00 0.83  ? 45 TYR A CA   1 
ATOM 730  C C    . TYR A 1 45 ? -5.013  -15.736 10.076  1.00 0.92  ? 45 TYR A C    1 
ATOM 731  O O    . TYR A 1 45 ? -4.947  -16.920 10.350  1.00 1.03  ? 45 TYR A O    1 
ATOM 732  C CB   . TYR A 1 45 ? -6.449  -14.311 11.571  1.00 0.83  ? 45 TYR A CB   1 
ATOM 733  C CG   . TYR A 1 45 ? -6.425  -13.288 12.680  1.00 0.77  ? 45 TYR A CG   1 
ATOM 734  C CD1  . TYR A 1 45 ? -5.816  -13.595 13.902  1.00 1.33  ? 45 TYR A CD1  1 
ATOM 735  C CD2  . TYR A 1 45 ? -7.012  -12.032 12.487  1.00 1.37  ? 45 TYR A CD2  1 
ATOM 736  C CE1  . TYR A 1 45 ? -5.793  -12.645 14.931  1.00 1.31  ? 45 TYR A CE1  1 
ATOM 737  C CE2  . TYR A 1 45 ? -6.990  -11.082 13.515  1.00 1.39  ? 45 TYR A CE2  1 
ATOM 738  C CZ   . TYR A 1 45 ? -6.380  -11.389 14.738  1.00 0.77  ? 45 TYR A CZ   1 
ATOM 739  O OH   . TYR A 1 45 ? -6.358  -10.453 15.751  1.00 0.82  ? 45 TYR A OH   1 
ATOM 740  H H    . TYR A 1 45 ? -4.967  -12.586 10.602  1.00 0.72  ? 45 TYR A H    1 
ATOM 741  H HA   . TYR A 1 45 ? -4.471  -15.018 12.038  1.00 0.87  ? 45 TYR A HA   1 
ATOM 742  H HB2  . TYR A 1 45 ? -6.968  -13.904 10.715  1.00 0.83  ? 45 TYR A HB2  1 
ATOM 743  H HB3  . TYR A 1 45 ? -6.960  -15.200 11.912  1.00 0.91  ? 45 TYR A HB3  1 
ATOM 744  H HD1  . TYR A 1 45 ? -5.362  -14.563 14.051  1.00 2.11  ? 45 TYR A HD1  1 
ATOM 745  H HD2  . TYR A 1 45 ? -7.483  -11.796 11.543  1.00 2.13  ? 45 TYR A HD2  1 
ATOM 746  H HE1  . TYR A 1 45 ? -5.323  -12.881 15.874  1.00 2.06  ? 45 TYR A HE1  1 
ATOM 747  H HE2  . TYR A 1 45 ? -7.443  -10.114 13.366  1.00 2.17  ? 45 TYR A HE2  1 
ATOM 748  H HH   . TYR A 1 45 ? -7.031  -10.694 16.392  1.00 1.16  ? 45 TYR A HH   1 
ATOM 749  N N    . SER A 1 46 ? -5.081  -15.324 8.836   1.00 0.91  ? 46 SER A N    1 
ATOM 750  C CA   . SER A 1 46 ? -5.079  -16.308 7.711   1.00 1.03  ? 46 SER A CA   1 
ATOM 751  C C    . SER A 1 46 ? -3.646  -16.742 7.389   1.00 1.05  ? 46 SER A C    1 
ATOM 752  O O    . SER A 1 46 ? -3.411  -17.845 6.935   1.00 1.40  ? 46 SER A O    1 
ATOM 753  C CB   . SER A 1 46 ? -5.691  -15.560 6.528   1.00 1.04  ? 46 SER A CB   1 
ATOM 754  O OG   . SER A 1 46 ? -7.061  -15.293 6.799   1.00 1.16  ? 46 SER A OG   1 
ATOM 755  H H    . SER A 1 46 ? -5.130  -14.364 8.643   1.00 0.85  ? 46 SER A H    1 
ATOM 756  H HA   . SER A 1 46 ? -5.686  -17.165 7.960   1.00 1.14  ? 46 SER A HA   1 
ATOM 757  H HB2  . SER A 1 46 ? -5.171  -14.630 6.379   1.00 0.97  ? 46 SER A HB2  1 
ATOM 758  H HB3  . SER A 1 46 ? -5.602  -16.167 5.635   1.00 1.20  ? 46 SER A HB3  1 
ATOM 759  H HG   . SER A 1 46 ? -7.481  -16.120 7.048   1.00 1.34  ? 46 SER A HG   1 
ATOM 760  N N    . GLY A 1 47 ? -2.688  -15.882 7.632   1.00 0.84  ? 47 GLY A N    1 
ATOM 761  C CA   . GLY A 1 47 ? -1.266  -16.238 7.353   1.00 0.86  ? 47 GLY A CA   1 
ATOM 762  C C    . GLY A 1 47 ? -0.902  -15.812 5.930   1.00 0.78  ? 47 GLY A C    1 
ATOM 763  O O    . GLY A 1 47 ? -0.403  -16.599 5.146   1.00 0.85  ? 47 GLY A O    1 
ATOM 764  H H    . GLY A 1 47 ? -2.906  -15.003 8.004   1.00 0.86  ? 47 GLY A H    1 
ATOM 765  H HA2  . GLY A 1 47 ? -0.624  -15.730 8.059   1.00 0.87  ? 47 GLY A HA2  1 
ATOM 766  H HA3  . GLY A 1 47 ? -1.137  -17.305 7.450   1.00 0.95  ? 47 GLY A HA3  1 
ATOM 767  N N    . ILE A 1 48 ? -1.135  -14.568 5.596   1.00 0.69  ? 55 ILE A N    1 
ATOM 768  C CA   . ILE A 1 48 ? -0.792  -14.075 4.229   1.00 0.59  ? 55 ILE A CA   1 
ATOM 769  C C    . ILE A 1 48 ? 0.354   -13.060 4.310   1.00 0.51  ? 55 ILE A C    1 
ATOM 770  O O    . ILE A 1 48 ? 0.658   -12.540 5.367   1.00 0.55  ? 55 ILE A O    1 
ATOM 771  C CB   . ILE A 1 48 ? -2.071  -13.408 3.710   1.00 0.59  ? 55 ILE A CB   1 
ATOM 772  C CG1  . ILE A 1 48 ? -3.208  -14.434 3.674   1.00 0.73  ? 55 ILE A CG1  1 
ATOM 773  C CG2  . ILE A 1 48 ? -1.836  -12.868 2.296   1.00 0.52  ? 55 ILE A CG2  1 
ATOM 774  C CD1  . ILE A 1 48 ? -4.543  -13.710 3.489   1.00 0.76  ? 55 ILE A CD1  1 
ATOM 775  H H    . ILE A 1 48 ? -1.529  -13.955 6.251   1.00 0.74  ? 55 ILE A H    1 
ATOM 776  H HA   . ILE A 1 48 ? -0.521  -14.899 3.589   1.00 0.62  ? 55 ILE A HA   1 
ATOM 777  H HB   . ILE A 1 48 ? -2.342  -12.592 4.365   1.00 0.60  ? 55 ILE A HB   1 
ATOM 778  H HG12 . ILE A 1 48 ? -3.050  -15.115 2.850   1.00 0.85  ? 55 ILE A HG12 1 
ATOM 779  H HG13 . ILE A 1 48 ? -3.225  -14.985 4.601   1.00 0.92  ? 55 ILE A HG13 1 
ATOM 780  H HG21 . ILE A 1 48 ? -1.365  -11.898 2.356   1.00 1.06  ? 55 ILE A HG21 1 
ATOM 781  H HG22 . ILE A 1 48 ? -2.782  -12.779 1.783   1.00 1.11  ? 55 ILE A HG22 1 
ATOM 782  H HG23 . ILE A 1 48 ? -1.194  -13.547 1.755   1.00 1.20  ? 55 ILE A HG23 1 
ATOM 783  H HD11 . ILE A 1 48 ? -4.463  -12.702 3.870   1.00 1.22  ? 55 ILE A HD11 1 
ATOM 784  H HD12 . ILE A 1 48 ? -5.317  -14.238 4.028   1.00 1.33  ? 55 ILE A HD12 1 
ATOM 785  H HD13 . ILE A 1 48 ? -4.794  -13.679 2.439   1.00 1.28  ? 55 ILE A HD13 1 
ATOM 786  N N    . ASN A 1 49 ? 0.983   -12.773 3.199   1.00 0.47  ? 56 ASN A N    1 
ATOM 787  C CA   . ASN A 1 49 ? 2.105   -11.786 3.200   1.00 0.48  ? 56 ASN A CA   1 
ATOM 788  C C    . ASN A 1 49 ? 1.815   -10.648 2.214   1.00 0.44  ? 56 ASN A C    1 
ATOM 789  O O    . ASN A 1 49 ? 2.098   -9.496  2.485   1.00 0.80  ? 56 ASN A O    1 
ATOM 790  C CB   . ASN A 1 49 ? 3.343   -12.580 2.765   1.00 0.69  ? 56 ASN A CB   1 
ATOM 791  C CG   . ASN A 1 49 ? 3.110   -13.202 1.384   1.00 0.82  ? 56 ASN A CG   1 
ATOM 792  O OD1  . ASN A 1 49 ? 2.248   -14.043 1.221   1.00 1.20  ? 56 ASN A OD1  1 
ATOM 793  N ND2  . ASN A 1 49 ? 3.849   -12.820 0.378   1.00 1.28  ? 56 ASN A ND2  1 
ATOM 794  H H    . ASN A 1 49 ? 0.712   -13.203 2.361   1.00 0.49  ? 56 ASN A H    1 
ATOM 795  H HA   . ASN A 1 49 ? 2.254   -11.391 4.192   1.00 0.58  ? 56 ASN A HA   1 
ATOM 796  H HB2  . ASN A 1 49 ? 4.196   -11.919 2.721   1.00 0.73  ? 56 ASN A HB2  1 
ATOM 797  H HB3  . ASN A 1 49 ? 3.534   -13.365 3.482   1.00 0.85  ? 56 ASN A HB3  1 
ATOM 798  H HD21 . ASN A 1 49 ? 4.544   -12.143 0.509   1.00 1.77  ? 56 ASN A HD21 1 
ATOM 799  H HD22 . ASN A 1 49 ? 3.708   -13.212 -0.510  1.00 1.39  ? 56 ASN A HD22 1 
ATOM 800  N N    . THR A 1 50 ? 1.254   -10.966 1.075   1.00 0.37  ? 57 THR A N    1 
ATOM 801  C CA   . THR A 1 50 ? 0.943   -9.910  0.066   1.00 0.35  ? 57 THR A CA   1 
ATOM 802  C C    . THR A 1 50 ? -0.560  -9.884  -0.226  1.00 0.30  ? 57 THR A C    1 
ATOM 803  O O    . THR A 1 50 ? -1.243  -10.882 -0.098  1.00 0.45  ? 57 THR A O    1 
ATOM 804  C CB   . THR A 1 50 ? 1.726   -10.313 -1.184  1.00 0.50  ? 57 THR A CB   1 
ATOM 805  O OG1  . THR A 1 50 ? 1.593   -11.712 -1.393  1.00 0.61  ? 57 THR A OG1  1 
ATOM 806  C CG2  . THR A 1 50 ? 3.202   -9.960  -1.000  1.00 0.56  ? 57 THR A CG2  1 
ATOM 807  H H    . THR A 1 50 ? 1.037   -11.903 0.883   1.00 0.64  ? 57 THR A H    1 
ATOM 808  H HA   . THR A 1 50 ? 1.277   -8.945  0.415   1.00 0.43  ? 57 THR A HA   1 
ATOM 809  H HB   . THR A 1 50 ? 1.338   -9.782  -2.040  1.00 0.64  ? 57 THR A HB   1 
ATOM 810  H HG1  . THR A 1 50 ? 0.697   -11.883 -1.695  1.00 0.98  ? 57 THR A HG1  1 
ATOM 811  H HG21 . THR A 1 50 ? 3.447   -9.973  0.052   1.00 1.10  ? 57 THR A HG21 1 
ATOM 812  H HG22 . THR A 1 50 ? 3.390   -8.976  -1.401  1.00 1.16  ? 57 THR A HG22 1 
ATOM 813  H HG23 . THR A 1 50 ? 3.813   -10.684 -1.520  1.00 1.23  ? 57 THR A HG23 1 
ATOM 814  N N    . ASN A 1 51 ? -1.069  -8.755  -0.651  1.00 0.23  ? 58 ASN A N    1 
ATOM 815  C CA   . ASN A 1 51 ? -2.521  -8.661  -0.993  1.00 0.21  ? 58 ASN A CA   1 
ATOM 816  C C    . ASN A 1 51 ? -2.743  -7.592  -2.065  1.00 0.19  ? 58 ASN A C    1 
ATOM 817  O O    . ASN A 1 51 ? -1.804  -7.070  -2.637  1.00 0.24  ? 58 ASN A O    1 
ATOM 818  C CB   . ASN A 1 51 ? -3.210  -8.264  0.314   1.00 0.25  ? 58 ASN A CB   1 
ATOM 819  C CG   . ASN A 1 51 ? -3.732  -9.518  1.019   1.00 0.43  ? 58 ASN A CG   1 
ATOM 820  O OD1  . ASN A 1 51 ? -2.987  -10.209 1.685   1.00 1.22  ? 58 ASN A OD1  1 
ATOM 821  N ND2  . ASN A 1 51 ? -4.990  -9.843  0.899   1.00 1.16  ? 58 ASN A ND2  1 
ATOM 822  H H    . ASN A 1 51 ? -0.491  -7.972  -0.768  1.00 0.32  ? 58 ASN A H    1 
ATOM 823  H HA   . ASN A 1 51 ? -2.890  -9.616  -1.330  1.00 0.24  ? 58 ASN A HA   1 
ATOM 824  H HB2  . ASN A 1 51 ? -2.502  -7.758  0.954   1.00 0.33  ? 58 ASN A HB2  1 
ATOM 825  H HB3  . ASN A 1 51 ? -4.036  -7.605  0.099   1.00 0.29  ? 58 ASN A HB3  1 
ATOM 826  H HD21 . ASN A 1 51 ? -5.591  -9.286  0.361   1.00 1.93  ? 58 ASN A HD21 1 
ATOM 827  H HD22 . ASN A 1 51 ? -5.334  -10.644 1.347   1.00 1.24  ? 58 ASN A HD22 1 
ATOM 828  N N    . ASN A 1 52 ? -3.980  -7.253  -2.329  1.00 0.21  ? 59 ASN A N    1 
ATOM 829  C CA   . ASN A 1 52 ? -4.273  -6.206  -3.352  1.00 0.19  ? 59 ASN A CA   1 
ATOM 830  C C    . ASN A 1 52 ? -5.225  -5.154  -2.775  1.00 0.18  ? 59 ASN A C    1 
ATOM 831  O O    . ASN A 1 52 ? -6.240  -5.480  -2.188  1.00 0.26  ? 59 ASN A O    1 
ATOM 832  C CB   . ASN A 1 52 ? -4.939  -6.955  -4.507  1.00 0.26  ? 59 ASN A CB   1 
ATOM 833  C CG   . ASN A 1 52 ? -3.960  -7.979  -5.083  1.00 0.32  ? 59 ASN A CG   1 
ATOM 834  O OD1  . ASN A 1 52 ? -3.499  -8.857  -4.382  1.00 0.41  ? 59 ASN A OD1  1 
ATOM 835  N ND2  . ASN A 1 52 ? -3.619  -7.903  -6.341  1.00 0.58  ? 59 ASN A ND2  1 
ATOM 836  H H    . ASN A 1 52 ? -4.716  -7.682  -1.846  1.00 0.28  ? 59 ASN A H    1 
ATOM 837  H HA   . ASN A 1 52 ? -3.360  -5.742  -3.690  1.00 0.19  ? 59 ASN A HA   1 
ATOM 838  H HB2  . ASN A 1 52 ? -5.822  -7.462  -4.145  1.00 0.29  ? 59 ASN A HB2  1 
ATOM 839  H HB3  . ASN A 1 52 ? -5.217  -6.253  -5.278  1.00 0.38  ? 59 ASN A HB3  1 
ATOM 840  H HD21 . ASN A 1 52 ? -3.991  -7.194  -6.907  1.00 0.78  ? 59 ASN A HD21 1 
ATOM 841  H HD22 . ASN A 1 52 ? -2.993  -8.554  -6.720  1.00 0.66  ? 59 ASN A HD22 1 
ATOM 842  N N    . PHE A 1 53 ? -4.913  -3.896  -2.958  1.00 0.15  ? 60 PHE A N    1 
ATOM 843  C CA   . PHE A 1 53 ? -5.808  -2.815  -2.444  1.00 0.14  ? 60 PHE A CA   1 
ATOM 844  C C    . PHE A 1 53 ? -6.100  -1.798  -3.551  1.00 0.16  ? 60 PHE A C    1 
ATOM 845  O O    . PHE A 1 53 ? -5.347  -1.666  -4.497  1.00 0.21  ? 60 PHE A O    1 
ATOM 846  C CB   . PHE A 1 53 ? -5.023  -2.157  -1.308  1.00 0.15  ? 60 PHE A CB   1 
ATOM 847  C CG   . PHE A 1 53 ? -4.782  -3.167  -0.210  1.00 0.19  ? 60 PHE A CG   1 
ATOM 848  C CD1  . PHE A 1 53 ? -3.779  -4.132  -0.354  1.00 1.24  ? 60 PHE A CD1  1 
ATOM 849  C CD2  . PHE A 1 53 ? -5.563  -3.137  0.952   1.00 1.17  ? 60 PHE A CD2  1 
ATOM 850  C CE1  . PHE A 1 53 ? -3.556  -5.068  0.663   1.00 1.27  ? 60 PHE A CE1  1 
ATOM 851  C CE2  . PHE A 1 53 ? -5.340  -4.073  1.968   1.00 1.17  ? 60 PHE A CE2  1 
ATOM 852  C CZ   . PHE A 1 53 ? -4.336  -5.039  1.823   1.00 0.30  ? 60 PHE A CZ   1 
ATOM 853  H H    . PHE A 1 53 ? -4.099  -3.662  -3.448  1.00 0.20  ? 60 PHE A H    1 
ATOM 854  H HA   . PHE A 1 53 ? -6.725  -3.233  -2.063  1.00 0.16  ? 60 PHE A HA   1 
ATOM 855  H HB2  . PHE A 1 53 ? -4.074  -1.802  -1.684  1.00 0.18  ? 60 PHE A HB2  1 
ATOM 856  H HB3  . PHE A 1 53 ? -5.588  -1.327  -0.914  1.00 0.17  ? 60 PHE A HB3  1 
ATOM 857  H HD1  . PHE A 1 53 ? -3.176  -4.154  -1.251  1.00 2.15  ? 60 PHE A HD1  1 
ATOM 858  H HD2  . PHE A 1 53 ? -6.338  -2.393  1.063   1.00 2.09  ? 60 PHE A HD2  1 
ATOM 859  H HE1  . PHE A 1 53 ? -2.781  -5.812  0.551   1.00 2.18  ? 60 PHE A HE1  1 
ATOM 860  H HE2  . PHE A 1 53 ? -5.942  -4.050  2.865   1.00 2.07  ? 60 PHE A HE2  1 
ATOM 861  H HZ   . PHE A 1 53 ? -4.164  -5.761  2.608   1.00 0.35  ? 60 PHE A HZ   1 
ATOM 862  N N    . ALA A 1 54 ? -7.163  -1.047  -3.410  1.00 0.17  ? 61 ALA A N    1 
ATOM 863  C CA   . ALA A 1 54 ? -7.481  0.007   -4.420  1.00 0.21  ? 61 ALA A CA   1 
ATOM 864  C C    . ALA A 1 54 ? -6.767  1.314   -4.064  1.00 0.18  ? 61 ALA A C    1 
ATOM 865  O O    . ALA A 1 54 ? -6.471  1.573   -2.912  1.00 0.17  ? 61 ALA A O    1 
ATOM 866  C CB   . ALA A 1 54 ? -8.997  0.185   -4.344  1.00 0.26  ? 61 ALA A CB   1 
ATOM 867  H H    . ALA A 1 54 ? -7.731  -1.151  -2.619  1.00 0.19  ? 61 ALA A H    1 
ATOM 868  H HA   . ALA A 1 54 ? -7.198  -0.320  -5.409  1.00 0.26  ? 61 ALA A HA   1 
ATOM 869  H HB1  . ALA A 1 54 ? -9.259  0.636   -3.398  1.00 1.08  ? 61 ALA A HB1  1 
ATOM 870  H HB2  . ALA A 1 54 ? -9.477  -0.779  -4.428  1.00 0.94  ? 61 ALA A HB2  1 
ATOM 871  H HB3  . ALA A 1 54 ? -9.326  0.824   -5.150  1.00 1.03  ? 61 ALA A HB3  1 
ATOM 872  N N    . GLU A 1 55 ? -6.413  2.094   -5.054  1.00 0.20  ? 62 GLU A N    1 
ATOM 873  C CA   . GLU A 1 55 ? -5.626  3.340   -4.790  1.00 0.20  ? 62 GLU A CA   1 
ATOM 874  C C    . GLU A 1 55 ? -6.407  4.280   -3.863  1.00 0.18  ? 62 GLU A C    1 
ATOM 875  O O    . GLU A 1 55 ? -5.836  4.949   -3.022  1.00 0.18  ? 62 GLU A O    1 
ATOM 876  C CB   . GLU A 1 55 ? -5.411  3.986   -6.165  1.00 0.25  ? 62 GLU A CB   1 
ATOM 877  C CG   . GLU A 1 55 ? -6.763  4.301   -6.819  1.00 0.26  ? 62 GLU A CG   1 
ATOM 878  C CD   . GLU A 1 55 ? -6.587  4.390   -8.335  1.00 0.96  ? 62 GLU A CD   1 
ATOM 879  O OE1  . GLU A 1 55 ? -5.965  5.338   -8.784  1.00 1.57  ? 62 GLU A OE1  1 
ATOM 880  O OE2  . GLU A 1 55 ? -7.078  3.509   -9.022  1.00 1.70  ? 62 GLU A OE2  1 
ATOM 881  H H    . GLU A 1 55 ? -6.611  1.827   -5.977  1.00 0.22  ? 62 GLU A H    1 
ATOM 882  H HA   . GLU A 1 55 ? -4.672  3.091   -4.350  1.00 0.20  ? 62 GLU A HA   1 
ATOM 883  H HB2  . GLU A 1 55 ? -4.850  4.902   -6.045  1.00 0.27  ? 62 GLU A HB2  1 
ATOM 884  H HB3  . GLU A 1 55 ? -4.858  3.308   -6.797  1.00 0.28  ? 62 GLU A HB3  1 
ATOM 885  H HG2  . GLU A 1 55 ? -7.468  3.517   -6.583  1.00 0.79  ? 62 GLU A HG2  1 
ATOM 886  H HG3  . GLU A 1 55 ? -7.132  5.242   -6.445  1.00 0.74  ? 62 GLU A HG3  1 
ATOM 887  N N    . ASP A 1 56 ? -7.704  4.345   -4.027  1.00 0.18  ? 63 ASP A N    1 
ATOM 888  C CA   . ASP A 1 56 ? -8.527  5.257   -3.170  1.00 0.19  ? 63 ASP A CA   1 
ATOM 889  C C    . ASP A 1 56 ? -8.424  4.846   -1.697  1.00 0.18  ? 63 ASP A C    1 
ATOM 890  O O    . ASP A 1 56 ? -8.594  5.658   -0.807  1.00 0.20  ? 63 ASP A O    1 
ATOM 891  C CB   . ASP A 1 56 ? -9.967  5.106   -3.677  1.00 0.23  ? 63 ASP A CB   1 
ATOM 892  C CG   . ASP A 1 56 ? -10.410 3.643   -3.572  1.00 0.23  ? 63 ASP A CG   1 
ATOM 893  O OD1  . ASP A 1 56 ? -9.788  2.810   -4.209  1.00 1.06  ? 63 ASP A OD1  1 
ATOM 894  O OD2  . ASP A 1 56 ? -11.364 3.383   -2.857  1.00 1.09  ? 63 ASP A OD2  1 
ATOM 895  H H    . ASP A 1 56 ? -8.134  3.804   -4.720  1.00 0.19  ? 63 ASP A H    1 
ATOM 896  H HA   . ASP A 1 56 ? -8.202  6.278   -3.295  1.00 0.21  ? 63 ASP A HA   1 
ATOM 897  H HB2  . ASP A 1 56 ? -10.623 5.723   -3.080  1.00 0.26  ? 63 ASP A HB2  1 
ATOM 898  H HB3  . ASP A 1 56 ? -10.020 5.421   -4.709  1.00 0.25  ? 63 ASP A HB3  1 
ATOM 899  N N    . GLU A 1 57 ? -8.140  3.593   -1.436  1.00 0.16  ? 64 GLU A N    1 
ATOM 900  C CA   . GLU A 1 57 ? -8.016  3.127   -0.022  1.00 0.18  ? 64 GLU A CA   1 
ATOM 901  C C    . GLU A 1 57 ? -6.546  3.120   0.410   1.00 0.15  ? 64 GLU A C    1 
ATOM 902  O O    . GLU A 1 57 ? -6.157  2.382   1.296   1.00 0.17  ? 64 GLU A O    1 
ATOM 903  C CB   . GLU A 1 57 ? -8.581  1.706   -0.022  1.00 0.21  ? 64 GLU A CB   1 
ATOM 904  C CG   . GLU A 1 57 ? -10.076 1.750   -0.344  1.00 0.28  ? 64 GLU A CG   1 
ATOM 905  C CD   . GLU A 1 57 ? -10.545 0.362   -0.783  1.00 0.32  ? 64 GLU A CD   1 
ATOM 906  O OE1  . GLU A 1 57 ? -9.774  -0.324  -1.434  1.00 0.36  ? 64 GLU A OE1  1 
ATOM 907  O OE2  . GLU A 1 57 ? -11.668 0.008   -0.462  1.00 0.88  ? 64 GLU A OE2  1 
ATOM 908  H H    . GLU A 1 57 ? -8.003  2.959   -2.171  1.00 0.16  ? 64 GLU A H    1 
ATOM 909  H HA   . GLU A 1 57 ? -8.598  3.754   0.634   1.00 0.21  ? 64 GLU A HA   1 
ATOM 910  H HB2  . GLU A 1 57 ? -8.068  1.116   -0.768  1.00 0.19  ? 64 GLU A HB2  1 
ATOM 911  H HB3  . GLU A 1 57 ? -8.436  1.261   0.951   1.00 0.30  ? 64 GLU A HB3  1 
ATOM 912  H HG2  . GLU A 1 57 ? -10.624 2.055   0.537   1.00 0.44  ? 64 GLU A HG2  1 
ATOM 913  H HG3  . GLU A 1 57 ? -10.253 2.456   -1.140  1.00 0.32  ? 64 GLU A HG3  1 
ATOM 914  N N    . LEU A 1 58 ? -5.740  3.968   -0.178  1.00 0.12  ? 65 LEU A N    1 
ATOM 915  C CA   . LEU A 1 58 ? -4.306  4.053   0.230   1.00 0.12  ? 65 LEU A CA   1 
ATOM 916  C C    . LEU A 1 58 ? -3.858  5.516   0.288   1.00 0.16  ? 65 LEU A C    1 
ATOM 917  O O    . LEU A 1 58 ? -4.176  6.304   -0.583  1.00 0.33  ? 65 LEU A O    1 
ATOM 918  C CB   . LEU A 1 58 ? -3.538  3.300   -0.856  1.00 0.14  ? 65 LEU A CB   1 
ATOM 919  C CG   . LEU A 1 58 ? -3.849  1.805   -0.761  1.00 0.16  ? 65 LEU A CG   1 
ATOM 920  C CD1  . LEU A 1 58 ? -3.199  1.072   -1.937  1.00 0.24  ? 65 LEU A CD1  1 
ATOM 921  C CD2  . LEU A 1 58 ? -3.291  1.251   0.553   1.00 0.20  ? 65 LEU A CD2  1 
ATOM 922  H H    . LEU A 1 58 ? -6.088  4.575   -0.864  1.00 0.13  ? 65 LEU A H    1 
ATOM 923  H HA   . LEU A 1 58 ? -4.157  3.575   1.186   1.00 0.14  ? 65 LEU A HA   1 
ATOM 924  H HB2  . LEU A 1 58 ? -3.836  3.669   -1.828  1.00 0.16  ? 65 LEU A HB2  1 
ATOM 925  H HB3  . LEU A 1 58 ? -2.478  3.454   -0.722  1.00 0.16  ? 65 LEU A HB3  1 
ATOM 926  H HG   . LEU A 1 58 ? -4.918  1.656   -0.792  1.00 0.15  ? 65 LEU A HG   1 
ATOM 927  H HD11 . LEU A 1 58 ? -3.806  0.223   -2.211  1.00 0.94  ? 65 LEU A HD11 1 
ATOM 928  H HD12 . LEU A 1 58 ? -2.214  0.735   -1.651  1.00 1.00  ? 65 LEU A HD12 1 
ATOM 929  H HD13 . LEU A 1 58 ? -3.119  1.745   -2.780  1.00 0.99  ? 65 LEU A HD13 1 
ATOM 930  H HD21 . LEU A 1 58 ? -4.017  1.392   1.339   1.00 1.04  ? 65 LEU A HD21 1 
ATOM 931  H HD22 . LEU A 1 58 ? -2.380  1.773   0.805   1.00 0.98  ? 65 LEU A HD22 1 
ATOM 932  H HD23 . LEU A 1 58 ? -3.083  0.198   0.439   1.00 1.00  ? 65 LEU A HD23 1 
ATOM 933  N N    . VAL A 1 59 ? -3.062  5.862   1.267   1.00 0.17  ? 66 VAL A N    1 
ATOM 934  C CA   . VAL A 1 59 ? -2.516  7.252   1.342   1.00 0.19  ? 66 VAL A CA   1 
ATOM 935  C C    . VAL A 1 59 ? -1.001  7.231   1.108   1.00 0.17  ? 66 VAL A C    1 
ATOM 936  O O    . VAL A 1 59 ? -0.305  6.356   1.586   1.00 0.23  ? 66 VAL A O    1 
ATOM 937  C CB   . VAL A 1 59 ? -2.840  7.735   2.761   1.00 0.23  ? 66 VAL A CB   1 
ATOM 938  C CG1  . VAL A 1 59 ? -2.329  9.166   2.948   1.00 0.28  ? 66 VAL A CG1  1 
ATOM 939  C CG2  . VAL A 1 59 ? -4.355  7.709   2.979   1.00 0.29  ? 66 VAL A CG2  1 
ATOM 940  H H    . VAL A 1 59 ? -2.780  5.192   1.925   1.00 0.29  ? 66 VAL A H    1 
ATOM 941  H HA   . VAL A 1 59 ? -3.000  7.886   0.617   1.00 0.23  ? 66 VAL A HA   1 
ATOM 942  H HB   . VAL A 1 59 ? -2.360  7.086   3.479   1.00 0.22  ? 66 VAL A HB   1 
ATOM 943  H HG11 . VAL A 1 59 ? -2.437  9.455   3.982   1.00 1.02  ? 66 VAL A HG11 1 
ATOM 944  H HG12 . VAL A 1 59 ? -2.902  9.837   2.325   1.00 0.94  ? 66 VAL A HG12 1 
ATOM 945  H HG13 . VAL A 1 59 ? -1.288  9.216   2.667   1.00 0.95  ? 66 VAL A HG13 1 
ATOM 946  H HG21 . VAL A 1 59 ? -4.843  8.262   2.189   1.00 1.07  ? 66 VAL A HG21 1 
ATOM 947  H HG22 . VAL A 1 59 ? -4.589  8.160   3.932   1.00 1.07  ? 66 VAL A HG22 1 
ATOM 948  H HG23 . VAL A 1 59 ? -4.703  6.686   2.970   1.00 1.03  ? 66 VAL A HG23 1 
ATOM 949  N N    . GLU A 1 60 ? -0.489  8.207   0.404   1.00 0.22  ? 67 GLU A N    1 
ATOM 950  C CA   . GLU A 1 60 ? 0.985   8.271   0.164   1.00 0.22  ? 67 GLU A CA   1 
ATOM 951  C C    . GLU A 1 60 ? 1.700   8.801   1.411   1.00 0.23  ? 67 GLU A C    1 
ATOM 952  O O    . GLU A 1 60 ? 1.482   9.923   1.830   1.00 0.34  ? 67 GLU A O    1 
ATOM 953  C CB   . GLU A 1 60 ? 1.158   9.241   -1.006  1.00 0.30  ? 67 GLU A CB   1 
ATOM 954  C CG   . GLU A 1 60 ? 2.297   8.759   -1.905  1.00 0.69  ? 67 GLU A CG   1 
ATOM 955  C CD   . GLU A 1 60 ? 2.959   9.960   -2.583  1.00 1.64  ? 67 GLU A CD   1 
ATOM 956  O OE1  . GLU A 1 60 ? 2.238   10.856  -2.990  1.00 2.35  ? 67 GLU A OE1  1 
ATOM 957  O OE2  . GLU A 1 60 ? 4.174   9.966   -2.681  1.00 2.35  ? 67 GLU A OE2  1 
ATOM 958  H H    . GLU A 1 60 ? -1.072  8.911   0.050   1.00 0.31  ? 67 GLU A H    1 
ATOM 959  H HA   . GLU A 1 60 ? 1.366   7.299   -0.104  1.00 0.22  ? 67 GLU A HA   1 
ATOM 960  H HB2  . GLU A 1 60 ? 0.241   9.283   -1.576  1.00 0.54  ? 67 GLU A HB2  1 
ATOM 961  H HB3  . GLU A 1 60 ? 1.393   10.225  -0.628  1.00 0.52  ? 67 GLU A HB3  1 
ATOM 962  H HG2  . GLU A 1 60 ? 3.030   8.233   -1.309  1.00 1.11  ? 67 GLU A HG2  1 
ATOM 963  H HG3  . GLU A 1 60 ? 1.905   8.094   -2.660  1.00 1.20  ? 67 GLU A HG3  1 
ATOM 964  N N    . VAL A 1 61 ? 2.543   7.998   2.008   1.00 0.25  ? 68 VAL A N    1 
ATOM 965  C CA   . VAL A 1 61 ? 3.269   8.442   3.236   1.00 0.30  ? 68 VAL A CA   1 
ATOM 966  C C    . VAL A 1 61 ? 4.742   8.019   3.165   1.00 0.43  ? 68 VAL A C    1 
ATOM 967  O O    . VAL A 1 61 ? 5.214   7.244   3.976   1.00 0.84  ? 68 VAL A O    1 
ATOM 968  C CB   . VAL A 1 61 ? 2.556   7.747   4.403   1.00 0.25  ? 68 VAL A CB   1 
ATOM 969  C CG1  . VAL A 1 61 ? 1.104   8.223   4.466   1.00 0.26  ? 68 VAL A CG1  1 
ATOM 970  C CG2  . VAL A 1 61 ? 2.584   6.225   4.206   1.00 0.31  ? 68 VAL A CG2  1 
ATOM 971  H H    . VAL A 1 61 ? 2.692   7.097   1.652   1.00 0.30  ? 68 VAL A H    1 
ATOM 972  H HA   . VAL A 1 61 ? 3.194   9.512   3.347   1.00 0.36  ? 68 VAL A HA   1 
ATOM 973  H HB   . VAL A 1 61 ? 3.054   8.001   5.327   1.00 0.30  ? 68 VAL A HB   1 
ATOM 974  H HG11 . VAL A 1 61 ? 0.720   8.078   5.464   1.00 1.07  ? 68 VAL A HG11 1 
ATOM 975  H HG12 . VAL A 1 61 ? 0.508   7.654   3.765   1.00 1.06  ? 68 VAL A HG12 1 
ATOM 976  H HG13 . VAL A 1 61 ? 1.057   9.271   4.210   1.00 0.95  ? 68 VAL A HG13 1 
ATOM 977  H HG21 . VAL A 1 61 ? 2.685   5.740   5.166   1.00 1.08  ? 68 VAL A HG21 1 
ATOM 978  H HG22 . VAL A 1 61 ? 3.419   5.955   3.578   1.00 1.05  ? 68 VAL A HG22 1 
ATOM 979  H HG23 . VAL A 1 61 ? 1.665   5.905   3.737   1.00 1.08  ? 68 VAL A HG23 1 
ATOM 980  N N    . GLU A 1 62 ? 5.466   8.526   2.200   1.00 0.67  ? 69 GLU A N    1 
ATOM 981  C CA   . GLU A 1 62 ? 6.908   8.162   2.066   1.00 0.81  ? 69 GLU A CA   1 
ATOM 982  C C    . GLU A 1 62 ? 7.764   9.039   2.985   1.00 1.49  ? 69 GLU A C    1 
ATOM 983  O O    . GLU A 1 62 ? 7.339   10.094  3.420   1.00 2.27  ? 69 GLU A O    1 
ATOM 984  C CB   . GLU A 1 62 ? 7.250   8.427   0.601   1.00 1.07  ? 69 GLU A CB   1 
ATOM 985  C CG   . GLU A 1 62 ? 8.380   7.494   0.162   1.00 1.09  ? 69 GLU A CG   1 
ATOM 986  C CD   . GLU A 1 62 ? 8.380   7.375   -1.363  1.00 1.86  ? 69 GLU A CD   1 
ATOM 987  O OE1  . GLU A 1 62 ? 8.778   8.328   -2.012  1.00 2.59  ? 69 GLU A OE1  1 
ATOM 988  O OE2  . GLU A 1 62 ? 7.982   6.332   -1.857  1.00 2.49  ? 69 GLU A OE2  1 
ATOM 989  H H    . GLU A 1 62 ? 5.059   9.148   1.561   1.00 1.01  ? 69 GLU A H    1 
ATOM 990  H HA   . GLU A 1 62 ? 7.057   7.119   2.297   1.00 1.02  ? 69 GLU A HA   1 
ATOM 991  H HB2  . GLU A 1 62 ? 6.377   8.249   -0.010  1.00 1.39  ? 69 GLU A HB2  1 
ATOM 992  H HB3  . GLU A 1 62 ? 7.568   9.453   0.484   1.00 1.54  ? 69 GLU A HB3  1 
ATOM 993  H HG2  . GLU A 1 62 ? 9.327   7.895   0.493   1.00 1.41  ? 69 GLU A HG2  1 
ATOM 994  H HG3  . GLU A 1 62 ? 8.229   6.517   0.597   1.00 1.51  ? 69 GLU A HG3  1 
ATOM 995  N N    . ALA A 1 63 ? 8.976   8.626   3.252   1.00 1.85  ? 70 ALA A N    1 
ATOM 996  C CA   . ALA A 1 63 ? 9.885   9.451   4.109   1.00 2.62  ? 70 ALA A CA   1 
ATOM 997  C C    . ALA A 1 63 ? 10.118  10.830  3.465   1.00 2.44  ? 70 ALA A C    1 
ATOM 998  O O    . ALA A 1 63 ? 10.755  10.918  2.434   1.00 2.23  ? 70 ALA A O    1 
ATOM 999  C CB   . ALA A 1 63 ? 11.198  8.667   4.170   1.00 3.42  ? 70 ALA A CB   1 
ATOM 1000 H H    . ALA A 1 63 ? 9.298   7.784   2.864   1.00 2.03  ? 70 ALA A H    1 
ATOM 1001 H HA   . ALA A 1 63 ? 9.474   9.554   5.099   1.00 3.21  ? 70 ALA A HA   1 
ATOM 1002 H HB1  . ALA A 1 63 ? 11.969  9.289   4.602   1.00 3.87  ? 70 ALA A HB1  1 
ATOM 1003 H HB2  . ALA A 1 63 ? 11.490  8.375   3.172   1.00 3.78  ? 70 ALA A HB2  1 
ATOM 1004 H HB3  . ALA A 1 63 ? 11.064  7.785   4.779   1.00 3.73  ? 70 ALA A HB3  1 
ATOM 1005 N N    . PRO A 1 64 ? 9.597   11.876  4.083   1.00 3.16  ? 71 PRO A N    1 
ATOM 1006 C CA   . PRO A 1 64 ? 9.772   13.251  3.530   1.00 3.51  ? 71 PRO A CA   1 
ATOM 1007 C C    . PRO A 1 64 ? 11.256  13.556  3.278   1.00 3.43  ? 71 PRO A C    1 
ATOM 1008 O O    . PRO A 1 64 ? 12.131  12.929  3.843   1.00 3.38  ? 71 PRO A O    1 
ATOM 1009 C CB   . PRO A 1 64 ? 9.221   14.156  4.629   1.00 4.40  ? 71 PRO A CB   1 
ATOM 1010 C CG   . PRO A 1 64 ? 8.266   13.297  5.390   1.00 4.81  ? 71 PRO A CG   1 
ATOM 1011 C CD   . PRO A 1 64 ? 8.805   11.893  5.328   1.00 4.11  ? 71 PRO A CD   1 
ATOM 1012 H HA   . PRO A 1 64 ? 9.198   13.375  2.627   1.00 3.71  ? 71 PRO A HA   1 
ATOM 1013 H HB2  . PRO A 1 64 ? 10.022  14.495  5.273   1.00 4.53  ? 71 PRO A HB2  1 
ATOM 1014 H HB3  . PRO A 1 64 ? 8.699   14.997  4.199   1.00 4.90  ? 71 PRO A HB3  1 
ATOM 1015 H HG2  . PRO A 1 64 ? 8.209   13.629  6.418   1.00 5.49  ? 71 PRO A HG2  1 
ATOM 1016 H HG3  . PRO A 1 64 ? 7.289   13.332  4.933   1.00 5.17  ? 71 PRO A HG3  1 
ATOM 1017 H HD2  . PRO A 1 64 ? 9.434   11.692  6.185   1.00 4.44  ? 71 PRO A HD2  1 
ATOM 1018 H HD3  . PRO A 1 64 ? 8.001   11.179  5.266   1.00 4.28  ? 71 PRO A HD3  1 
ATOM 1019 N N    . LYS A 1 65 ? 11.536  14.540  2.461   1.00 3.97  ? 72 LYS A N    1 
ATOM 1020 C CA   . LYS A 1 65 ? 12.956  14.923  2.201   1.00 4.47  ? 72 LYS A CA   1 
ATOM 1021 C C    . LYS A 1 65 ? 13.471  15.837  3.316   1.00 5.09  ? 72 LYS A C    1 
ATOM 1022 O O    . LYS A 1 65 ? 12.766  16.710  3.788   1.00 5.36  ? 72 LYS A O    1 
ATOM 1023 C CB   . LYS A 1 65 ? 12.927  15.669  0.866   1.00 4.96  ? 72 LYS A CB   1 
ATOM 1024 C CG   . LYS A 1 65 ? 14.262  15.477  0.141   1.00 5.39  ? 72 LYS A CG   1 
ATOM 1025 C CD   . LYS A 1 65 ? 14.142  14.320  -0.855  1.00 5.98  ? 72 LYS A CD   1 
ATOM 1026 C CE   . LYS A 1 65 ? 14.334  12.989  -0.124  1.00 6.50  ? 72 LYS A CE   1 
ATOM 1027 N NZ   . LYS A 1 65 ? 12.957  12.459  0.077   1.00 7.19  ? 72 LYS A NZ   1 
ATOM 1028 H H    . LYS A 1 65 ? 10.810  15.046  2.041   1.00 4.33  ? 72 LYS A H    1 
ATOM 1029 H HA   . LYS A 1 65 ? 13.575  14.044  2.118   1.00 4.51  ? 72 LYS A HA   1 
ATOM 1030 H HB2  . LYS A 1 65 ? 12.124  15.282  0.255   1.00 4.89  ? 72 LYS A HB2  1 
ATOM 1031 H HB3  . LYS A 1 65 ? 12.766  16.722  1.046   1.00 5.53  ? 72 LYS A HB3  1 
ATOM 1032 H HG2  . LYS A 1 65 ? 14.517  16.383  -0.388  1.00 5.72  ? 72 LYS A HG2  1 
ATOM 1033 H HG3  . LYS A 1 65 ? 15.034  15.249  0.861   1.00 5.38  ? 72 LYS A HG3  1 
ATOM 1034 H HD2  . LYS A 1 65 ? 13.164  14.341  -1.314  1.00 6.08  ? 72 LYS A HD2  1 
ATOM 1035 H HD3  . LYS A 1 65 ? 14.899  14.423  -1.618  1.00 6.32  ? 72 LYS A HD3  1 
ATOM 1036 H HE2  . LYS A 1 65 ? 14.916  12.309  -0.732  1.00 6.63  ? 72 LYS A HE2  1 
ATOM 1037 H HE3  . LYS A 1 65 ? 14.813  13.146  0.829   1.00 6.61  ? 72 LYS A HE3  1 
ATOM 1038 H HZ1  . LYS A 1 65 ? 12.562  12.162  -0.837  1.00 7.62  ? 72 LYS A HZ1  1 
ATOM 1039 H HZ2  . LYS A 1 65 ? 12.357  13.202  0.490   1.00 7.12  ? 72 LYS A HZ2  1 
ATOM 1040 H HZ3  . LYS A 1 65 ? 12.990  11.641  0.719   1.00 7.59  ? 72 LYS A HZ3  1 
ATOM 1041 N N    . ALA A 1 66 ? 14.701  15.656  3.721   1.00 5.65  ? 73 ALA A N    1 
ATOM 1042 C CA   . ALA A 1 66 ? 15.281  16.528  4.787   1.00 6.49  ? 73 ALA A CA   1 
ATOM 1043 C C    . ALA A 1 66 ? 15.953  17.754  4.162   1.00 6.96  ? 73 ALA A C    1 
ATOM 1044 O O    . ALA A 1 66 ? 17.074  18.094  4.495   1.00 7.04  ? 73 ALA A O    1 
ATOM 1045 C CB   . ALA A 1 66 ? 16.315  15.652  5.495   1.00 7.16  ? 73 ALA A CB   1 
ATOM 1046 H H    . ALA A 1 66 ? 15.252  14.956  3.311   1.00 5.73  ? 73 ALA A H    1 
ATOM 1047 H HA   . ALA A 1 66 ? 14.516  16.831  5.483   1.00 6.57  ? 73 ALA A HA   1 
ATOM 1048 H HB1  . ALA A 1 66 ? 15.810  14.874  6.048   1.00 7.38  ? 73 ALA A HB1  1 
ATOM 1049 H HB2  . ALA A 1 66 ? 16.895  16.258  6.176   1.00 7.64  ? 73 ALA A HB2  1 
ATOM 1050 H HB3  . ALA A 1 66 ? 16.971  15.206  4.763   1.00 7.24  ? 73 ALA A HB3  1 
ATOM 1051 N N    . LYS A 1 67 ? 15.259  18.441  3.290   1.00 7.55  ? 74 LYS A N    1 
ATOM 1052 C CA   . LYS A 1 67 ? 15.832  19.676  2.675   1.00 8.22  ? 74 LYS A CA   1 
ATOM 1053 C C    . LYS A 1 67 ? 14.736  20.455  1.929   1.00 8.63  ? 74 LYS A C    1 
ATOM 1054 O O    . LYS A 1 67 ? 14.615  20.342  0.725   1.00 8.87  ? 74 LYS A O    1 
ATOM 1055 C CB   . LYS A 1 67 ? 16.896  19.174  1.696   1.00 8.71  ? 74 LYS A CB   1 
ATOM 1056 C CG   . LYS A 1 67 ? 18.025  20.201  1.597   1.00 8.98  ? 74 LYS A CG   1 
ATOM 1057 C CD   . LYS A 1 67 ? 18.887  20.137  2.860   1.00 9.67  ? 74 LYS A CD   1 
ATOM 1058 C CE   . LYS A 1 67 ? 19.797  18.908  2.795   1.00 10.28 ? 74 LYS A CE   1 
ATOM 1059 N NZ   . LYS A 1 67 ? 19.882  18.418  4.200   1.00 10.98 ? 74 LYS A NZ   1 
ATOM 1060 H H    . LYS A 1 67 ? 14.348  18.162  3.064   1.00 7.71  ? 74 LYS A H    1 
ATOM 1061 H HA   . LYS A 1 67 ? 16.289  20.296  3.429   1.00 8.34  ? 74 LYS A HA   1 
ATOM 1062 H HB2  . LYS A 1 67 ? 17.293  18.233  2.049   1.00 8.68  ? 74 LYS A HB2  1 
ATOM 1063 H HB3  . LYS A 1 67 ? 16.452  19.036  0.722   1.00 9.16  ? 74 LYS A HB3  1 
ATOM 1064 H HG2  . LYS A 1 67 ? 18.635  19.983  0.733   1.00 9.00  ? 74 LYS A HG2  1 
ATOM 1065 H HG3  . LYS A 1 67 ? 17.605  21.191  1.502   1.00 8.93  ? 74 LYS A HG3  1 
ATOM 1066 H HD2  . LYS A 1 67 ? 19.491  21.029  2.929   1.00 10.03 ? 74 LYS A HD2  1 
ATOM 1067 H HD3  . LYS A 1 67 ? 18.250  20.065  3.728   1.00 9.62  ? 74 LYS A HD3  1 
ATOM 1068 H HE2  . LYS A 1 67 ? 19.362  18.153  2.155   1.00 10.11 ? 74 LYS A HE2  1 
ATOM 1069 H HE3  . LYS A 1 67 ? 20.778  19.184  2.440   1.00 10.60 ? 74 LYS A HE3  1 
ATOM 1070 H HZ1  . LYS A 1 67 ? 20.372  17.502  4.218   1.00 11.05 ? 74 LYS A HZ1  1 
ATOM 1071 H HZ2  . LYS A 1 67 ? 18.922  18.307  4.585   1.00 11.23 ? 74 LYS A HZ2  1 
ATOM 1072 H HZ3  . LYS A 1 67 ? 20.410  19.103  4.775   1.00 11.32 ? 74 LYS A HZ3  1 
ATOM 1073 N N    . PRO A 1 68 ? 13.960  21.228  2.666   1.00 8.96  ? 75 PRO A N    1 
ATOM 1074 C CA   . PRO A 1 68 ? 12.865  22.026  2.043   1.00 9.61  ? 75 PRO A CA   1 
ATOM 1075 C C    . PRO A 1 68 ? 13.398  22.881  0.887   1.00 9.99  ? 75 PRO A C    1 
ATOM 1076 O O    . PRO A 1 68 ? 13.027  22.694  -0.257  1.00 10.02 ? 75 PRO A O    1 
ATOM 1077 C CB   . PRO A 1 68 ? 12.375  22.916  3.184   1.00 10.08 ? 75 PRO A CB   1 
ATOM 1078 C CG   . PRO A 1 68 ? 12.748  22.183  4.431   1.00 9.72  ? 75 PRO A CG   1 
ATOM 1079 C CD   . PRO A 1 68 ? 14.016  21.432  4.125   1.00 9.04  ? 75 PRO A CD   1 
ATOM 1080 H HA   . PRO A 1 68 ? 12.067  21.384  1.708   1.00 9.70  ? 75 PRO A HA   1 
ATOM 1081 H HB2  . PRO A 1 68 ? 12.869  23.879  3.148   1.00 10.38 ? 75 PRO A HB2  1 
ATOM 1082 H HB3  . PRO A 1 68 ? 11.305  23.039  3.134   1.00 10.55 ? 75 PRO A HB3  1 
ATOM 1083 H HG2  . PRO A 1 68 ? 12.915  22.885  5.236   1.00 10.09 ? 75 PRO A HG2  1 
ATOM 1084 H HG3  . PRO A 1 68 ? 11.969  21.488  4.699   1.00 9.76  ? 75 PRO A HG3  1 
ATOM 1085 H HD2  . PRO A 1 68 ? 14.881  22.022  4.396   1.00 9.16  ? 75 PRO A HD2  1 
ATOM 1086 H HD3  . PRO A 1 68 ? 14.027  20.481  4.633   1.00 8.75  ? 75 PRO A HD3  1 
ATOM 1087 N N    . LYS A 1 69 ? 14.282  23.802  1.177   1.00 10.48 ? 76 LYS A N    1 
ATOM 1088 C CA   . LYS A 1 69 ? 14.865  24.657  0.100   1.00 11.06 ? 76 LYS A CA   1 
ATOM 1089 C C    . LYS A 1 69 ? 16.081  25.421  0.630   1.00 11.49 ? 76 LYS A C    1 
ATOM 1090 O O    . LYS A 1 69 ? 15.987  26.163  1.590   1.00 11.78 ? 76 LYS A O    1 
ATOM 1091 C CB   . LYS A 1 69 ? 13.747  25.627  -0.284  1.00 11.56 ? 76 LYS A CB   1 
ATOM 1092 C CG   . LYS A 1 69 ? 14.036  26.218  -1.666  1.00 12.01 ? 76 LYS A CG   1 
ATOM 1093 C CD   . LYS A 1 69 ? 13.726  25.176  -2.741  1.00 12.53 ? 76 LYS A CD   1 
ATOM 1094 C CE   . LYS A 1 69 ? 14.682  25.360  -3.922  1.00 13.08 ? 76 LYS A CE   1 
ATOM 1095 N NZ   . LYS A 1 69 ? 15.799  24.410  -3.664  1.00 13.80 ? 76 LYS A NZ   1 
ATOM 1096 H H    . LYS A 1 69 ? 14.576  23.920  2.105   1.00 10.60 ? 76 LYS A H    1 
ATOM 1097 H HA   . LYS A 1 69 ? 15.139  24.055  -0.752  1.00 11.05 ? 76 LYS A HA   1 
ATOM 1098 H HB2  . LYS A 1 69 ? 12.805  25.099  -0.306  1.00 11.62 ? 76 LYS A HB2  1 
ATOM 1099 H HB3  . LYS A 1 69 ? 13.698  26.424  0.442   1.00 11.76 ? 76 LYS A HB3  1 
ATOM 1100 H HG2  . LYS A 1 69 ? 13.417  27.091  -1.819  1.00 12.11 ? 76 LYS A HG2  1 
ATOM 1101 H HG3  . LYS A 1 69 ? 15.076  26.498  -1.728  1.00 12.07 ? 76 LYS A HG3  1 
ATOM 1102 H HD2  . LYS A 1 69 ? 13.850  24.184  -2.329  1.00 12.67 ? 76 LYS A HD2  1 
ATOM 1103 H HD3  . LYS A 1 69 ? 12.709  25.301  -3.081  1.00 12.58 ? 76 LYS A HD3  1 
ATOM 1104 H HE2  . LYS A 1 69 ? 14.183  25.114  -4.850  1.00 13.02 ? 76 LYS A HE2  1 
ATOM 1105 H HE3  . LYS A 1 69 ? 15.055  26.372  -3.950  1.00 13.18 ? 76 LYS A HE3  1 
ATOM 1106 H HZ1  . LYS A 1 69 ? 15.463  23.436  -3.789  1.00 13.98 ? 76 LYS A HZ1  1 
ATOM 1107 H HZ2  . LYS A 1 69 ? 16.143  24.538  -2.690  1.00 14.10 ? 76 LYS A HZ2  1 
ATOM 1108 H HZ3  . LYS A 1 69 ? 16.575  24.596  -4.333  1.00 13.96 ? 76 LYS A HZ3  1 
ATOM 1109 N N    . LYS A 1 70 ? 17.219  25.249  0.005   1.00 11.74 ? 77 LYS A N    1 
ATOM 1110 C CA   . LYS A 1 70 ? 18.446  25.969  0.458   1.00 12.40 ? 77 LYS A CA   1 
ATOM 1111 C C    . LYS A 1 70 ? 18.483  27.379  -0.139  1.00 12.83 ? 77 LYS A C    1 
ATOM 1112 O O    . LYS A 1 70 ? 19.101  28.241  0.465   1.00 12.93 ? 77 LYS A O    1 
ATOM 1113 C CB   . LYS A 1 70 ? 19.613  25.133  -0.067  1.00 12.65 ? 77 LYS A CB   1 
ATOM 1114 C CG   . LYS A 1 70 ? 19.570  23.740  0.564   1.00 12.70 ? 77 LYS A CG   1 
ATOM 1115 C CD   . LYS A 1 70 ? 20.854  22.983  0.222   1.00 13.15 ? 77 LYS A CD   1 
ATOM 1116 C CE   . LYS A 1 70 ? 20.544  21.493  0.062   1.00 13.61 ? 77 LYS A CE   1 
ATOM 1117 N NZ   . LYS A 1 70 ? 21.598  20.977  -0.855  1.00 14.16 ? 77 LYS A NZ   1 
ATOM 1118 O OXT  . LYS A 1 70 ? 17.895  27.571  -1.189  1.00 13.22 ? 77 LYS A OXT  1 
ATOM 1119 H H    . LYS A 1 70 ? 17.263  24.651  -0.770  1.00 11.64 ? 77 LYS A H    1 
ATOM 1120 H HA   . LYS A 1 70 ? 18.480  26.014  1.535   1.00 12.58 ? 77 LYS A HA   1 
ATOM 1121 H HB2  . LYS A 1 70 ? 19.538  25.046  -1.141  1.00 12.91 ? 77 LYS A HB2  1 
ATOM 1122 H HB3  . LYS A 1 70 ? 20.546  25.613  0.190   1.00 12.74 ? 77 LYS A HB3  1 
ATOM 1123 H HG2  . LYS A 1 70 ? 19.479  23.834  1.636   1.00 12.57 ? 77 LYS A HG2  1 
ATOM 1124 H HG3  . LYS A 1 70 ? 18.720  23.196  0.177   1.00 12.75 ? 77 LYS A HG3  1 
ATOM 1125 H HD2  . LYS A 1 70 ? 21.264  23.368  -0.701  1.00 13.33 ? 77 LYS A HD2  1 
ATOM 1126 H HD3  . LYS A 1 70 ? 21.572  23.116  1.017   1.00 13.15 ? 77 LYS A HD3  1 
ATOM 1127 H HE2  . LYS A 1 70 ? 20.598  20.995  1.020   1.00 13.63 ? 77 LYS A HE2  1 
ATOM 1128 H HE3  . LYS A 1 70 ? 19.570  21.356  -0.381  1.00 13.68 ? 77 LYS A HE3  1 
ATOM 1129 H HZ1  . LYS A 1 70 ? 22.536  21.210  -0.472  1.00 14.41 ? 77 LYS A HZ1  1 
ATOM 1130 H HZ2  . LYS A 1 70 ? 21.487  21.416  -1.792  1.00 14.07 ? 77 LYS A HZ2  1 
ATOM 1131 H HZ3  . LYS A 1 70 ? 21.508  19.946  -0.943  1.00 14.52 ? 77 LYS A HZ3  1 
# 
